data_7T12
#
_entry.id   7T12
#
_cell.length_a   87.200
_cell.length_b   151.730
_cell.length_c   120.420
_cell.angle_alpha   90.000
_cell.angle_beta   105.030
_cell.angle_gamma   90.000
#
_symmetry.space_group_name_H-M   'P 1 21 1'
#
_entity_poly.entity_id   1
_entity_poly.type   'polypeptide(L)'
_entity_poly.pdbx_seq_one_letter_code
;PIVTNAQGQMIHQCISPRTLNAWVKAVEEKAFNPEIIPMFMALSCGAVPYDINTMLNAIGGHQGALQVLKEVINEEAAEW
DRTHPPAMGPLPPGQIREPTGSDIAGTTSTQQEQIIWTTRGANSIPVGDIYRKWIVLGLNKMVKMYSPVSILDIRQGPKE
PFRDYVDRFYKTLRAEQATQEVKNAATETLLVQNSNPDCKQILKALGPGATLEEMMVACQGVGGPTHKAKIL
;
_entity_poly.pdbx_strand_id   A,B,C,D,E,F,G,H,I,J,K,L
#
# COMPACT_ATOMS: atom_id res chain seq x y z
N PRO A 1 -7.08 -15.55 6.70
CA PRO A 1 -6.55 -15.50 5.34
C PRO A 1 -5.35 -14.57 5.23
N ILE A 2 -4.87 -14.37 4.01
CA ILE A 2 -3.76 -13.48 3.75
C ILE A 2 -4.30 -12.23 3.09
N VAL A 3 -3.76 -11.07 3.49
CA VAL A 3 -4.15 -9.79 2.93
C VAL A 3 -2.90 -8.92 2.81
N THR A 4 -3.02 -7.85 2.04
CA THR A 4 -1.96 -6.87 1.89
C THR A 4 -2.30 -5.63 2.71
N ASN A 5 -1.35 -5.19 3.53
CA ASN A 5 -1.54 -4.00 4.34
C ASN A 5 -1.40 -2.76 3.45
N ALA A 6 -1.43 -1.58 4.06
CA ALA A 6 -1.28 -0.36 3.28
C ALA A 6 0.05 -0.32 2.54
N GLN A 7 1.09 -0.94 3.10
CA GLN A 7 2.41 -0.96 2.47
C GLN A 7 2.55 -2.04 1.40
N GLY A 8 1.59 -2.94 1.26
CA GLY A 8 1.68 -3.98 0.26
C GLY A 8 2.34 -5.28 0.67
N GLN A 9 2.53 -5.52 1.96
CA GLN A 9 3.14 -6.75 2.42
C GLN A 9 2.07 -7.80 2.73
N MET A 10 2.46 -9.07 2.66
CA MET A 10 1.54 -10.16 2.94
C MET A 10 1.50 -10.38 4.44
N ILE A 11 0.35 -10.10 5.05
CA ILE A 11 0.16 -10.19 6.50
C ILE A 11 -1.06 -11.04 6.78
N HIS A 12 -1.14 -11.54 8.01
CA HIS A 12 -2.23 -12.41 8.38
C HIS A 12 -3.50 -11.59 8.64
N GLN A 13 -4.63 -12.13 8.18
CA GLN A 13 -5.94 -11.55 8.39
C GLN A 13 -6.75 -12.44 9.29
N CYS A 14 -7.33 -11.85 10.33
CA CYS A 14 -8.06 -12.64 11.31
C CYS A 14 -9.34 -13.15 10.66
N ILE A 15 -9.70 -14.40 10.96
CA ILE A 15 -10.94 -14.93 10.40
C ILE A 15 -12.11 -14.13 10.97
N SER A 16 -13.09 -13.84 10.13
CA SER A 16 -14.12 -12.90 10.56
C SER A 16 -15.11 -13.57 11.51
N PRO A 17 -15.64 -12.82 12.48
CA PRO A 17 -16.68 -13.37 13.35
C PRO A 17 -17.89 -13.87 12.57
N ARG A 18 -18.22 -13.23 11.46
CA ARG A 18 -19.32 -13.70 10.63
C ARG A 18 -19.06 -15.11 10.11
N THR A 19 -17.91 -15.30 9.45
CA THR A 19 -17.58 -16.61 8.89
C THR A 19 -17.50 -17.68 9.97
N LEU A 20 -16.89 -17.34 11.12
CA LEU A 20 -16.73 -18.33 12.18
C LEU A 20 -18.08 -18.81 12.70
N ASN A 21 -19.00 -17.88 12.96
CA ASN A 21 -20.33 -18.27 13.44
C ASN A 21 -21.13 -19.01 12.38
N ALA A 22 -20.98 -18.63 11.11
CA ALA A 22 -21.64 -19.37 10.03
C ALA A 22 -21.22 -20.83 10.05
N TRP A 23 -19.92 -21.10 10.27
CA TRP A 23 -19.44 -22.47 10.40
C TRP A 23 -19.96 -23.14 11.66
N VAL A 24 -19.99 -22.41 12.78
CA VAL A 24 -20.52 -22.97 14.01
C VAL A 24 -21.98 -23.35 13.84
N LYS A 25 -22.77 -22.44 13.28
CA LYS A 25 -24.19 -22.74 13.04
C LYS A 25 -24.35 -23.91 12.07
N ALA A 26 -23.49 -23.99 11.05
CA ALA A 26 -23.60 -25.05 10.06
C ALA A 26 -23.47 -26.43 10.71
N VAL A 27 -22.48 -26.59 11.61
CA VAL A 27 -22.28 -27.88 12.26
C VAL A 27 -23.44 -28.18 13.21
N GLU A 28 -24.01 -27.16 13.84
CA GLU A 28 -25.15 -27.37 14.73
C GLU A 28 -26.37 -27.83 13.94
N GLU A 29 -26.60 -27.23 12.79
CA GLU A 29 -27.81 -27.43 11.99
C GLU A 29 -27.69 -28.60 11.03
N LYS A 30 -26.57 -28.68 10.32
CA LYS A 30 -26.43 -29.66 9.24
C LYS A 30 -25.76 -30.95 9.71
N ALA A 31 -25.57 -31.12 11.02
CA ALA A 31 -24.92 -32.30 11.59
C ALA A 31 -23.71 -32.71 10.76
N PHE A 32 -23.78 -33.90 10.16
CA PHE A 32 -22.82 -34.34 9.16
C PHE A 32 -23.54 -34.84 7.92
N ASN A 33 -24.62 -34.14 7.55
CA ASN A 33 -25.24 -34.31 6.26
C ASN A 33 -24.23 -33.97 5.16
N PRO A 34 -24.43 -34.48 3.94
CA PRO A 34 -23.42 -34.26 2.89
C PRO A 34 -23.09 -32.80 2.62
N GLU A 35 -24.07 -31.89 2.78
CA GLU A 35 -23.82 -30.48 2.47
C GLU A 35 -22.89 -29.79 3.46
N ILE A 36 -22.39 -30.49 4.48
CA ILE A 36 -21.40 -29.85 5.35
C ILE A 36 -20.06 -29.72 4.64
N ILE A 37 -19.81 -30.55 3.62
CA ILE A 37 -18.54 -30.45 2.88
C ILE A 37 -18.45 -29.12 2.12
N PRO A 38 -19.46 -28.70 1.34
CA PRO A 38 -19.36 -27.38 0.70
C PRO A 38 -19.34 -26.24 1.68
N MET A 39 -20.08 -26.35 2.80
CA MET A 39 -20.04 -25.31 3.82
C MET A 39 -18.62 -25.10 4.32
N PHE A 40 -17.92 -26.18 4.64
CA PHE A 40 -16.53 -26.06 5.09
C PHE A 40 -15.65 -25.45 4.00
N MET A 41 -15.74 -25.96 2.78
CA MET A 41 -14.88 -25.46 1.71
C MET A 41 -15.16 -23.99 1.41
N ALA A 42 -16.43 -23.59 1.48
CA ALA A 42 -16.75 -22.19 1.21
C ALA A 42 -16.30 -21.29 2.35
N LEU A 43 -16.56 -21.71 3.59
CA LEU A 43 -16.25 -20.88 4.75
C LEU A 43 -14.75 -20.88 5.06
N SER A 44 -14.03 -21.93 4.67
CA SER A 44 -12.59 -21.98 4.86
C SER A 44 -11.83 -21.51 3.63
N CYS A 45 -12.51 -20.84 2.70
CA CYS A 45 -11.89 -20.42 1.46
C CYS A 45 -10.86 -19.33 1.73
N GLY A 46 -9.64 -19.52 1.23
CA GLY A 46 -8.57 -18.57 1.45
C GLY A 46 -7.92 -18.66 2.81
N ALA A 47 -8.24 -19.68 3.60
CA ALA A 47 -7.74 -19.79 4.97
C ALA A 47 -6.39 -20.48 5.02
N VAL A 48 -5.54 -20.02 5.94
CA VAL A 48 -4.28 -20.68 6.26
C VAL A 48 -4.57 -21.74 7.32
N PRO A 49 -3.68 -22.71 7.56
CA PRO A 49 -3.95 -23.73 8.58
C PRO A 49 -4.29 -23.16 9.95
N TYR A 50 -3.68 -22.03 10.34
CA TYR A 50 -4.05 -21.40 11.60
C TYR A 50 -5.54 -21.07 11.64
N ASP A 51 -6.07 -20.52 10.54
CA ASP A 51 -7.49 -20.18 10.48
C ASP A 51 -8.35 -21.43 10.55
N ILE A 52 -7.92 -22.50 9.88
CA ILE A 52 -8.74 -23.70 9.78
C ILE A 52 -8.89 -24.37 11.15
N ASN A 53 -7.81 -24.39 11.93
CA ASN A 53 -7.88 -24.96 13.27
C ASN A 53 -8.86 -24.19 14.15
N THR A 54 -8.91 -22.86 13.98
CA THR A 54 -9.91 -22.07 14.71
C THR A 54 -11.32 -22.54 14.41
N MET A 55 -11.59 -22.86 13.15
CA MET A 55 -12.90 -23.38 12.77
C MET A 55 -13.17 -24.72 13.44
N LEU A 56 -12.23 -25.66 13.34
CA LEU A 56 -12.43 -26.98 13.92
C LEU A 56 -12.55 -26.91 15.43
N ASN A 57 -11.71 -26.11 16.08
CA ASN A 57 -11.73 -26.02 17.54
C ASN A 57 -12.97 -25.29 18.07
N ALA A 58 -13.61 -24.46 17.24
CA ALA A 58 -14.80 -23.73 17.66
C ALA A 58 -16.03 -24.60 17.73
N ILE A 59 -16.00 -25.79 17.14
CA ILE A 59 -17.13 -26.71 17.20
C ILE A 59 -17.32 -27.16 18.65
N GLY A 60 -18.56 -27.13 19.12
CA GLY A 60 -18.83 -27.43 20.51
C GLY A 60 -18.99 -28.91 20.80
N GLY A 61 -19.91 -29.56 20.10
CA GLY A 61 -20.10 -30.99 20.21
C GLY A 61 -19.24 -31.76 19.23
N HIS A 62 -19.67 -32.99 18.95
CA HIS A 62 -19.07 -33.83 17.91
C HIS A 62 -17.58 -34.05 18.14
N GLN A 63 -17.19 -34.18 19.40
CA GLN A 63 -15.76 -34.33 19.72
C GLN A 63 -15.22 -35.70 19.29
N GLY A 64 -16.08 -36.71 19.21
CA GLY A 64 -15.67 -37.97 18.61
C GLY A 64 -15.37 -37.81 17.12
N ALA A 65 -16.15 -36.98 16.44
CA ALA A 65 -15.91 -36.71 15.03
C ALA A 65 -14.56 -36.04 14.81
N LEU A 66 -14.26 -35.01 15.62
CA LEU A 66 -12.96 -34.33 15.50
C LEU A 66 -11.80 -35.29 15.75
N GLN A 67 -12.00 -36.30 16.60
CA GLN A 67 -10.94 -37.28 16.79
C GLN A 67 -10.74 -38.13 15.56
N VAL A 68 -11.81 -38.42 14.82
CA VAL A 68 -11.67 -39.09 13.53
C VAL A 68 -10.93 -38.18 12.56
N LEU A 69 -11.26 -36.89 12.56
CA LEU A 69 -10.52 -35.94 11.72
C LEU A 69 -9.05 -35.88 12.10
N LYS A 70 -8.74 -35.83 13.40
CA LYS A 70 -7.34 -35.74 13.82
C LYS A 70 -6.57 -37.01 13.48
N GLU A 71 -7.22 -38.18 13.52
CA GLU A 71 -6.55 -39.38 13.04
C GLU A 71 -6.27 -39.28 11.54
N VAL A 72 -7.26 -38.84 10.77
CA VAL A 72 -7.08 -38.73 9.32
C VAL A 72 -5.99 -37.72 9.00
N ILE A 73 -5.93 -36.62 9.75
CA ILE A 73 -4.90 -35.61 9.51
C ILE A 73 -3.52 -36.20 9.77
N ASN A 74 -3.38 -36.99 10.84
CA ASN A 74 -2.11 -37.64 11.11
C ASN A 74 -1.75 -38.66 10.04
N GLU A 75 -2.75 -39.40 9.54
CA GLU A 75 -2.52 -40.36 8.46
C GLU A 75 -2.01 -39.64 7.22
N GLU A 76 -2.66 -38.54 6.85
CA GLU A 76 -2.21 -37.77 5.69
C GLU A 76 -0.89 -37.07 5.96
N ALA A 77 -0.66 -36.63 7.20
CA ALA A 77 0.60 -36.00 7.55
C ALA A 77 1.76 -36.97 7.41
N ALA A 78 1.54 -38.24 7.78
CA ALA A 78 2.58 -39.25 7.62
C ALA A 78 2.90 -39.48 6.14
N GLU A 79 1.86 -39.60 5.31
CA GLU A 79 2.07 -39.76 3.88
C GLU A 79 2.82 -38.56 3.29
N TRP A 80 2.54 -37.36 3.79
CA TRP A 80 3.27 -36.18 3.32
C TRP A 80 4.76 -36.29 3.65
N ASP A 81 5.07 -36.52 4.93
CA ASP A 81 6.47 -36.61 5.37
C ASP A 81 7.21 -37.73 4.64
N ARG A 82 6.53 -38.83 4.32
CA ARG A 82 7.17 -39.93 3.63
C ARG A 82 7.64 -39.51 2.25
N THR A 83 6.83 -38.72 1.54
CA THR A 83 7.17 -38.27 0.19
C THR A 83 7.81 -36.89 0.18
N HIS A 84 8.16 -36.34 1.34
CA HIS A 84 8.80 -35.03 1.43
C HIS A 84 9.79 -35.02 2.59
N PRO A 85 10.94 -35.68 2.43
CA PRO A 85 11.94 -35.75 3.50
C PRO A 85 12.52 -34.38 3.85
N ILE A 96 12.45 -19.72 5.58
CA ILE A 96 11.83 -20.76 6.39
C ILE A 96 12.29 -22.14 5.94
N ARG A 97 12.15 -23.09 6.87
CA ARG A 97 12.36 -24.50 6.58
C ARG A 97 11.33 -24.99 5.58
N GLU A 98 11.57 -26.19 5.05
CA GLU A 98 10.56 -26.76 4.18
C GLU A 98 9.51 -27.47 5.05
N PRO A 99 8.23 -27.30 4.74
CA PRO A 99 7.18 -27.68 5.71
C PRO A 99 7.03 -29.19 5.84
N THR A 100 6.98 -29.64 7.09
CA THR A 100 6.73 -31.04 7.42
C THR A 100 5.23 -31.31 7.41
N GLY A 101 4.86 -32.57 7.67
CA GLY A 101 3.45 -32.92 7.76
C GLY A 101 2.72 -32.16 8.85
N SER A 102 3.35 -32.01 10.01
CA SER A 102 2.73 -31.29 11.12
C SER A 102 2.67 -29.79 10.86
N ASP A 103 3.52 -29.26 9.99
CA ASP A 103 3.46 -27.84 9.65
C ASP A 103 2.19 -27.51 8.87
N ILE A 104 1.74 -28.43 8.01
CA ILE A 104 0.52 -28.18 7.25
C ILE A 104 -0.71 -28.24 8.15
N ALA A 105 -0.67 -29.07 9.19
CA ALA A 105 -1.76 -29.09 10.15
C ALA A 105 -1.75 -27.89 11.10
N GLY A 106 -0.78 -26.99 10.96
CA GLY A 106 -0.71 -25.81 11.80
C GLY A 106 -0.32 -26.07 13.24
N THR A 107 0.13 -27.27 13.57
CA THR A 107 0.49 -27.61 14.94
C THR A 107 1.92 -27.25 15.28
N THR A 108 2.82 -27.25 14.29
CA THR A 108 4.23 -26.92 14.51
C THR A 108 4.71 -25.75 13.67
N SER A 109 3.79 -25.02 13.03
CA SER A 109 4.13 -23.88 12.21
C SER A 109 3.33 -22.67 12.66
N THR A 110 3.89 -21.49 12.44
CA THR A 110 3.25 -20.24 12.85
C THR A 110 2.46 -19.65 11.68
N GLN A 111 1.62 -18.66 12.02
CA GLN A 111 0.84 -17.94 11.01
C GLN A 111 1.75 -17.41 9.92
N GLN A 112 2.84 -16.74 10.33
CA GLN A 112 3.75 -16.10 9.38
C GLN A 112 4.43 -17.13 8.49
N GLU A 113 4.90 -18.23 9.09
CA GLU A 113 5.54 -19.30 8.31
C GLU A 113 4.58 -19.85 7.26
N GLN A 114 3.31 -20.02 7.62
CA GLN A 114 2.32 -20.54 6.69
C GLN A 114 2.11 -19.58 5.53
N ILE A 115 2.20 -18.27 5.78
CA ILE A 115 2.04 -17.28 4.72
C ILE A 115 3.25 -17.30 3.79
N ILE A 116 4.44 -17.48 4.35
CA ILE A 116 5.65 -17.53 3.54
C ILE A 116 5.58 -18.69 2.55
N TRP A 117 5.11 -19.84 3.01
CA TRP A 117 4.99 -21.02 2.15
C TRP A 117 3.99 -20.79 1.02
N THR A 118 2.84 -20.18 1.33
CA THR A 118 1.77 -20.03 0.36
C THR A 118 2.09 -18.95 -0.69
N THR A 119 2.90 -17.97 -0.33
CA THR A 119 3.09 -16.78 -1.16
C THR A 119 4.42 -16.75 -1.90
N ARG A 120 5.23 -17.81 -1.81
CA ARG A 120 6.49 -17.86 -2.53
C ARG A 120 6.32 -17.56 -4.01
N SER A 124 6.20 -22.49 -3.91
CA SER A 124 4.90 -22.15 -3.36
C SER A 124 4.08 -23.40 -3.07
N ILE A 125 3.88 -23.68 -1.79
CA ILE A 125 3.13 -24.85 -1.32
C ILE A 125 1.83 -24.35 -0.71
N PRO A 126 0.67 -24.66 -1.28
CA PRO A 126 -0.60 -24.17 -0.70
C PRO A 126 -1.02 -24.97 0.53
N VAL A 127 -0.40 -24.62 1.67
CA VAL A 127 -0.64 -25.36 2.89
C VAL A 127 -2.10 -25.24 3.32
N GLY A 128 -2.73 -24.10 3.03
CA GLY A 128 -4.15 -23.96 3.34
C GLY A 128 -5.00 -24.95 2.55
N ASP A 129 -4.79 -25.02 1.24
CA ASP A 129 -5.59 -25.91 0.41
C ASP A 129 -5.28 -27.37 0.71
N ILE A 130 -4.01 -27.68 1.00
CA ILE A 130 -3.64 -29.05 1.32
C ILE A 130 -4.32 -29.51 2.59
N TYR A 131 -4.30 -28.66 3.62
CA TYR A 131 -4.90 -29.03 4.91
C TYR A 131 -6.42 -29.13 4.79
N ARG A 132 -7.03 -28.31 3.94
CA ARG A 132 -8.45 -28.45 3.63
C ARG A 132 -8.75 -29.77 2.93
N LYS A 133 -7.85 -30.19 2.04
CA LYS A 133 -8.03 -31.48 1.36
C LYS A 133 -8.01 -32.62 2.36
N TRP A 134 -7.15 -32.54 3.38
CA TRP A 134 -7.09 -33.58 4.41
C TRP A 134 -8.35 -33.62 5.27
N ILE A 135 -8.91 -32.46 5.59
CA ILE A 135 -10.06 -32.40 6.47
C ILE A 135 -11.32 -32.85 5.75
N VAL A 136 -11.43 -32.53 4.45
CA VAL A 136 -12.54 -33.06 3.66
C VAL A 136 -12.52 -34.58 3.66
N LEU A 137 -11.33 -35.19 3.70
CA LEU A 137 -11.25 -36.65 3.81
C LEU A 137 -11.85 -37.14 5.11
N GLY A 138 -11.57 -36.46 6.22
CA GLY A 138 -12.15 -36.88 7.49
C GLY A 138 -13.65 -36.60 7.57
N LEU A 139 -14.09 -35.46 7.04
CA LEU A 139 -15.51 -35.14 7.04
C LEU A 139 -16.30 -36.12 6.16
N ASN A 140 -15.71 -36.55 5.04
CA ASN A 140 -16.38 -37.55 4.22
C ASN A 140 -16.57 -38.86 4.97
N LYS A 141 -15.58 -39.26 5.77
CA LYS A 141 -15.72 -40.44 6.60
C LYS A 141 -16.87 -40.28 7.59
N MET A 142 -17.08 -39.05 8.08
CA MET A 142 -18.17 -38.82 9.02
C MET A 142 -19.52 -38.78 8.31
N VAL A 143 -19.57 -38.25 7.08
CA VAL A 143 -20.82 -38.21 6.34
C VAL A 143 -21.31 -39.62 6.04
N LYS A 144 -20.40 -40.49 5.60
CA LYS A 144 -20.75 -41.90 5.40
C LYS A 144 -21.21 -42.56 6.68
N MET A 145 -20.63 -42.15 7.82
CA MET A 145 -20.91 -42.82 9.09
C MET A 145 -22.27 -42.44 9.64
N TYR A 146 -22.62 -41.15 9.62
CA TYR A 146 -23.95 -40.74 10.07
C TYR A 146 -25.04 -41.01 9.05
N SER A 147 -24.73 -41.65 7.93
CA SER A 147 -25.74 -42.05 6.96
C SER A 147 -26.54 -43.21 7.52
N PRO A 148 -27.83 -43.04 7.84
CA PRO A 148 -28.57 -44.11 8.52
C PRO A 148 -28.88 -45.30 7.62
N VAL A 149 -29.53 -45.05 6.49
CA VAL A 149 -30.07 -46.09 5.63
C VAL A 149 -29.08 -46.42 4.52
N SER A 150 -29.09 -47.69 4.10
CA SER A 150 -28.36 -48.13 2.92
C SER A 150 -29.18 -47.92 1.65
N ILE A 151 -28.51 -47.80 0.51
CA ILE A 151 -29.22 -47.57 -0.75
C ILE A 151 -30.08 -48.77 -1.10
N LEU A 152 -29.76 -49.95 -0.55
CA LEU A 152 -30.51 -51.15 -0.89
C LEU A 152 -31.91 -51.10 -0.30
N ASP A 153 -32.08 -50.47 0.86
CA ASP A 153 -33.37 -50.37 1.52
C ASP A 153 -34.16 -49.12 1.13
N ILE A 154 -33.83 -48.50 0.00
CA ILE A 154 -34.60 -47.38 -0.52
C ILE A 154 -35.48 -47.93 -1.65
N ARG A 155 -36.71 -48.26 -1.31
CA ARG A 155 -37.67 -48.80 -2.26
C ARG A 155 -38.88 -47.88 -2.33
N GLN A 156 -39.39 -47.70 -3.55
CA GLN A 156 -40.53 -46.81 -3.75
C GLN A 156 -41.76 -47.36 -3.04
N GLY A 157 -42.43 -46.48 -2.29
CA GLY A 157 -43.66 -46.84 -1.61
C GLY A 157 -44.77 -47.21 -2.56
N PRO A 158 -45.79 -47.91 -2.05
CA PRO A 158 -46.92 -48.27 -2.92
C PRO A 158 -47.66 -47.09 -3.48
N LYS A 159 -47.79 -46.01 -2.71
CA LYS A 159 -48.46 -44.79 -3.16
C LYS A 159 -47.53 -43.58 -3.08
N GLU A 160 -46.22 -43.81 -3.17
CA GLU A 160 -45.30 -42.69 -3.15
C GLU A 160 -45.08 -42.18 -4.56
N PRO A 161 -45.16 -40.88 -4.81
CA PRO A 161 -44.87 -40.37 -6.15
C PRO A 161 -43.41 -40.58 -6.50
N PHE A 162 -43.16 -40.90 -7.77
CA PHE A 162 -41.80 -41.20 -8.23
C PHE A 162 -40.88 -40.01 -7.98
N ARG A 163 -41.40 -38.78 -8.08
CA ARG A 163 -40.61 -37.59 -7.78
C ARG A 163 -40.02 -37.67 -6.37
N ASP A 164 -40.85 -38.01 -5.38
CA ASP A 164 -40.38 -38.05 -4.00
C ASP A 164 -39.48 -39.26 -3.76
N TYR A 165 -39.75 -40.38 -4.44
CA TYR A 165 -38.88 -41.53 -4.33
C TYR A 165 -37.49 -41.25 -4.89
N VAL A 166 -37.41 -40.51 -5.99
CA VAL A 166 -36.10 -40.19 -6.56
C VAL A 166 -35.30 -39.32 -5.61
N ASP A 167 -35.95 -38.39 -4.92
CA ASP A 167 -35.22 -37.51 -4.01
C ASP A 167 -34.69 -38.28 -2.80
N ARG A 168 -35.48 -39.19 -2.23
CA ARG A 168 -34.96 -40.00 -1.14
C ARG A 168 -33.84 -40.92 -1.63
N PHE A 169 -33.92 -41.39 -2.87
CA PHE A 169 -32.91 -42.29 -3.39
C PHE A 169 -31.56 -41.58 -3.48
N TYR A 170 -31.53 -40.42 -4.14
CA TYR A 170 -30.27 -39.72 -4.33
C TYR A 170 -29.80 -38.99 -3.08
N LYS A 171 -30.67 -38.73 -2.12
CA LYS A 171 -30.20 -38.29 -0.82
C LYS A 171 -29.38 -39.39 -0.16
N THR A 172 -29.93 -40.60 -0.14
CA THR A 172 -29.22 -41.75 0.41
C THR A 172 -27.96 -42.06 -0.39
N LEU A 173 -28.05 -41.99 -1.72
CA LEU A 173 -26.88 -42.31 -2.55
C LEU A 173 -25.73 -41.34 -2.32
N ARG A 174 -26.03 -40.07 -2.05
CA ARG A 174 -24.96 -39.11 -1.83
C ARG A 174 -24.24 -39.40 -0.52
N ALA A 175 -24.99 -39.88 0.47
CA ALA A 175 -24.46 -40.15 1.80
C ALA A 175 -23.49 -41.32 1.85
N GLU A 176 -23.64 -42.35 0.99
CA GLU A 176 -22.70 -43.46 1.05
C GLU A 176 -21.64 -43.47 -0.04
N GLN A 177 -21.80 -42.71 -1.12
CA GLN A 177 -20.69 -42.51 -2.03
C GLN A 177 -19.80 -41.36 -1.58
N ALA A 178 -20.03 -40.86 -0.36
CA ALA A 178 -19.26 -39.73 0.15
C ALA A 178 -17.78 -40.05 0.26
N THR A 179 -17.44 -41.26 0.71
CA THR A 179 -16.05 -41.65 0.94
C THR A 179 -15.39 -42.24 -0.31
N GLN A 180 -16.00 -42.08 -1.49
CA GLN A 180 -15.50 -42.67 -2.72
C GLN A 180 -14.88 -41.61 -3.62
N GLU A 181 -13.67 -41.87 -4.11
CA GLU A 181 -13.03 -40.93 -5.01
C GLU A 181 -13.66 -40.96 -6.40
N VAL A 182 -13.70 -42.13 -7.03
CA VAL A 182 -14.39 -42.34 -8.28
C VAL A 182 -15.76 -42.96 -7.97
N LYS A 183 -16.80 -42.16 -8.15
CA LYS A 183 -18.15 -42.55 -7.77
C LYS A 183 -18.66 -43.64 -8.72
N ASN A 184 -19.47 -44.54 -8.19
CA ASN A 184 -19.93 -45.70 -8.95
C ASN A 184 -21.32 -45.39 -9.52
N ALA A 185 -21.35 -45.09 -10.82
CA ALA A 185 -22.60 -44.81 -11.53
C ALA A 185 -23.42 -46.08 -11.81
N ALA A 186 -22.88 -47.27 -11.55
CA ALA A 186 -23.65 -48.49 -11.73
C ALA A 186 -24.75 -48.66 -10.67
N THR A 187 -24.63 -47.99 -9.52
CA THR A 187 -25.61 -48.15 -8.45
C THR A 187 -26.97 -47.54 -8.77
N GLU A 188 -27.03 -46.56 -9.66
CA GLU A 188 -28.29 -45.92 -10.02
C GLU A 188 -29.27 -46.89 -10.69
N THR A 189 -28.77 -47.99 -11.27
CA THR A 189 -29.66 -49.02 -11.83
C THR A 189 -30.66 -49.53 -10.81
N LEU A 190 -30.32 -49.46 -9.51
CA LEU A 190 -31.24 -49.88 -8.47
C LEU A 190 -32.51 -49.04 -8.44
N LEU A 191 -32.44 -47.80 -8.92
CA LEU A 191 -33.62 -46.94 -8.94
C LEU A 191 -34.77 -47.63 -9.66
N VAL A 192 -34.48 -48.30 -10.79
CA VAL A 192 -35.54 -48.99 -11.51
C VAL A 192 -35.92 -50.27 -10.79
N GLN A 193 -34.93 -50.95 -10.19
CA GLN A 193 -35.20 -52.22 -9.50
C GLN A 193 -36.12 -52.01 -8.30
N ASN A 194 -35.85 -51.00 -7.48
CA ASN A 194 -36.59 -50.78 -6.26
C ASN A 194 -37.80 -49.89 -6.44
N SER A 195 -38.09 -49.45 -7.67
CA SER A 195 -39.31 -48.69 -7.92
C SER A 195 -40.54 -49.58 -7.82
N ASN A 196 -41.69 -48.96 -7.55
CA ASN A 196 -42.93 -49.70 -7.37
C ASN A 196 -43.36 -50.37 -8.68
N PRO A 197 -44.24 -51.37 -8.60
CA PRO A 197 -44.59 -52.12 -9.81
C PRO A 197 -45.21 -51.27 -10.92
N ASP A 198 -45.95 -50.22 -10.58
CA ASP A 198 -46.59 -49.42 -11.62
C ASP A 198 -45.56 -48.66 -12.45
N CYS A 199 -44.53 -48.11 -11.80
CA CYS A 199 -43.53 -47.33 -12.51
C CYS A 199 -42.46 -48.20 -13.15
N LYS A 200 -42.14 -49.34 -12.53
CA LYS A 200 -41.17 -50.25 -13.13
C LYS A 200 -41.62 -50.71 -14.51
N GLN A 201 -42.92 -50.95 -14.67
CA GLN A 201 -43.46 -51.25 -15.99
C GLN A 201 -43.18 -50.12 -16.96
N ILE A 202 -43.35 -48.87 -16.50
CA ILE A 202 -43.15 -47.72 -17.37
C ILE A 202 -41.66 -47.52 -17.64
N LEU A 203 -40.82 -47.76 -16.63
CA LEU A 203 -39.39 -47.53 -16.80
C LEU A 203 -38.76 -48.59 -17.68
N LYS A 204 -39.12 -49.87 -17.47
CA LYS A 204 -38.61 -50.90 -18.38
C LYS A 204 -39.13 -50.66 -19.79
N ALA A 205 -40.27 -49.99 -19.93
CA ALA A 205 -40.77 -49.67 -21.24
C ALA A 205 -40.02 -48.50 -21.87
N LEU A 206 -39.22 -47.75 -21.11
CA LEU A 206 -38.45 -46.69 -21.73
C LEU A 206 -37.08 -47.16 -22.19
N GLY A 207 -36.70 -48.39 -21.88
CA GLY A 207 -35.40 -48.91 -22.26
C GLY A 207 -34.28 -48.27 -21.47
N PRO A 208 -33.10 -48.90 -21.49
CA PRO A 208 -31.95 -48.31 -20.81
C PRO A 208 -31.41 -47.13 -21.59
N GLY A 209 -30.72 -46.24 -20.88
CA GLY A 209 -30.16 -45.05 -21.46
C GLY A 209 -31.08 -43.86 -21.49
N ALA A 210 -32.25 -43.95 -20.85
CA ALA A 210 -33.14 -42.81 -20.73
C ALA A 210 -32.64 -41.90 -19.62
N THR A 211 -32.74 -40.59 -19.84
CA THR A 211 -32.27 -39.65 -18.84
C THR A 211 -33.22 -39.65 -17.64
N LEU A 212 -32.73 -39.13 -16.52
CA LEU A 212 -33.56 -39.05 -15.32
C LEU A 212 -34.78 -38.16 -15.54
N GLU A 213 -34.63 -37.11 -16.35
CA GLU A 213 -35.78 -36.31 -16.74
C GLU A 213 -36.85 -37.17 -17.40
N GLU A 214 -36.44 -37.97 -18.40
CA GLU A 214 -37.38 -38.81 -19.13
C GLU A 214 -38.08 -39.79 -18.21
N MET A 215 -37.40 -40.25 -17.16
CA MET A 215 -38.03 -41.14 -16.20
C MET A 215 -39.03 -40.40 -15.33
N MET A 216 -38.66 -39.21 -14.83
CA MET A 216 -39.53 -38.48 -13.92
C MET A 216 -40.79 -37.98 -14.61
N VAL A 217 -40.71 -37.65 -15.90
CA VAL A 217 -41.88 -37.23 -16.63
C VAL A 217 -42.82 -38.41 -16.87
N ALA A 218 -42.26 -39.57 -17.22
CA ALA A 218 -43.07 -40.74 -17.55
C ALA A 218 -43.72 -41.37 -16.33
N CYS A 219 -43.40 -40.93 -15.11
CA CYS A 219 -44.00 -41.43 -13.89
C CYS A 219 -44.77 -40.35 -13.14
N GLN A 220 -45.35 -39.39 -13.85
CA GLN A 220 -46.10 -38.34 -13.17
C GLN A 220 -47.56 -38.31 -13.61
N PRO B 1 -16.20 -14.72 -7.15
CA PRO B 1 -16.08 -13.80 -8.29
C PRO B 1 -14.65 -13.38 -8.56
N ILE B 2 -14.47 -12.48 -9.52
CA ILE B 2 -13.17 -11.95 -9.89
C ILE B 2 -13.08 -10.51 -9.40
N VAL B 3 -11.91 -10.13 -8.89
CA VAL B 3 -11.67 -8.77 -8.43
C VAL B 3 -10.26 -8.35 -8.82
N THR B 4 -10.03 -7.05 -8.79
CA THR B 4 -8.72 -6.47 -9.07
C THR B 4 -8.09 -6.01 -7.76
N ASN B 5 -6.85 -6.43 -7.53
CA ASN B 5 -6.12 -6.01 -6.35
C ASN B 5 -5.58 -4.59 -6.54
N ALA B 6 -4.84 -4.10 -5.54
CA ALA B 6 -4.21 -2.79 -5.67
C ALA B 6 -3.23 -2.76 -6.82
N GLN B 7 -2.64 -3.91 -7.15
CA GLN B 7 -1.64 -4.04 -8.20
C GLN B 7 -2.24 -4.07 -9.60
N GLY B 8 -3.55 -4.18 -9.72
CA GLY B 8 -4.20 -4.25 -11.01
C GLY B 8 -4.33 -5.64 -11.60
N GLN B 9 -4.10 -6.68 -10.81
CA GLN B 9 -4.20 -8.06 -11.27
C GLN B 9 -5.57 -8.64 -10.98
N MET B 10 -5.97 -9.61 -11.79
CA MET B 10 -7.25 -10.31 -11.62
C MET B 10 -7.04 -11.47 -10.67
N ILE B 11 -7.67 -11.41 -9.50
CA ILE B 11 -7.50 -12.43 -8.48
C ILE B 11 -8.88 -12.90 -8.04
N HIS B 12 -8.91 -14.12 -7.48
CA HIS B 12 -10.17 -14.73 -7.06
C HIS B 12 -10.62 -14.20 -5.70
N GLN B 13 -11.93 -13.94 -5.59
CA GLN B 13 -12.56 -13.58 -4.33
C GLN B 13 -13.57 -14.67 -3.97
N CYS B 14 -13.48 -15.14 -2.73
CA CYS B 14 -14.32 -16.26 -2.29
C CYS B 14 -15.77 -15.82 -2.18
N ILE B 15 -16.69 -16.74 -2.52
CA ILE B 15 -18.10 -16.43 -2.41
C ILE B 15 -18.45 -16.18 -0.94
N SER B 16 -19.29 -15.18 -0.70
CA SER B 16 -19.57 -14.74 0.66
C SER B 16 -20.54 -15.69 1.36
N PRO B 17 -20.39 -15.86 2.67
CA PRO B 17 -21.37 -16.68 3.40
C PRO B 17 -22.79 -16.18 3.25
N ARG B 18 -22.98 -14.86 3.15
CA ARG B 18 -24.31 -14.31 2.95
C ARG B 18 -24.91 -14.80 1.63
N THR B 19 -24.18 -14.63 0.53
CA THR B 19 -24.68 -15.04 -0.77
C THR B 19 -24.97 -16.53 -0.80
N LEU B 20 -24.08 -17.34 -0.22
CA LEU B 20 -24.28 -18.78 -0.22
C LEU B 20 -25.53 -19.17 0.56
N ASN B 21 -25.72 -18.58 1.74
CA ASN B 21 -26.91 -18.90 2.53
C ASN B 21 -28.18 -18.39 1.84
N ALA B 22 -28.10 -17.21 1.21
CA ALA B 22 -29.24 -16.71 0.46
C ALA B 22 -29.67 -17.69 -0.62
N TRP B 23 -28.71 -18.32 -1.30
CA TRP B 23 -29.02 -19.33 -2.30
C TRP B 23 -29.62 -20.59 -1.66
N VAL B 24 -29.08 -21.02 -0.52
CA VAL B 24 -29.64 -22.20 0.14
C VAL B 24 -31.10 -21.95 0.53
N LYS B 25 -31.37 -20.79 1.14
CA LYS B 25 -32.74 -20.50 1.55
C LYS B 25 -33.70 -20.44 0.36
N ALA B 26 -33.23 -19.88 -0.77
CA ALA B 26 -34.09 -19.73 -1.95
C ALA B 26 -34.56 -21.07 -2.47
N VAL B 27 -33.65 -22.04 -2.59
CA VAL B 27 -34.04 -23.35 -3.12
C VAL B 27 -34.97 -24.07 -2.16
N GLU B 28 -34.77 -23.89 -0.85
CA GLU B 28 -35.65 -24.52 0.13
C GLU B 28 -37.06 -23.96 0.05
N GLU B 29 -37.19 -22.65 -0.15
CA GLU B 29 -38.47 -21.97 -0.10
C GLU B 29 -39.18 -21.97 -1.46
N LYS B 30 -38.46 -21.66 -2.53
CA LYS B 30 -39.05 -21.46 -3.84
C LYS B 30 -39.02 -22.73 -4.70
N ALA B 31 -38.66 -23.87 -4.12
CA ALA B 31 -38.59 -25.15 -4.80
C ALA B 31 -38.01 -25.02 -6.20
N PHE B 32 -38.81 -25.33 -7.22
CA PHE B 32 -38.45 -25.07 -8.61
C PHE B 32 -39.57 -24.34 -9.32
N ASN B 33 -40.21 -23.41 -8.60
CA ASN B 33 -41.09 -22.44 -9.22
C ASN B 33 -40.30 -21.60 -10.21
N PRO B 34 -40.98 -20.98 -11.19
CA PRO B 34 -40.24 -20.26 -12.24
C PRO B 34 -39.28 -19.20 -11.72
N GLU B 35 -39.56 -18.58 -10.57
CA GLU B 35 -38.70 -17.53 -10.05
C GLU B 35 -37.38 -18.03 -9.51
N ILE B 36 -37.12 -19.34 -9.52
CA ILE B 36 -35.82 -19.83 -9.08
C ILE B 36 -34.72 -19.52 -10.10
N ILE B 37 -35.08 -19.33 -11.36
CA ILE B 37 -34.10 -19.03 -12.40
C ILE B 37 -33.47 -17.67 -12.14
N PRO B 38 -34.24 -16.58 -12.00
CA PRO B 38 -33.60 -15.28 -11.75
C PRO B 38 -32.91 -15.22 -10.40
N MET B 39 -33.43 -15.95 -9.41
CA MET B 39 -32.77 -16.02 -8.11
C MET B 39 -31.37 -16.59 -8.26
N PHE B 40 -31.23 -17.68 -9.02
CA PHE B 40 -29.92 -18.25 -9.29
C PHE B 40 -29.03 -17.27 -10.04
N MET B 41 -29.57 -16.64 -11.09
CA MET B 41 -28.79 -15.72 -11.90
C MET B 41 -28.29 -14.53 -11.08
N ALA B 42 -29.12 -14.05 -10.15
CA ALA B 42 -28.71 -12.91 -9.33
C ALA B 42 -27.62 -13.29 -8.35
N LEU B 43 -27.76 -14.45 -7.69
CA LEU B 43 -26.81 -14.87 -6.68
C LEU B 43 -25.50 -15.39 -7.28
N SER B 44 -25.53 -15.87 -8.51
CA SER B 44 -24.33 -16.33 -9.21
C SER B 44 -23.70 -15.24 -10.07
N CYS B 45 -24.08 -13.98 -9.84
CA CYS B 45 -23.61 -12.89 -10.68
C CYS B 45 -22.12 -12.67 -10.49
N GLY B 46 -21.38 -12.67 -11.60
CA GLY B 46 -19.94 -12.49 -11.58
C GLY B 46 -19.15 -13.69 -11.13
N ALA B 47 -19.78 -14.84 -10.93
CA ALA B 47 -19.12 -16.01 -10.36
C ALA B 47 -18.40 -16.83 -11.43
N VAL B 48 -17.25 -17.38 -11.06
CA VAL B 48 -16.51 -18.34 -11.87
C VAL B 48 -17.06 -19.74 -11.57
N PRO B 49 -16.79 -20.76 -12.39
CA PRO B 49 -17.34 -22.09 -12.11
C PRO B 49 -17.01 -22.64 -10.72
N TYR B 50 -15.84 -22.31 -10.17
CA TYR B 50 -15.51 -22.74 -8.81
C TYR B 50 -16.57 -22.25 -7.82
N ASP B 51 -16.97 -20.99 -7.93
CA ASP B 51 -17.99 -20.43 -7.05
C ASP B 51 -19.34 -21.10 -7.26
N ILE B 52 -19.68 -21.38 -8.52
CA ILE B 52 -21.00 -21.91 -8.85
C ILE B 52 -21.16 -23.33 -8.31
N ASN B 53 -20.10 -24.14 -8.38
CA ASN B 53 -20.16 -25.50 -7.85
C ASN B 53 -20.44 -25.48 -6.35
N THR B 54 -19.89 -24.49 -5.64
CA THR B 54 -20.19 -24.34 -4.23
C THR B 54 -21.69 -24.16 -4.00
N MET B 55 -22.34 -23.38 -4.85
CA MET B 55 -23.78 -23.16 -4.72
C MET B 55 -24.56 -24.46 -4.91
N LEU B 56 -24.29 -25.18 -5.99
CA LEU B 56 -25.05 -26.40 -6.28
C LEU B 56 -24.81 -27.46 -5.21
N ASN B 57 -23.56 -27.65 -4.80
CA ASN B 57 -23.26 -28.70 -3.83
C ASN B 57 -23.77 -28.36 -2.44
N ALA B 58 -23.99 -27.07 -2.13
CA ALA B 58 -24.47 -26.69 -0.82
C ALA B 58 -25.95 -26.98 -0.61
N ILE B 59 -26.71 -27.24 -1.68
CA ILE B 59 -28.12 -27.56 -1.54
C ILE B 59 -28.25 -28.91 -0.83
N GLY B 60 -29.12 -28.96 0.16
CA GLY B 60 -29.26 -30.16 0.98
C GLY B 60 -30.22 -31.18 0.42
N GLY B 61 -31.46 -30.78 0.17
CA GLY B 61 -32.45 -31.65 -0.43
C GLY B 61 -32.44 -31.54 -1.94
N HIS B 62 -33.56 -31.97 -2.54
CA HIS B 62 -33.77 -31.84 -3.98
C HIS B 62 -32.66 -32.55 -4.76
N GLN B 63 -32.17 -33.67 -4.22
CA GLN B 63 -31.03 -34.33 -4.84
C GLN B 63 -31.40 -35.00 -6.16
N GLY B 64 -32.67 -35.38 -6.34
CA GLY B 64 -33.10 -35.85 -7.64
C GLY B 64 -33.05 -34.75 -8.68
N ALA B 65 -33.43 -33.53 -8.30
CA ALA B 65 -33.33 -32.39 -9.20
C ALA B 65 -31.88 -32.08 -9.56
N LEU B 66 -31.00 -32.05 -8.54
CA LEU B 66 -29.58 -31.80 -8.81
C LEU B 66 -28.99 -32.87 -9.71
N GLN B 67 -29.53 -34.09 -9.65
CA GLN B 67 -29.05 -35.13 -10.56
C GLN B 67 -29.49 -34.86 -11.98
N VAL B 68 -30.66 -34.25 -12.17
CA VAL B 68 -31.07 -33.82 -13.50
C VAL B 68 -30.16 -32.72 -14.01
N LEU B 69 -29.80 -31.76 -13.15
CA LEU B 69 -28.86 -30.72 -13.55
C LEU B 69 -27.52 -31.30 -13.95
N LYS B 70 -26.99 -32.26 -13.18
CA LYS B 70 -25.69 -32.81 -13.52
C LYS B 70 -25.72 -33.61 -14.81
N GLU B 71 -26.84 -34.27 -15.12
CA GLU B 71 -26.98 -34.91 -16.43
C GLU B 71 -26.95 -33.88 -17.55
N VAL B 72 -27.68 -32.78 -17.38
CA VAL B 72 -27.69 -31.73 -18.40
C VAL B 72 -26.30 -31.15 -18.60
N ILE B 73 -25.56 -30.97 -17.51
CA ILE B 73 -24.20 -30.43 -17.61
C ILE B 73 -23.31 -31.36 -18.43
N ASN B 74 -23.45 -32.67 -18.25
CA ASN B 74 -22.64 -33.62 -19.01
C ASN B 74 -22.97 -33.55 -20.49
N GLU B 75 -24.26 -33.39 -20.83
CA GLU B 75 -24.65 -33.27 -22.22
C GLU B 75 -24.05 -32.03 -22.86
N GLU B 76 -24.12 -30.89 -22.17
CA GLU B 76 -23.58 -29.65 -22.71
C GLU B 76 -22.05 -29.68 -22.75
N ALA B 77 -21.43 -30.29 -21.73
CA ALA B 77 -19.97 -30.42 -21.75
C ALA B 77 -19.51 -31.31 -22.89
N ALA B 78 -20.25 -32.38 -23.17
CA ALA B 78 -19.92 -33.23 -24.32
C ALA B 78 -20.09 -32.48 -25.63
N GLU B 79 -21.19 -31.74 -25.77
CA GLU B 79 -21.40 -30.92 -26.97
C GLU B 79 -20.28 -29.90 -27.14
N TRP B 80 -19.78 -29.34 -26.03
CA TRP B 80 -18.65 -28.43 -26.11
C TRP B 80 -17.43 -29.13 -26.68
N ASP B 81 -17.07 -30.27 -26.08
CA ASP B 81 -15.90 -31.03 -26.52
C ASP B 81 -16.02 -31.46 -27.99
N ARG B 82 -17.23 -31.74 -28.45
CA ARG B 82 -17.39 -32.16 -29.84
C ARG B 82 -16.95 -31.07 -30.80
N THR B 83 -17.27 -29.81 -30.48
CA THR B 83 -16.90 -28.67 -31.31
C THR B 83 -15.61 -28.00 -30.84
N HIS B 84 -14.88 -28.62 -29.89
CA HIS B 84 -13.64 -28.06 -29.37
C HIS B 84 -12.69 -29.20 -29.05
N PRO B 85 -12.09 -29.83 -30.08
CA PRO B 85 -11.18 -30.95 -29.84
C PRO B 85 -9.90 -30.51 -29.12
N GLY B 94 4.73 -21.70 -22.36
CA GLY B 94 4.19 -21.78 -21.02
C GLY B 94 2.80 -21.21 -20.92
N GLN B 95 2.05 -21.28 -22.02
CA GLN B 95 0.73 -20.71 -22.12
C GLN B 95 -0.32 -21.68 -21.57
N ILE B 96 -1.57 -21.22 -21.50
CA ILE B 96 -2.65 -21.99 -20.88
C ILE B 96 -3.42 -22.75 -21.96
N ARG B 97 -3.75 -23.99 -21.64
CA ARG B 97 -4.52 -24.85 -22.52
C ARG B 97 -5.90 -24.27 -22.82
N GLU B 98 -6.56 -24.83 -23.83
CA GLU B 98 -7.93 -24.44 -24.11
C GLU B 98 -8.90 -25.29 -23.28
N PRO B 99 -9.94 -24.68 -22.73
CA PRO B 99 -10.76 -25.38 -21.73
C PRO B 99 -11.61 -26.48 -22.35
N THR B 100 -11.60 -27.64 -21.71
CA THR B 100 -12.46 -28.74 -22.13
C THR B 100 -13.86 -28.54 -21.55
N GLY B 101 -14.77 -29.46 -21.88
CA GLY B 101 -16.10 -29.40 -21.31
C GLY B 101 -16.07 -29.45 -19.79
N SER B 102 -15.27 -30.34 -19.22
CA SER B 102 -15.16 -30.45 -17.78
C SER B 102 -14.43 -29.26 -17.16
N ASP B 103 -13.59 -28.56 -17.93
CA ASP B 103 -12.94 -27.36 -17.42
C ASP B 103 -13.94 -26.25 -17.18
N ILE B 104 -14.95 -26.13 -18.05
CA ILE B 104 -15.97 -25.11 -17.87
C ILE B 104 -16.88 -25.46 -16.70
N ALA B 105 -17.10 -26.75 -16.47
CA ALA B 105 -17.88 -27.18 -15.31
C ALA B 105 -17.09 -27.07 -14.01
N GLY B 106 -15.84 -26.62 -14.05
CA GLY B 106 -15.05 -26.45 -12.85
C GLY B 106 -14.60 -27.74 -12.20
N THR B 107 -14.79 -28.88 -12.86
CA THR B 107 -14.43 -30.17 -12.28
C THR B 107 -12.97 -30.53 -12.53
N THR B 108 -12.38 -30.04 -13.61
CA THR B 108 -10.99 -30.32 -13.95
C THR B 108 -10.16 -29.04 -14.09
N SER B 109 -10.67 -27.90 -13.65
CA SER B 109 -9.97 -26.63 -13.74
C SER B 109 -9.93 -25.97 -12.37
N THR B 110 -8.90 -25.15 -12.15
CA THR B 110 -8.68 -24.46 -10.88
C THR B 110 -9.24 -23.04 -10.95
N GLN B 111 -9.32 -22.41 -9.77
CA GLN B 111 -9.78 -21.03 -9.67
C GLN B 111 -8.99 -20.12 -10.60
N GLN B 112 -7.66 -20.23 -10.55
CA GLN B 112 -6.79 -19.33 -11.32
C GLN B 112 -6.95 -19.54 -12.81
N GLU B 113 -7.00 -20.80 -13.26
CA GLU B 113 -7.17 -21.10 -14.67
C GLU B 113 -8.46 -20.51 -15.22
N GLN B 114 -9.54 -20.58 -14.43
CA GLN B 114 -10.82 -20.03 -14.85
C GLN B 114 -10.76 -18.52 -15.04
N ILE B 115 -9.96 -17.83 -14.22
CA ILE B 115 -9.82 -16.38 -14.36
C ILE B 115 -9.03 -16.03 -15.61
N ILE B 116 -7.99 -16.83 -15.92
CA ILE B 116 -7.18 -16.58 -17.10
C ILE B 116 -8.05 -16.65 -18.36
N TRP B 117 -8.93 -17.65 -18.42
CA TRP B 117 -9.80 -17.83 -19.57
C TRP B 117 -10.75 -16.65 -19.76
N THR B 118 -11.34 -16.15 -18.67
CA THR B 118 -12.33 -15.08 -18.80
C THR B 118 -11.68 -13.74 -19.12
N THR B 119 -10.47 -13.49 -18.63
CA THR B 119 -9.88 -12.16 -18.70
C THR B 119 -8.71 -12.04 -19.67
N ARG B 120 -8.26 -13.12 -20.30
CA ARG B 120 -7.17 -12.99 -21.27
C ARG B 120 -7.56 -12.07 -22.42
N GLY B 121 -6.56 -11.63 -23.17
CA GLY B 121 -6.73 -10.64 -24.22
C GLY B 121 -7.23 -11.18 -25.54
N ALA B 122 -6.78 -12.38 -25.91
CA ALA B 122 -7.11 -13.00 -27.18
C ALA B 122 -7.97 -14.24 -26.93
N ASN B 123 -9.18 -14.22 -27.48
CA ASN B 123 -10.13 -15.35 -27.40
C ASN B 123 -10.56 -15.59 -25.95
N SER B 124 -11.12 -14.53 -25.37
CA SER B 124 -11.64 -14.55 -24.01
C SER B 124 -12.91 -15.39 -23.94
N ILE B 125 -12.86 -16.47 -23.15
CA ILE B 125 -13.97 -17.38 -22.99
C ILE B 125 -14.60 -17.13 -21.63
N PRO B 126 -15.84 -16.63 -21.57
CA PRO B 126 -16.50 -16.41 -20.27
C PRO B 126 -17.03 -17.72 -19.70
N VAL B 127 -16.13 -18.48 -19.09
CA VAL B 127 -16.48 -19.81 -18.60
C VAL B 127 -17.56 -19.75 -17.53
N GLY B 128 -17.58 -18.68 -16.74
CA GLY B 128 -18.64 -18.52 -15.75
C GLY B 128 -20.01 -18.43 -16.37
N ASP B 129 -20.16 -17.57 -17.38
CA ASP B 129 -21.47 -17.37 -18.00
C ASP B 129 -21.90 -18.62 -18.78
N ILE B 130 -20.96 -19.31 -19.42
CA ILE B 130 -21.30 -20.52 -20.15
C ILE B 130 -21.82 -21.59 -19.19
N TYR B 131 -21.15 -21.76 -18.06
CA TYR B 131 -21.58 -22.77 -17.10
C TYR B 131 -22.91 -22.39 -16.45
N ARG B 132 -23.15 -21.09 -16.26
CA ARG B 132 -24.46 -20.64 -15.81
C ARG B 132 -25.54 -20.95 -16.84
N LYS B 133 -25.22 -20.81 -18.14
CA LYS B 133 -26.19 -21.15 -19.17
C LYS B 133 -26.54 -22.64 -19.15
N TRP B 134 -25.55 -23.50 -18.87
CA TRP B 134 -25.81 -24.93 -18.80
C TRP B 134 -26.74 -25.27 -17.64
N ILE B 135 -26.57 -24.58 -16.51
CA ILE B 135 -27.37 -24.88 -15.32
C ILE B 135 -28.79 -24.34 -15.48
N VAL B 136 -28.94 -23.18 -16.12
CA VAL B 136 -30.27 -22.68 -16.41
C VAL B 136 -31.04 -23.65 -17.31
N LEU B 137 -30.35 -24.34 -18.22
CA LEU B 137 -31.01 -25.35 -19.03
C LEU B 137 -31.58 -26.48 -18.18
N GLY B 138 -30.82 -26.92 -17.16
CA GLY B 138 -31.33 -27.96 -16.28
C GLY B 138 -32.44 -27.44 -15.38
N LEU B 139 -32.30 -26.20 -14.90
CA LEU B 139 -33.35 -25.62 -14.07
C LEU B 139 -34.63 -25.41 -14.86
N ASN B 140 -34.51 -25.04 -16.15
CA ASN B 140 -35.71 -24.90 -16.97
C ASN B 140 -36.43 -26.24 -17.13
N LYS B 141 -35.66 -27.32 -17.29
CA LYS B 141 -36.27 -28.65 -17.33
C LYS B 141 -36.99 -28.97 -16.03
N MET B 142 -36.43 -28.52 -14.89
CA MET B 142 -37.09 -28.79 -13.62
C MET B 142 -38.28 -27.87 -13.40
N VAL B 143 -38.19 -26.61 -13.84
CA VAL B 143 -39.32 -25.69 -13.70
C VAL B 143 -40.50 -26.16 -14.53
N LYS B 144 -40.23 -26.57 -15.78
CA LYS B 144 -41.27 -27.17 -16.60
C LYS B 144 -41.80 -28.45 -15.97
N MET B 145 -40.94 -29.18 -15.25
CA MET B 145 -41.32 -30.47 -14.72
C MET B 145 -42.28 -30.35 -13.53
N TYR B 146 -42.02 -29.42 -12.60
CA TYR B 146 -42.96 -29.26 -11.49
C TYR B 146 -44.22 -28.50 -11.84
N SER B 147 -44.39 -28.06 -13.09
CA SER B 147 -45.68 -27.52 -13.51
C SER B 147 -46.30 -28.54 -14.45
N PRO B 148 -47.20 -29.37 -13.98
CA PRO B 148 -47.74 -30.44 -14.82
C PRO B 148 -48.70 -29.90 -15.85
N VAL B 149 -49.67 -29.11 -15.40
CA VAL B 149 -50.76 -28.71 -16.26
C VAL B 149 -50.22 -27.89 -17.43
N SER B 150 -50.83 -28.06 -18.59
CA SER B 150 -50.53 -27.23 -19.74
C SER B 150 -51.42 -26.00 -19.75
N ILE B 151 -51.00 -25.00 -20.53
CA ILE B 151 -51.73 -23.74 -20.64
C ILE B 151 -53.14 -23.95 -21.19
N LEU B 152 -53.38 -25.07 -21.88
CA LEU B 152 -54.70 -25.34 -22.44
C LEU B 152 -55.71 -25.77 -21.38
N ASP B 153 -55.27 -26.47 -20.34
CA ASP B 153 -56.15 -26.94 -19.27
C ASP B 153 -56.25 -25.95 -18.11
N ILE B 154 -55.95 -24.68 -18.35
CA ILE B 154 -56.07 -23.64 -17.33
C ILE B 154 -57.39 -22.94 -17.57
N ARG B 155 -58.42 -23.37 -16.83
CA ARG B 155 -59.76 -22.82 -16.93
C ARG B 155 -60.15 -22.23 -15.58
N GLN B 156 -60.79 -21.06 -15.62
CA GLN B 156 -61.20 -20.38 -14.41
C GLN B 156 -62.25 -21.19 -13.65
N GLY B 157 -62.03 -21.36 -12.35
CA GLY B 157 -62.98 -22.05 -11.51
C GLY B 157 -64.30 -21.33 -11.48
N PRO B 158 -65.38 -22.07 -11.20
CA PRO B 158 -66.71 -21.45 -11.20
C PRO B 158 -66.84 -20.31 -10.19
N LYS B 159 -66.18 -20.44 -9.05
CA LYS B 159 -66.20 -19.38 -8.03
C LYS B 159 -64.79 -18.86 -7.76
N GLU B 160 -63.91 -18.96 -8.75
CA GLU B 160 -62.55 -18.45 -8.59
C GLU B 160 -62.50 -16.99 -9.01
N PRO B 161 -61.89 -16.11 -8.22
CA PRO B 161 -61.77 -14.71 -8.64
C PRO B 161 -60.89 -14.58 -9.87
N PHE B 162 -61.29 -13.67 -10.75
CA PHE B 162 -60.58 -13.49 -12.03
C PHE B 162 -59.13 -13.11 -11.78
N ARG B 163 -58.85 -12.34 -10.73
CA ARG B 163 -57.48 -11.99 -10.38
C ARG B 163 -56.61 -13.23 -10.21
N ASP B 164 -57.10 -14.21 -9.44
CA ASP B 164 -56.30 -15.39 -9.15
C ASP B 164 -56.19 -16.32 -10.34
N TYR B 165 -57.25 -16.38 -11.17
CA TYR B 165 -57.18 -17.17 -12.40
C TYR B 165 -56.12 -16.62 -13.36
N VAL B 166 -56.03 -15.30 -13.47
CA VAL B 166 -55.04 -14.70 -14.37
C VAL B 166 -53.63 -15.06 -13.92
N ASP B 167 -53.41 -15.09 -12.60
CA ASP B 167 -52.08 -15.42 -12.09
C ASP B 167 -51.72 -16.87 -12.38
N ARG B 168 -52.67 -17.80 -12.22
CA ARG B 168 -52.41 -19.18 -12.59
C ARG B 168 -52.19 -19.32 -14.09
N PHE B 169 -52.83 -18.47 -14.88
CA PHE B 169 -52.69 -18.54 -16.33
C PHE B 169 -51.27 -18.19 -16.75
N TYR B 170 -50.77 -17.03 -16.31
CA TYR B 170 -49.45 -16.57 -16.71
C TYR B 170 -48.31 -17.23 -15.94
N LYS B 171 -48.57 -17.76 -14.74
CA LYS B 171 -47.55 -18.57 -14.08
C LYS B 171 -47.29 -19.84 -14.87
N THR B 172 -48.37 -20.54 -15.25
CA THR B 172 -48.22 -21.73 -16.08
C THR B 172 -47.57 -21.38 -17.40
N LEU B 173 -47.98 -20.25 -18.00
CA LEU B 173 -47.39 -19.82 -19.26
C LEU B 173 -45.90 -19.52 -19.08
N ARG B 174 -45.50 -19.02 -17.91
CA ARG B 174 -44.10 -18.72 -17.66
C ARG B 174 -43.27 -19.99 -17.56
N ALA B 175 -43.86 -21.06 -17.02
CA ALA B 175 -43.11 -22.31 -16.86
C ALA B 175 -42.71 -22.89 -18.21
N GLU B 176 -43.55 -22.70 -19.22
CA GLU B 176 -43.19 -23.06 -20.60
C GLU B 176 -41.98 -22.25 -21.06
N THR B 179 -41.75 -17.35 -25.76
CA THR B 179 -41.39 -15.98 -26.08
C THR B 179 -42.44 -14.99 -25.58
N GLN B 180 -42.22 -13.71 -25.86
CA GLN B 180 -43.23 -12.70 -25.53
C GLN B 180 -44.42 -12.80 -26.47
N GLU B 181 -44.22 -13.31 -27.68
CA GLU B 181 -45.26 -13.35 -28.69
C GLU B 181 -46.19 -14.55 -28.53
N VAL B 182 -45.64 -15.72 -28.19
CA VAL B 182 -46.48 -16.88 -27.95
C VAL B 182 -47.40 -16.64 -26.75
N LYS B 183 -47.02 -15.73 -25.86
CA LYS B 183 -47.92 -15.32 -24.78
C LYS B 183 -49.10 -14.54 -25.34
N ASN B 184 -48.84 -13.59 -26.24
CA ASN B 184 -49.89 -12.77 -26.82
C ASN B 184 -50.86 -13.57 -27.67
N ALA B 185 -50.46 -14.77 -28.13
CA ALA B 185 -51.39 -15.65 -28.82
C ALA B 185 -52.31 -16.37 -27.85
N ALA B 186 -51.88 -16.54 -26.60
CA ALA B 186 -52.72 -17.20 -25.61
C ALA B 186 -53.72 -16.25 -24.96
N THR B 187 -53.40 -14.95 -24.91
CA THR B 187 -54.28 -13.99 -24.25
C THR B 187 -55.62 -13.89 -24.97
N GLU B 188 -55.58 -13.70 -26.29
CA GLU B 188 -56.79 -13.48 -27.07
C GLU B 188 -57.49 -14.77 -27.47
N THR B 189 -56.89 -15.94 -27.23
CA THR B 189 -57.51 -17.19 -27.61
C THR B 189 -57.72 -18.16 -26.46
N LEU B 190 -56.83 -18.18 -25.46
CA LEU B 190 -57.03 -19.06 -24.31
C LEU B 190 -57.49 -18.34 -23.05
N LEU B 191 -57.01 -17.12 -22.79
CA LEU B 191 -57.41 -16.41 -21.59
C LEU B 191 -58.91 -16.14 -21.58
N VAL B 192 -59.44 -15.65 -22.70
CA VAL B 192 -60.86 -15.32 -22.75
C VAL B 192 -61.71 -16.57 -22.87
N GLN B 193 -61.22 -17.56 -23.63
CA GLN B 193 -61.98 -18.80 -23.83
C GLN B 193 -62.18 -19.54 -22.52
N ASN B 194 -61.12 -19.68 -21.73
CA ASN B 194 -61.14 -20.51 -20.53
C ASN B 194 -61.65 -19.78 -19.30
N SER B 195 -62.04 -18.51 -19.41
CA SER B 195 -62.60 -17.82 -18.25
C SER B 195 -63.99 -18.35 -17.93
N ASN B 196 -64.39 -18.20 -16.66
CA ASN B 196 -65.67 -18.72 -16.21
C ASN B 196 -66.82 -17.95 -16.86
N PRO B 197 -68.03 -18.52 -16.87
CA PRO B 197 -69.15 -17.87 -17.57
C PRO B 197 -69.51 -16.50 -17.05
N ASP B 198 -69.16 -16.18 -15.80
CA ASP B 198 -69.51 -14.87 -15.27
C ASP B 198 -68.65 -13.76 -15.87
N CYS B 199 -67.41 -14.08 -16.24
CA CYS B 199 -66.50 -13.10 -16.80
CA CYS B 199 -66.50 -13.10 -16.80
C CYS B 199 -66.48 -13.10 -18.32
N LYS B 200 -66.70 -14.25 -18.96
CA LYS B 200 -66.67 -14.33 -20.41
C LYS B 200 -67.71 -13.41 -21.03
N GLN B 201 -68.90 -13.31 -20.43
CA GLN B 201 -69.90 -12.36 -20.90
C GLN B 201 -69.39 -10.93 -20.81
N ILE B 202 -68.73 -10.59 -19.71
CA ILE B 202 -68.27 -9.21 -19.50
C ILE B 202 -67.05 -8.91 -20.38
N LEU B 203 -66.16 -9.89 -20.56
CA LEU B 203 -64.93 -9.65 -21.29
C LEU B 203 -65.19 -9.48 -22.78
N LYS B 204 -66.06 -10.32 -23.35
CA LYS B 204 -66.42 -10.14 -24.76
C LYS B 204 -67.13 -8.81 -25.00
N ALA B 205 -67.74 -8.24 -23.97
CA ALA B 205 -68.43 -6.95 -24.07
C ALA B 205 -67.47 -5.77 -24.11
N LEU B 206 -66.17 -5.98 -23.88
CA LEU B 206 -65.19 -4.92 -23.97
C LEU B 206 -64.59 -4.75 -25.36
N GLY B 207 -64.97 -5.62 -26.31
CA GLY B 207 -64.46 -5.54 -27.66
C GLY B 207 -63.01 -5.98 -27.77
N PRO B 208 -62.56 -6.24 -29.00
CA PRO B 208 -61.17 -6.65 -29.18
C PRO B 208 -60.22 -5.47 -29.01
N GLY B 209 -58.98 -5.79 -28.66
CA GLY B 209 -57.97 -4.78 -28.44
C GLY B 209 -57.93 -4.21 -27.05
N ALA B 210 -58.68 -4.77 -26.11
CA ALA B 210 -58.65 -4.30 -24.73
C ALA B 210 -57.42 -4.84 -24.01
N THR B 211 -56.80 -3.99 -23.20
CA THR B 211 -55.61 -4.37 -22.46
C THR B 211 -55.97 -5.32 -21.31
N LEU B 212 -54.95 -6.01 -20.81
CA LEU B 212 -55.16 -6.91 -19.67
C LEU B 212 -55.61 -6.14 -18.43
N GLU B 213 -55.12 -4.92 -18.26
CA GLU B 213 -55.59 -4.05 -17.18
C GLU B 213 -57.10 -3.84 -17.26
N GLU B 214 -57.59 -3.46 -18.44
CA GLU B 214 -59.01 -3.18 -18.61
C GLU B 214 -59.85 -4.42 -18.36
N MET B 215 -59.28 -5.62 -18.53
CA MET B 215 -60.03 -6.85 -18.29
C MET B 215 -60.14 -7.17 -16.80
N MET B 216 -59.03 -7.04 -16.07
CA MET B 216 -59.04 -7.37 -14.65
C MET B 216 -59.92 -6.43 -13.83
N VAL B 217 -60.04 -5.17 -14.26
CA VAL B 217 -60.93 -4.24 -13.59
C VAL B 217 -62.39 -4.61 -13.84
N ALA B 218 -62.71 -5.01 -15.07
CA ALA B 218 -64.08 -5.33 -15.45
C ALA B 218 -64.58 -6.63 -14.82
N CYS B 219 -63.72 -7.38 -14.16
CA CYS B 219 -64.06 -8.62 -13.46
C CYS B 219 -63.81 -8.51 -11.96
N GLN B 220 -64.06 -7.34 -11.39
CA GLN B 220 -63.83 -7.14 -9.97
C GLN B 220 -65.14 -6.91 -9.20
N PRO C 1 -25.87 -1.94 -9.35
CA PRO C 1 -25.50 -0.53 -9.42
C PRO C 1 -24.13 -0.31 -10.07
N ILE C 2 -23.68 0.94 -10.09
CA ILE C 2 -22.39 1.31 -10.66
C ILE C 2 -21.45 1.66 -9.53
N VAL C 3 -20.18 1.27 -9.67
CA VAL C 3 -19.13 1.57 -8.71
C VAL C 3 -17.84 1.86 -9.47
N THR C 4 -16.89 2.46 -8.76
CA THR C 4 -15.56 2.76 -9.29
C THR C 4 -14.56 1.75 -8.74
N ASN C 5 -13.77 1.15 -9.64
CA ASN C 5 -12.74 0.21 -9.24
C ASN C 5 -11.52 0.95 -8.68
N ALA C 6 -10.47 0.18 -8.38
CA ALA C 6 -9.25 0.79 -7.86
C ALA C 6 -8.64 1.77 -8.86
N GLN C 7 -8.83 1.53 -10.16
CA GLN C 7 -8.27 2.40 -11.19
C GLN C 7 -9.13 3.66 -11.41
N GLY C 8 -10.33 3.71 -10.84
CA GLY C 8 -11.21 4.83 -11.08
C GLY C 8 -12.15 4.68 -12.25
N GLN C 9 -12.34 3.47 -12.76
CA GLN C 9 -13.25 3.23 -13.86
C GLN C 9 -14.63 2.83 -13.33
N MET C 10 -15.66 3.14 -14.13
CA MET C 10 -17.04 2.84 -13.76
C MET C 10 -17.35 1.40 -14.17
N ILE C 11 -17.59 0.53 -13.18
CA ILE C 11 -17.85 -0.88 -13.42
C ILE C 11 -19.13 -1.29 -12.71
N HIS C 12 -19.71 -2.38 -13.18
CA HIS C 12 -20.97 -2.88 -12.64
C HIS C 12 -20.76 -3.64 -11.33
N GLN C 13 -21.66 -3.40 -10.39
CA GLN C 13 -21.73 -4.15 -9.14
C GLN C 13 -23.06 -4.89 -9.09
N CYS C 14 -22.99 -6.19 -8.80
CA CYS C 14 -24.20 -7.00 -8.80
C CYS C 14 -25.07 -6.61 -7.61
N ILE C 15 -26.39 -6.65 -7.79
CA ILE C 15 -27.28 -6.28 -6.70
C ILE C 15 -27.08 -7.24 -5.53
N SER C 16 -27.10 -6.69 -4.33
CA SER C 16 -26.71 -7.46 -3.15
C SER C 16 -27.83 -8.41 -2.73
N PRO C 17 -27.47 -9.56 -2.16
CA PRO C 17 -28.50 -10.47 -1.64
C PRO C 17 -29.41 -9.80 -0.61
N ARG C 18 -28.89 -8.84 0.17
CA ARG C 18 -29.72 -8.10 1.11
C ARG C 18 -30.84 -7.37 0.39
N THR C 19 -30.48 -6.54 -0.61
CA THR C 19 -31.48 -5.77 -1.34
C THR C 19 -32.48 -6.68 -2.05
N LEU C 20 -32.00 -7.76 -2.66
CA LEU C 20 -32.88 -8.65 -3.42
C LEU C 20 -33.94 -9.28 -2.52
N ASN C 21 -33.53 -9.79 -1.36
CA ASN C 21 -34.51 -10.40 -0.45
C ASN C 21 -35.45 -9.34 0.12
N ALA C 22 -34.94 -8.15 0.43
CA ALA C 22 -35.80 -7.09 0.93
C ALA C 22 -36.93 -6.78 -0.05
N TRP C 23 -36.61 -6.73 -1.35
CA TRP C 23 -37.66 -6.51 -2.35
C TRP C 23 -38.59 -7.71 -2.48
N VAL C 24 -38.05 -8.93 -2.48
CA VAL C 24 -38.89 -10.12 -2.58
C VAL C 24 -39.85 -10.20 -1.40
N LYS C 25 -39.33 -10.00 -0.17
CA LYS C 25 -40.19 -10.03 1.00
C LYS C 25 -41.22 -8.91 0.97
N ALA C 26 -40.84 -7.74 0.46
CA ALA C 26 -41.78 -6.61 0.40
C ALA C 26 -42.99 -6.96 -0.45
N VAL C 27 -42.77 -7.55 -1.63
CA VAL C 27 -43.88 -7.90 -2.50
C VAL C 27 -44.70 -9.03 -1.88
N GLU C 28 -44.04 -9.94 -1.16
CA GLU C 28 -44.78 -11.03 -0.50
C GLU C 28 -45.68 -10.48 0.59
N GLU C 29 -45.20 -9.49 1.34
CA GLU C 29 -45.92 -8.97 2.51
C GLU C 29 -46.88 -7.85 2.15
N LYS C 30 -46.43 -6.90 1.32
CA LYS C 30 -47.19 -5.69 1.06
C LYS C 30 -48.04 -5.77 -0.20
N ALA C 31 -48.16 -6.96 -0.79
CA ALA C 31 -48.93 -7.18 -2.02
C ALA C 31 -48.70 -6.03 -3.00
N PHE C 32 -49.76 -5.27 -3.30
CA PHE C 32 -49.67 -4.02 -4.04
C PHE C 32 -50.38 -2.91 -3.28
N ASN C 33 -50.24 -2.94 -1.95
CA ASN C 33 -50.62 -1.81 -1.11
C ASN C 33 -49.82 -0.58 -1.52
N PRO C 34 -50.32 0.61 -1.22
CA PRO C 34 -49.63 1.83 -1.69
C PRO C 34 -48.17 1.94 -1.28
N GLU C 35 -47.78 1.39 -0.14
CA GLU C 35 -46.39 1.54 0.31
C GLU C 35 -45.40 0.73 -0.51
N ILE C 36 -45.85 -0.04 -1.51
CA ILE C 36 -44.91 -0.76 -2.37
C ILE C 36 -44.17 0.17 -3.32
N ILE C 37 -44.74 1.33 -3.63
CA ILE C 37 -44.13 2.29 -4.54
C ILE C 37 -42.86 2.87 -3.93
N PRO C 38 -42.88 3.45 -2.72
CA PRO C 38 -41.64 4.00 -2.17
C PRO C 38 -40.61 2.94 -1.85
N MET C 39 -41.05 1.68 -1.68
CA MET C 39 -40.12 0.61 -1.38
C MET C 39 -39.30 0.26 -2.61
N PHE C 40 -39.96 0.16 -3.77
CA PHE C 40 -39.26 -0.08 -5.04
C PHE C 40 -38.29 1.05 -5.34
N MET C 41 -38.74 2.30 -5.20
CA MET C 41 -37.88 3.43 -5.52
C MET C 41 -36.66 3.47 -4.61
N ALA C 42 -36.82 3.10 -3.34
CA ALA C 42 -35.69 3.09 -2.42
C ALA C 42 -34.75 1.93 -2.71
N LEU C 43 -35.30 0.74 -2.94
CA LEU C 43 -34.46 -0.45 -3.12
C LEU C 43 -33.81 -0.50 -4.50
N SER C 44 -34.43 0.11 -5.51
CA SER C 44 -33.85 0.15 -6.86
C SER C 44 -33.09 1.44 -7.14
N CYS C 45 -32.79 2.22 -6.10
CA CYS C 45 -32.14 3.50 -6.30
C CYS C 45 -30.70 3.28 -6.75
N GLY C 46 -30.30 3.93 -7.83
CA GLY C 46 -28.98 3.74 -8.38
C GLY C 46 -28.79 2.50 -9.22
N ALA C 47 -29.86 1.76 -9.51
CA ALA C 47 -29.76 0.50 -10.23
C ALA C 47 -29.83 0.74 -11.73
N VAL C 48 -29.10 -0.07 -12.50
CA VAL C 48 -29.19 -0.07 -13.95
C VAL C 48 -30.35 -0.97 -14.36
N PRO C 49 -30.85 -0.88 -15.60
CA PRO C 49 -31.97 -1.76 -15.99
C PRO C 49 -31.70 -3.24 -15.80
N TYR C 50 -30.46 -3.70 -15.98
CA TYR C 50 -30.15 -5.10 -15.70
C TYR C 50 -30.50 -5.46 -14.26
N ASP C 51 -30.15 -4.59 -13.32
CA ASP C 51 -30.46 -4.84 -11.91
C ASP C 51 -31.96 -4.83 -11.67
N ILE C 52 -32.67 -3.89 -12.30
CA ILE C 52 -34.10 -3.71 -12.03
C ILE C 52 -34.90 -4.92 -12.50
N ASN C 53 -34.55 -5.46 -13.68
CA ASN C 53 -35.26 -6.65 -14.17
C ASN C 53 -35.07 -7.84 -13.24
N THR C 54 -33.91 -7.96 -12.60
CA THR C 54 -33.72 -9.00 -11.60
C THR C 54 -34.73 -8.87 -10.46
N MET C 55 -35.00 -7.63 -10.03
CA MET C 55 -36.00 -7.42 -8.99
C MET C 55 -37.37 -7.89 -9.43
N LEU C 56 -37.80 -7.46 -10.62
CA LEU C 56 -39.12 -7.84 -11.12
C LEU C 56 -39.22 -9.34 -11.33
N ASN C 57 -38.18 -9.95 -11.90
CA ASN C 57 -38.22 -11.38 -12.21
C ASN C 57 -38.13 -12.25 -10.95
N ALA C 58 -37.60 -11.72 -9.85
CA ALA C 58 -37.49 -12.47 -8.60
C ALA C 58 -38.83 -12.64 -7.88
N ILE C 59 -39.84 -11.86 -8.27
CA ILE C 59 -41.17 -11.98 -7.67
C ILE C 59 -41.77 -13.33 -8.03
N GLY C 60 -42.34 -14.00 -7.02
CA GLY C 60 -42.84 -15.34 -7.23
C GLY C 60 -44.25 -15.39 -7.76
N GLY C 61 -45.18 -14.76 -7.06
CA GLY C 61 -46.57 -14.68 -7.49
C GLY C 61 -46.82 -13.45 -8.34
N HIS C 62 -48.10 -13.08 -8.42
CA HIS C 62 -48.54 -11.84 -9.08
C HIS C 62 -48.13 -11.78 -10.54
N GLN C 63 -48.12 -12.93 -11.23
CA GLN C 63 -47.64 -12.95 -12.61
C GLN C 63 -48.61 -12.25 -13.55
N GLY C 64 -49.90 -12.21 -13.20
CA GLY C 64 -50.82 -11.37 -13.95
C GLY C 64 -50.50 -9.90 -13.78
N ALA C 65 -50.10 -9.51 -12.57
CA ALA C 65 -49.70 -8.13 -12.33
C ALA C 65 -48.47 -7.75 -13.13
N LEU C 66 -47.45 -8.61 -13.13
CA LEU C 66 -46.23 -8.34 -13.90
C LEU C 66 -46.51 -8.21 -15.38
N GLN C 67 -47.54 -8.90 -15.89
CA GLN C 67 -47.89 -8.75 -17.29
C GLN C 67 -48.48 -7.37 -17.56
N VAL C 68 -49.18 -6.80 -16.59
CA VAL C 68 -49.65 -5.42 -16.71
C VAL C 68 -48.46 -4.47 -16.76
N LEU C 69 -47.45 -4.73 -15.94
CA LEU C 69 -46.22 -3.92 -16.00
C LEU C 69 -45.57 -4.01 -17.37
N LYS C 70 -45.51 -5.21 -17.95
CA LYS C 70 -44.87 -5.35 -19.27
C LYS C 70 -45.64 -4.63 -20.35
N GLU C 71 -46.97 -4.54 -20.24
CA GLU C 71 -47.73 -3.71 -21.18
C GLU C 71 -47.35 -2.24 -21.04
N VAL C 72 -47.30 -1.74 -19.80
CA VAL C 72 -46.98 -0.33 -19.58
C VAL C 72 -45.56 -0.01 -20.05
N ILE C 73 -44.62 -0.92 -19.81
CA ILE C 73 -43.24 -0.69 -20.22
C ILE C 73 -43.12 -0.60 -21.74
N ASN C 74 -43.84 -1.48 -22.46
CA ASN C 74 -43.80 -1.42 -23.92
C ASN C 74 -44.43 -0.13 -24.43
N GLU C 75 -45.51 0.33 -23.81
CA GLU C 75 -46.15 1.57 -24.21
C GLU C 75 -45.19 2.75 -24.04
N GLU C 76 -44.50 2.81 -22.91
CA GLU C 76 -43.55 3.90 -22.69
C GLU C 76 -42.35 3.79 -23.61
N ALA C 77 -41.93 2.55 -23.90
CA ALA C 77 -40.82 2.35 -24.84
C ALA C 77 -41.19 2.85 -26.23
N ALA C 78 -42.45 2.66 -26.64
CA ALA C 78 -42.90 3.18 -27.92
C ALA C 78 -42.83 4.70 -27.95
N GLU C 79 -43.26 5.35 -26.86
CA GLU C 79 -43.15 6.81 -26.77
C GLU C 79 -41.70 7.25 -26.87
N TRP C 80 -40.77 6.48 -26.28
CA TRP C 80 -39.35 6.80 -26.38
C TRP C 80 -38.87 6.72 -27.82
N ASP C 81 -39.09 5.58 -28.48
CA ASP C 81 -38.64 5.41 -29.85
C ASP C 81 -39.23 6.44 -30.78
N ARG C 82 -40.48 6.85 -30.55
CA ARG C 82 -41.12 7.85 -31.39
C ARG C 82 -40.41 9.20 -31.28
N THR C 83 -40.01 9.60 -30.07
CA THR C 83 -39.34 10.86 -29.84
C THR C 83 -37.82 10.72 -29.82
N HIS C 84 -37.31 9.55 -30.17
CA HIS C 84 -35.87 9.29 -30.24
C HIS C 84 -35.65 8.34 -31.41
N PRO C 85 -35.78 8.85 -32.64
CA PRO C 85 -35.66 7.99 -33.82
C PRO C 85 -34.25 7.45 -33.95
N PRO C 86 -34.11 6.18 -34.40
CA PRO C 86 -32.80 5.56 -34.65
C PRO C 86 -32.01 6.28 -35.75
N PRO C 93 -20.04 4.02 -35.82
CA PRO C 93 -19.19 2.84 -35.99
C PRO C 93 -17.86 2.96 -35.23
N GLY C 94 -17.82 2.35 -34.05
CA GLY C 94 -16.68 2.46 -33.16
C GLY C 94 -17.11 2.76 -31.75
N GLN C 95 -18.17 3.55 -31.62
CA GLN C 95 -18.78 3.89 -30.34
C GLN C 95 -20.13 3.19 -30.21
N ILE C 96 -20.74 3.33 -29.03
CA ILE C 96 -21.99 2.64 -28.77
C ILE C 96 -23.13 3.29 -29.53
N ARG C 97 -24.20 2.54 -29.71
CA ARG C 97 -25.43 3.00 -30.34
C ARG C 97 -26.19 3.92 -29.40
N GLU C 98 -27.17 4.63 -29.96
CA GLU C 98 -28.04 5.43 -29.11
C GLU C 98 -29.18 4.56 -28.59
N PRO C 99 -29.55 4.67 -27.32
CA PRO C 99 -30.43 3.64 -26.73
C PRO C 99 -31.86 3.73 -27.26
N THR C 100 -32.39 2.56 -27.64
CA THR C 100 -33.78 2.42 -28.07
C THR C 100 -34.68 2.24 -26.85
N GLY C 101 -35.98 2.13 -27.11
CA GLY C 101 -36.92 1.87 -26.03
C GLY C 101 -36.63 0.57 -25.30
N SER C 102 -36.35 -0.50 -26.03
CA SER C 102 -36.06 -1.78 -25.42
C SER C 102 -34.70 -1.79 -24.72
N ASP C 103 -33.78 -0.92 -25.12
CA ASP C 103 -32.51 -0.82 -24.42
C ASP C 103 -32.68 -0.26 -23.02
N ILE C 104 -33.62 0.68 -22.85
CA ILE C 104 -33.86 1.24 -21.52
C ILE C 104 -34.58 0.21 -20.65
N ALA C 105 -35.42 -0.62 -21.26
CA ALA C 105 -36.06 -1.70 -20.53
C ALA C 105 -35.13 -2.86 -20.22
N GLY C 106 -33.87 -2.80 -20.66
CA GLY C 106 -32.91 -3.85 -20.37
C GLY C 106 -33.15 -5.16 -21.08
N THR C 107 -34.06 -5.20 -22.06
CA THR C 107 -34.37 -6.43 -22.76
C THR C 107 -33.44 -6.69 -23.92
N THR C 108 -32.89 -5.65 -24.54
CA THR C 108 -31.98 -5.79 -25.68
C THR C 108 -30.64 -5.13 -25.45
N SER C 109 -30.33 -4.73 -24.21
CA SER C 109 -29.06 -4.09 -23.89
C SER C 109 -28.40 -4.84 -22.73
N THR C 110 -27.08 -4.78 -22.69
CA THR C 110 -26.28 -5.47 -21.69
C THR C 110 -25.91 -4.55 -20.53
N GLN C 111 -25.40 -5.18 -19.47
CA GLN C 111 -24.92 -4.45 -18.30
C GLN C 111 -23.94 -3.36 -18.71
N GLN C 112 -22.97 -3.72 -19.56
CA GLN C 112 -21.92 -2.79 -19.94
C GLN C 112 -22.48 -1.62 -20.74
N GLU C 113 -23.36 -1.91 -21.70
CA GLU C 113 -23.97 -0.86 -22.51
C GLU C 113 -24.75 0.12 -21.65
N GLN C 114 -25.48 -0.37 -20.65
CA GLN C 114 -26.26 0.49 -19.78
C GLN C 114 -25.37 1.44 -18.99
N ILE C 115 -24.19 0.97 -18.59
CA ILE C 115 -23.26 1.83 -17.85
C ILE C 115 -22.65 2.87 -18.78
N ILE C 116 -22.33 2.47 -20.01
CA ILE C 116 -21.74 3.41 -20.97
C ILE C 116 -22.68 4.58 -21.21
N TRP C 117 -23.98 4.28 -21.37
CA TRP C 117 -24.98 5.32 -21.58
C TRP C 117 -25.07 6.25 -20.36
N THR C 118 -25.09 5.69 -19.16
CA THR C 118 -25.30 6.50 -17.96
C THR C 118 -24.06 7.30 -17.56
N THR C 119 -22.86 6.80 -17.84
CA THR C 119 -21.66 7.44 -17.31
C THR C 119 -20.83 8.16 -18.36
N ARG C 120 -21.19 8.05 -19.65
CA ARG C 120 -20.47 8.81 -20.67
C ARG C 120 -20.63 10.32 -20.43
N GLY C 121 -19.54 11.06 -20.67
CA GLY C 121 -19.61 12.50 -20.50
C GLY C 121 -20.45 13.18 -21.55
N ALA C 122 -20.43 12.65 -22.77
CA ALA C 122 -21.17 13.22 -23.89
C ALA C 122 -22.54 12.54 -24.00
N ASN C 123 -23.60 13.33 -23.81
CA ASN C 123 -24.98 12.88 -23.96
C ASN C 123 -25.28 11.70 -23.02
N SER C 124 -25.11 11.98 -21.72
CA SER C 124 -25.34 10.99 -20.68
C SER C 124 -26.83 10.77 -20.48
N ILE C 125 -27.33 9.58 -20.84
CA ILE C 125 -28.74 9.25 -20.72
C ILE C 125 -28.90 8.27 -19.56
N PRO C 126 -29.58 8.67 -18.46
CA PRO C 126 -29.77 7.79 -17.29
C PRO C 126 -30.87 6.76 -17.48
N VAL C 127 -30.51 5.65 -18.15
CA VAL C 127 -31.49 4.63 -18.48
C VAL C 127 -32.10 4.00 -17.23
N GLY C 128 -31.33 3.92 -16.14
CA GLY C 128 -31.87 3.36 -14.91
C GLY C 128 -33.04 4.17 -14.37
N ASP C 129 -32.85 5.49 -14.27
CA ASP C 129 -33.91 6.34 -13.72
C ASP C 129 -35.12 6.39 -14.63
N ILE C 130 -34.89 6.37 -15.96
CA ILE C 130 -36.00 6.38 -16.89
C ILE C 130 -36.83 5.11 -16.75
N TYR C 131 -36.16 3.95 -16.65
CA TYR C 131 -36.87 2.69 -16.55
C TYR C 131 -37.58 2.53 -15.21
N ARG C 132 -37.02 3.09 -14.13
CA ARG C 132 -37.73 3.12 -12.86
C ARG C 132 -39.01 3.94 -12.97
N LYS C 133 -38.96 5.04 -13.71
CA LYS C 133 -40.13 5.87 -13.91
C LYS C 133 -41.23 5.11 -14.64
N TRP C 134 -40.86 4.28 -15.61
CA TRP C 134 -41.85 3.50 -16.35
C TRP C 134 -42.53 2.48 -15.47
N ILE C 135 -41.80 1.88 -14.53
CA ILE C 135 -42.36 0.83 -13.69
C ILE C 135 -43.28 1.42 -12.63
N VAL C 136 -42.93 2.59 -12.09
CA VAL C 136 -43.83 3.26 -11.15
C VAL C 136 -45.17 3.55 -11.78
N LEU C 137 -45.19 3.88 -13.09
CA LEU C 137 -46.44 4.06 -13.80
C LEU C 137 -47.25 2.76 -13.81
N GLY C 138 -46.59 1.63 -14.06
CA GLY C 138 -47.29 0.36 -14.03
C GLY C 138 -47.69 -0.05 -12.62
N LEU C 139 -46.82 0.20 -11.65
CA LEU C 139 -47.14 -0.13 -10.27
C LEU C 139 -48.31 0.71 -9.74
N ASN C 140 -48.40 1.98 -10.16
CA ASN C 140 -49.55 2.79 -9.75
C ASN C 140 -50.86 2.20 -10.26
N LYS C 141 -50.85 1.66 -11.48
CA LYS C 141 -52.03 0.98 -11.99
C LYS C 141 -52.42 -0.22 -11.13
N MET C 142 -51.43 -0.92 -10.56
CA MET C 142 -51.72 -2.10 -9.75
C MET C 142 -52.23 -1.74 -8.36
N VAL C 143 -51.76 -0.61 -7.81
CA VAL C 143 -52.24 -0.19 -6.50
C VAL C 143 -53.74 0.10 -6.56
N LYS C 144 -54.21 0.76 -7.62
CA LYS C 144 -55.67 0.96 -7.74
C LYS C 144 -56.38 -0.37 -7.89
N MET C 145 -55.75 -1.34 -8.55
CA MET C 145 -56.44 -2.57 -8.91
C MET C 145 -56.66 -3.48 -7.71
N TYR C 146 -55.65 -3.67 -6.88
CA TYR C 146 -55.84 -4.47 -5.67
C TYR C 146 -56.52 -3.72 -4.54
N SER C 147 -56.97 -2.49 -4.76
CA SER C 147 -57.72 -1.79 -3.71
C SER C 147 -59.11 -2.39 -3.59
N PRO C 148 -59.43 -3.08 -2.49
CA PRO C 148 -60.71 -3.80 -2.42
C PRO C 148 -61.93 -2.90 -2.24
N VAL C 149 -61.90 -2.08 -1.20
CA VAL C 149 -63.07 -1.33 -0.77
C VAL C 149 -63.05 0.07 -1.38
N SER C 150 -64.23 0.61 -1.63
CA SER C 150 -64.39 2.00 -2.00
C SER C 150 -64.47 2.86 -0.74
N ILE C 151 -64.09 4.13 -0.88
CA ILE C 151 -64.09 5.03 0.26
C ILE C 151 -65.47 5.18 0.89
N LEU C 152 -66.52 4.71 0.19
CA LEU C 152 -67.88 4.91 0.68
C LEU C 152 -68.32 3.81 1.64
N ASP C 153 -67.82 2.60 1.46
CA ASP C 153 -68.19 1.49 2.34
C ASP C 153 -67.27 1.38 3.55
N ILE C 154 -66.56 2.44 3.90
CA ILE C 154 -65.75 2.49 5.11
C ILE C 154 -66.60 3.27 6.12
N ARG C 155 -67.32 2.52 6.95
CA ARG C 155 -68.18 3.11 7.97
C ARG C 155 -67.71 2.65 9.34
N GLN C 156 -67.71 3.59 10.29
CA GLN C 156 -67.25 3.28 11.63
C GLN C 156 -68.17 2.27 12.29
N GLY C 157 -67.59 1.22 12.86
CA GLY C 157 -68.35 0.24 13.59
C GLY C 157 -69.05 0.88 14.77
N PRO C 158 -70.18 0.30 15.19
CA PRO C 158 -70.91 0.88 16.32
C PRO C 158 -70.07 1.08 17.56
N LYS C 159 -69.17 0.13 17.85
CA LYS C 159 -68.27 0.22 18.99
C LYS C 159 -66.81 0.28 18.56
N GLU C 160 -66.56 0.83 17.36
CA GLU C 160 -65.20 0.95 16.85
C GLU C 160 -64.56 2.25 17.33
N PRO C 161 -63.34 2.21 17.84
CA PRO C 161 -62.67 3.45 18.25
C PRO C 161 -62.40 4.36 17.05
N PHE C 162 -62.58 5.67 17.27
CA PHE C 162 -62.41 6.64 16.20
C PHE C 162 -61.00 6.61 15.63
N ARG C 163 -60.00 6.35 16.49
CA ARG C 163 -58.62 6.23 16.03
C ARG C 163 -58.48 5.19 14.92
N ASP C 164 -59.05 4.00 15.14
CA ASP C 164 -58.92 2.92 14.17
C ASP C 164 -59.79 3.18 12.94
N TYR C 165 -60.93 3.84 13.15
CA TYR C 165 -61.78 4.25 12.02
C TYR C 165 -61.07 5.24 11.12
N VAL C 166 -60.32 6.18 11.69
CA VAL C 166 -59.59 7.15 10.88
C VAL C 166 -58.53 6.47 10.04
N ASP C 167 -57.86 5.46 10.60
CA ASP C 167 -56.82 4.77 9.85
C ASP C 167 -57.39 3.96 8.69
N ARG C 168 -58.50 3.25 8.90
CA ARG C 168 -59.12 2.54 7.78
C ARG C 168 -59.63 3.53 6.74
N PHE C 169 -60.06 4.71 7.17
CA PHE C 169 -60.56 5.70 6.23
C PHE C 169 -59.45 6.20 5.31
N TYR C 170 -58.34 6.65 5.88
CA TYR C 170 -57.26 7.21 5.09
C TYR C 170 -56.37 6.14 4.44
N LYS C 171 -56.37 4.91 4.96
CA LYS C 171 -55.73 3.81 4.24
C LYS C 171 -56.46 3.53 2.93
N THR C 172 -57.79 3.41 3.01
CA THR C 172 -58.59 3.23 1.81
C THR C 172 -58.45 4.42 0.87
N LEU C 173 -58.45 5.64 1.42
CA LEU C 173 -58.29 6.82 0.60
C LEU C 173 -56.95 6.83 -0.11
N ARG C 174 -55.91 6.30 0.52
CA ARG C 174 -54.59 6.29 -0.09
C ARG C 174 -54.51 5.35 -1.28
N ALA C 175 -55.26 4.25 -1.26
CA ALA C 175 -55.16 3.27 -2.34
C ALA C 175 -55.58 3.86 -3.69
N GLU C 176 -56.58 4.72 -3.69
CA GLU C 176 -56.91 5.52 -4.86
C GLU C 176 -56.70 7.01 -4.60
N THR C 189 -65.02 16.15 5.29
CA THR C 189 -66.46 16.32 5.10
C THR C 189 -67.13 14.96 4.93
N LEU C 190 -66.41 14.02 4.34
CA LEU C 190 -66.92 12.65 4.23
C LEU C 190 -66.65 11.86 5.50
N LEU C 191 -65.56 12.17 6.20
CA LEU C 191 -65.21 11.47 7.44
C LEU C 191 -66.31 11.59 8.49
N VAL C 192 -66.92 12.77 8.60
CA VAL C 192 -67.90 13.00 9.65
C VAL C 192 -69.20 12.25 9.37
N GLN C 193 -69.59 12.15 8.10
CA GLN C 193 -70.85 11.48 7.76
C GLN C 193 -70.84 10.01 8.17
N ASN C 194 -69.75 9.30 7.88
CA ASN C 194 -69.67 7.86 8.09
C ASN C 194 -69.24 7.47 9.50
N SER C 195 -69.02 8.44 10.39
CA SER C 195 -68.70 8.13 11.77
C SER C 195 -69.92 7.57 12.49
N ASN C 196 -69.67 6.82 13.55
CA ASN C 196 -70.75 6.19 14.30
C ASN C 196 -71.61 7.24 14.99
N PRO C 197 -72.84 6.86 15.40
CA PRO C 197 -73.77 7.87 15.94
C PRO C 197 -73.23 8.59 17.18
N ASP C 198 -72.37 7.95 17.97
CA ASP C 198 -71.89 8.61 19.18
C ASP C 198 -70.93 9.74 18.85
N CYS C 199 -70.00 9.50 17.91
CA CYS C 199 -69.03 10.53 17.56
CA CYS C 199 -69.03 10.53 17.56
C CYS C 199 -69.65 11.62 16.69
N LYS C 200 -70.63 11.26 15.85
CA LYS C 200 -71.24 12.25 14.97
C LYS C 200 -71.85 13.39 15.76
N GLN C 201 -72.48 13.09 16.89
CA GLN C 201 -72.96 14.14 17.78
C GLN C 201 -71.82 15.00 18.29
N ILE C 202 -70.70 14.37 18.66
CA ILE C 202 -69.57 15.09 19.24
C ILE C 202 -68.83 15.87 18.15
N LEU C 203 -68.71 15.30 16.95
CA LEU C 203 -67.93 15.95 15.90
C LEU C 203 -68.62 17.20 15.37
N LYS C 204 -69.94 17.13 15.13
CA LYS C 204 -70.69 18.29 14.71
C LYS C 204 -70.71 19.39 15.77
N ALA C 205 -70.53 19.03 17.04
CA ALA C 205 -70.52 19.97 18.15
C ALA C 205 -69.22 20.77 18.27
N LEU C 206 -68.20 20.44 17.49
CA LEU C 206 -66.93 21.16 17.53
C LEU C 206 -66.86 22.37 16.60
N GLY C 207 -67.91 22.64 15.84
CA GLY C 207 -67.90 23.76 14.93
C GLY C 207 -67.03 23.55 13.71
N PRO C 208 -67.20 24.41 12.71
CA PRO C 208 -66.43 24.26 11.47
C PRO C 208 -64.97 24.67 11.63
N GLY C 209 -64.13 24.11 10.78
CA GLY C 209 -62.72 24.43 10.78
C GLY C 209 -61.85 23.62 11.72
N ALA C 210 -62.39 22.56 12.33
CA ALA C 210 -61.61 21.76 13.25
C ALA C 210 -60.65 20.84 12.51
N THR C 211 -59.42 20.76 13.02
CA THR C 211 -58.36 19.93 12.48
C THR C 211 -58.59 18.45 12.82
N LEU C 212 -57.89 17.58 12.09
CA LEU C 212 -57.98 16.15 12.37
C LEU C 212 -57.48 15.81 13.77
N GLU C 213 -56.47 16.54 14.25
CA GLU C 213 -56.03 16.38 15.64
C GLU C 213 -57.18 16.60 16.61
N GLU C 214 -57.88 17.72 16.45
CA GLU C 214 -58.99 18.05 17.35
C GLU C 214 -60.08 16.99 17.28
N MET C 215 -60.32 16.43 16.10
CA MET C 215 -61.35 15.41 15.95
C MET C 215 -60.96 14.12 16.67
N MET C 216 -59.70 13.68 16.52
CA MET C 216 -59.27 12.44 17.15
C MET C 216 -59.26 12.55 18.67
N VAL C 217 -58.96 13.74 19.20
CA VAL C 217 -58.98 13.93 20.65
C VAL C 217 -60.40 13.90 21.20
N ALA C 218 -61.33 14.55 20.50
CA ALA C 218 -62.70 14.66 20.99
C ALA C 218 -63.49 13.35 20.91
N CYS C 219 -62.93 12.32 20.29
CA CYS C 219 -63.53 10.99 20.21
C CYS C 219 -62.69 9.93 20.89
N GLN C 220 -62.03 10.29 21.99
CA GLN C 220 -61.21 9.32 22.70
C GLN C 220 -61.75 9.05 24.10
N PRO D 1 -28.96 11.18 1.64
CA PRO D 1 -28.01 12.20 2.07
C PRO D 1 -27.20 12.78 0.91
N ILE D 2 -26.25 13.65 1.21
CA ILE D 2 -25.38 14.28 0.23
C ILE D 2 -23.98 13.73 0.37
N VAL D 3 -23.31 13.50 -0.76
CA VAL D 3 -21.92 13.05 -0.80
C VAL D 3 -21.20 13.74 -1.96
N THR D 4 -19.88 13.66 -1.93
CA THR D 4 -19.03 14.20 -2.97
C THR D 4 -18.47 13.07 -3.82
N ASN D 5 -18.61 13.20 -5.14
CA ASN D 5 -18.10 12.21 -6.07
C ASN D 5 -16.59 12.38 -6.25
N ALA D 6 -16.01 11.59 -7.15
CA ALA D 6 -14.57 11.69 -7.43
C ALA D 6 -14.20 13.06 -7.96
N GLN D 7 -15.12 13.72 -8.66
CA GLN D 7 -14.86 15.04 -9.24
C GLN D 7 -14.96 16.16 -8.21
N GLY D 8 -15.44 15.87 -7.00
CA GLY D 8 -15.62 16.88 -5.98
C GLY D 8 -16.95 17.57 -6.02
N GLN D 9 -17.92 17.04 -6.75
CA GLN D 9 -19.23 17.66 -6.89
C GLN D 9 -20.20 17.11 -5.85
N MET D 10 -21.19 17.92 -5.50
CA MET D 10 -22.20 17.54 -4.51
C MET D 10 -23.30 16.77 -5.23
N ILE D 11 -23.43 15.48 -4.90
CA ILE D 11 -24.39 14.60 -5.55
C ILE D 11 -25.25 13.90 -4.51
N HIS D 12 -26.43 13.47 -4.94
CA HIS D 12 -27.37 12.81 -4.05
C HIS D 12 -26.99 11.35 -3.86
N GLN D 13 -27.10 10.88 -2.61
CA GLN D 13 -26.88 9.49 -2.26
C GLN D 13 -28.17 8.89 -1.72
N CYS D 14 -28.50 7.70 -2.21
CA CYS D 14 -29.75 7.06 -1.88
C CYS D 14 -29.76 6.65 -0.41
N ILE D 15 -30.92 6.79 0.24
CA ILE D 15 -31.02 6.35 1.62
C ILE D 15 -30.85 4.84 1.66
N SER D 16 -30.15 4.33 2.67
CA SER D 16 -29.81 2.93 2.61
C SER D 16 -31.02 2.07 2.96
N PRO D 17 -31.14 0.90 2.32
CA PRO D 17 -32.22 -0.02 2.68
C PRO D 17 -32.21 -0.41 4.15
N ARG D 18 -31.02 -0.51 4.77
CA ARG D 18 -30.96 -0.78 6.19
C ARG D 18 -31.65 0.31 6.99
N THR D 19 -31.26 1.57 6.76
CA THR D 19 -31.84 2.69 7.49
C THR D 19 -33.35 2.75 7.31
N LEU D 20 -33.82 2.48 6.08
CA LEU D 20 -35.26 2.54 5.81
C LEU D 20 -36.01 1.51 6.64
N ASN D 21 -35.50 0.28 6.73
CA ASN D 21 -36.16 -0.73 7.54
C ASN D 21 -36.10 -0.39 9.02
N ALA D 22 -34.99 0.20 9.47
CA ALA D 22 -34.91 0.64 10.85
C ALA D 22 -36.04 1.62 11.18
N TRP D 23 -36.34 2.53 10.25
CA TRP D 23 -37.46 3.45 10.45
C TRP D 23 -38.80 2.74 10.36
N VAL D 24 -38.96 1.84 9.39
CA VAL D 24 -40.23 1.12 9.26
C VAL D 24 -40.49 0.28 10.51
N LYS D 25 -39.49 -0.48 10.95
CA LYS D 25 -39.67 -1.29 12.15
C LYS D 25 -39.93 -0.42 13.37
N ALA D 26 -39.26 0.72 13.48
CA ALA D 26 -39.46 1.60 14.62
C ALA D 26 -40.91 2.06 14.72
N VAL D 27 -41.50 2.47 13.60
CA VAL D 27 -42.89 2.93 13.61
C VAL D 27 -43.83 1.77 13.91
N GLU D 28 -43.51 0.58 13.39
CA GLU D 28 -44.34 -0.59 13.66
C GLU D 28 -44.27 -1.00 15.13
N GLU D 29 -43.07 -0.92 15.72
CA GLU D 29 -42.83 -1.42 17.06
C GLU D 29 -43.10 -0.37 18.13
N LYS D 30 -42.61 0.85 17.92
CA LYS D 30 -42.67 1.89 18.94
C LYS D 30 -43.87 2.81 18.78
N ALA D 31 -44.80 2.46 17.89
CA ALA D 31 -46.01 3.24 17.63
C ALA D 31 -45.75 4.74 17.59
N PHE D 32 -46.33 5.47 18.53
CA PHE D 32 -46.03 6.88 18.75
C PHE D 32 -45.71 7.13 20.21
N ASN D 33 -44.99 6.18 20.82
CA ASN D 33 -44.36 6.40 22.10
C ASN D 33 -43.35 7.55 21.97
N PRO D 34 -43.00 8.20 23.08
CA PRO D 34 -42.11 9.37 22.98
C PRO D 34 -40.79 9.09 22.28
N GLU D 35 -40.25 7.86 22.38
CA GLU D 35 -38.95 7.57 21.78
C GLU D 35 -38.98 7.51 20.26
N ILE D 36 -40.14 7.70 19.62
CA ILE D 36 -40.15 7.74 18.16
C ILE D 36 -39.53 9.03 17.62
N ILE D 37 -39.53 10.10 18.42
CA ILE D 37 -38.97 11.38 18.04
C ILE D 37 -37.47 11.26 17.87
N PRO D 38 -36.70 10.76 18.86
CA PRO D 38 -35.26 10.60 18.62
C PRO D 38 -34.96 9.57 17.55
N MET D 39 -35.84 8.60 17.36
CA MET D 39 -35.61 7.58 16.33
C MET D 39 -35.68 8.20 14.94
N PHE D 40 -36.70 9.03 14.70
CA PHE D 40 -36.80 9.75 13.44
C PHE D 40 -35.59 10.65 13.22
N MET D 41 -35.21 11.42 14.25
CA MET D 41 -34.10 12.36 14.12
C MET D 41 -32.79 11.64 13.81
N ALA D 42 -32.59 10.45 14.40
CA ALA D 42 -31.36 9.72 14.15
C ALA D 42 -31.34 9.12 12.75
N LEU D 43 -32.46 8.53 12.33
CA LEU D 43 -32.49 7.83 11.05
C LEU D 43 -32.57 8.78 9.86
N SER D 44 -33.09 9.99 10.06
CA SER D 44 -33.17 11.00 9.01
C SER D 44 -31.99 11.95 9.03
N CYS D 45 -30.92 11.60 9.75
CA CYS D 45 -29.80 12.51 9.92
C CYS D 45 -29.06 12.71 8.59
N GLY D 46 -28.86 13.96 8.21
CA GLY D 46 -28.21 14.30 6.96
C GLY D 46 -29.06 14.17 5.72
N ALA D 47 -30.37 13.94 5.87
CA ALA D 47 -31.24 13.69 4.74
C ALA D 47 -31.79 14.99 4.14
N VAL D 48 -31.93 15.00 2.82
CA VAL D 48 -32.61 16.08 2.10
C VAL D 48 -34.11 15.77 2.09
N PRO D 49 -34.99 16.73 1.77
CA PRO D 49 -36.43 16.44 1.78
C PRO D 49 -36.85 15.25 0.93
N TYR D 50 -36.20 14.99 -0.20
CA TYR D 50 -36.54 13.81 -0.99
C TYR D 50 -36.41 12.54 -0.17
N ASP D 51 -35.34 12.42 0.61
CA ASP D 51 -35.13 11.23 1.42
C ASP D 51 -36.21 11.08 2.49
N ILE D 52 -36.60 12.20 3.11
CA ILE D 52 -37.54 12.15 4.23
C ILE D 52 -38.92 11.70 3.74
N ASN D 53 -39.33 12.16 2.56
CA ASN D 53 -40.61 11.72 2.02
C ASN D 53 -40.63 10.22 1.78
N THR D 54 -39.49 9.65 1.38
CA THR D 54 -39.39 8.20 1.27
C THR D 54 -39.67 7.53 2.60
N MET D 55 -39.17 8.09 3.69
CA MET D 55 -39.43 7.53 5.02
C MET D 55 -40.92 7.57 5.36
N LEU D 56 -41.54 8.74 5.22
CA LEU D 56 -42.95 8.88 5.56
C LEU D 56 -43.84 8.03 4.67
N ASN D 57 -43.57 8.02 3.37
CA ASN D 57 -44.39 7.27 2.43
C ASN D 57 -44.21 5.76 2.58
N ALA D 58 -43.10 5.31 3.14
CA ALA D 58 -42.87 3.88 3.29
C ALA D 58 -43.71 3.26 4.39
N ILE D 59 -44.26 4.06 5.30
CA ILE D 59 -45.12 3.54 6.34
C ILE D 59 -46.41 3.01 5.74
N GLY D 60 -46.80 1.81 6.13
CA GLY D 60 -47.97 1.17 5.57
C GLY D 60 -49.25 1.55 6.30
N GLY D 61 -49.27 1.33 7.61
CA GLY D 61 -50.39 1.71 8.44
C GLY D 61 -50.26 3.12 8.98
N HIS D 62 -50.99 3.38 10.07
CA HIS D 62 -50.92 4.66 10.78
C HIS D 62 -51.24 5.84 9.87
N GLN D 63 -52.15 5.65 8.92
CA GLN D 63 -52.42 6.69 7.93
C GLN D 63 -53.16 7.88 8.52
N GLY D 64 -53.94 7.66 9.59
CA GLY D 64 -54.52 8.80 10.28
C GLY D 64 -53.47 9.68 10.92
N ALA D 65 -52.43 9.07 11.48
CA ALA D 65 -51.33 9.83 12.06
C ALA D 65 -50.59 10.62 10.99
N LEU D 66 -50.28 9.98 9.86
CA LEU D 66 -49.60 10.67 8.77
C LEU D 66 -50.42 11.84 8.23
N GLN D 67 -51.75 11.75 8.29
CA GLN D 67 -52.57 12.87 7.83
C GLN D 67 -52.46 14.07 8.76
N VAL D 68 -52.30 13.83 10.06
CA VAL D 68 -52.06 14.93 10.98
C VAL D 68 -50.72 15.60 10.69
N LEU D 69 -49.69 14.80 10.37
CA LEU D 69 -48.40 15.38 10.03
C LEU D 69 -48.48 16.30 8.81
N LYS D 70 -49.18 15.86 7.75
CA LYS D 70 -49.24 16.69 6.55
C LYS D 70 -50.02 17.98 6.78
N GLU D 71 -51.01 17.97 7.68
CA GLU D 71 -51.65 19.23 8.07
C GLU D 71 -50.65 20.14 8.75
N VAL D 72 -49.85 19.61 9.66
CA VAL D 72 -48.84 20.40 10.35
C VAL D 72 -47.81 20.95 9.35
N ILE D 73 -47.43 20.12 8.37
CA ILE D 73 -46.45 20.54 7.37
C ILE D 73 -46.99 21.71 6.54
N ASN D 74 -48.27 21.65 6.16
CA ASN D 74 -48.84 22.74 5.39
C ASN D 74 -48.88 24.04 6.19
N GLU D 75 -49.20 23.93 7.49
CA GLU D 75 -49.22 25.11 8.35
C GLU D 75 -47.84 25.72 8.46
N GLU D 76 -46.82 24.89 8.67
CA GLU D 76 -45.45 25.41 8.78
C GLU D 76 -44.95 25.92 7.43
N ALA D 77 -45.34 25.26 6.34
CA ALA D 77 -44.96 25.74 5.01
C ALA D 77 -45.57 27.10 4.72
N ALA D 78 -46.82 27.33 5.16
CA ALA D 78 -47.44 28.63 4.99
C ALA D 78 -46.69 29.70 5.78
N GLU D 79 -46.30 29.39 7.01
CA GLU D 79 -45.51 30.34 7.80
C GLU D 79 -44.21 30.68 7.09
N TRP D 80 -43.58 29.70 6.43
CA TRP D 80 -42.39 29.96 5.65
C TRP D 80 -42.66 30.93 4.51
N ASP D 81 -43.67 30.62 3.69
CA ASP D 81 -44.00 31.46 2.55
C ASP D 81 -44.33 32.89 2.96
N ARG D 82 -44.94 33.06 4.13
CA ARG D 82 -45.28 34.40 4.60
C ARG D 82 -44.04 35.25 4.84
N THR D 83 -42.99 34.65 5.42
CA THR D 83 -41.77 35.37 5.75
C THR D 83 -40.69 35.24 4.68
N HIS D 84 -41.01 34.69 3.51
CA HIS D 84 -40.03 34.54 2.43
C HIS D 84 -40.72 34.72 1.08
N PRO D 85 -41.06 35.97 0.73
CA PRO D 85 -41.74 36.25 -0.54
C PRO D 85 -40.88 35.92 -1.76
N PRO D 93 -32.74 34.49 -13.21
CA PRO D 93 -32.29 34.24 -14.58
C PRO D 93 -30.86 33.68 -14.62
N GLY D 94 -30.74 32.36 -14.60
CA GLY D 94 -29.46 31.68 -14.55
C GLY D 94 -29.10 31.12 -13.19
N GLN D 95 -29.88 31.42 -12.16
CA GLN D 95 -29.63 30.97 -10.80
C GLN D 95 -30.86 30.27 -10.27
N ILE D 96 -30.70 29.61 -9.12
CA ILE D 96 -31.81 28.87 -8.53
C ILE D 96 -32.78 29.85 -7.86
N ARG D 97 -34.06 29.54 -7.95
CA ARG D 97 -35.09 30.29 -7.25
C ARG D 97 -34.89 30.18 -5.74
N GLU D 98 -35.59 31.06 -5.02
CA GLU D 98 -35.52 30.93 -3.56
C GLU D 98 -36.60 29.94 -3.10
N PRO D 99 -36.29 29.04 -2.16
CA PRO D 99 -37.20 27.92 -1.88
C PRO D 99 -38.47 28.37 -1.17
N THR D 100 -39.61 27.88 -1.67
CA THR D 100 -40.90 28.11 -1.04
C THR D 100 -41.14 27.07 0.06
N GLY D 101 -42.28 27.18 0.74
CA GLY D 101 -42.63 26.20 1.76
C GLY D 101 -42.72 24.79 1.22
N SER D 102 -43.37 24.63 0.06
CA SER D 102 -43.49 23.30 -0.53
C SER D 102 -42.16 22.81 -1.08
N ASP D 103 -41.25 23.72 -1.42
CA ASP D 103 -39.91 23.29 -1.84
C ASP D 103 -39.16 22.66 -0.68
N ILE D 104 -39.35 23.19 0.53
CA ILE D 104 -38.70 22.62 1.70
C ILE D 104 -39.38 21.30 2.05
N ALA D 105 -40.68 21.18 1.80
CA ALA D 105 -41.37 19.91 2.02
C ALA D 105 -41.05 18.87 0.95
N GLY D 106 -40.26 19.23 -0.06
CA GLY D 106 -39.89 18.28 -1.10
C GLY D 106 -41.00 17.90 -2.04
N THR D 107 -42.14 18.57 -1.98
CA THR D 107 -43.28 18.23 -2.84
C THR D 107 -43.22 18.93 -4.19
N THR D 108 -42.59 20.11 -4.25
CA THR D 108 -42.47 20.86 -5.49
C THR D 108 -41.01 21.15 -5.85
N SER D 109 -40.06 20.50 -5.19
CA SER D 109 -38.65 20.69 -5.47
C SER D 109 -38.01 19.33 -5.74
N THR D 110 -36.94 19.33 -6.52
CA THR D 110 -36.25 18.11 -6.89
C THR D 110 -35.06 17.87 -5.96
N GLN D 111 -34.54 16.64 -6.04
CA GLN D 111 -33.37 16.24 -5.26
C GLN D 111 -32.22 17.21 -5.46
N GLN D 112 -31.92 17.53 -6.72
CA GLN D 112 -30.78 18.38 -7.05
C GLN D 112 -30.97 19.79 -6.51
N GLU D 113 -32.19 20.34 -6.65
CA GLU D 113 -32.47 21.68 -6.14
C GLU D 113 -32.25 21.74 -4.63
N GLN D 114 -32.64 20.67 -3.92
CA GLN D 114 -32.47 20.62 -2.47
C GLN D 114 -31.00 20.65 -2.08
N ILE D 115 -30.14 20.04 -2.88
CA ILE D 115 -28.71 20.03 -2.57
C ILE D 115 -28.08 21.41 -2.80
N ILE D 116 -28.51 22.10 -3.86
CA ILE D 116 -27.99 23.44 -4.14
C ILE D 116 -28.29 24.38 -2.98
N TRP D 117 -29.51 24.30 -2.45
CA TRP D 117 -29.92 25.15 -1.33
C TRP D 117 -29.07 24.90 -0.09
N THR D 118 -28.80 23.63 0.22
CA THR D 118 -28.08 23.30 1.44
C THR D 118 -26.58 23.59 1.35
N THR D 119 -26.01 23.49 0.14
CA THR D 119 -24.56 23.53 -0.04
C THR D 119 -24.05 24.81 -0.68
N ARG D 120 -24.93 25.78 -0.97
CA ARG D 120 -24.52 27.04 -1.58
C ARG D 120 -23.42 27.75 -0.78
N SER D 124 -27.13 29.62 1.70
CA SER D 124 -26.96 28.48 2.59
C SER D 124 -28.22 28.24 3.42
N ILE D 125 -29.23 27.64 2.81
CA ILE D 125 -30.50 27.34 3.47
C ILE D 125 -30.58 25.83 3.67
N PRO D 126 -30.53 25.35 4.91
CA PRO D 126 -30.62 23.89 5.17
C PRO D 126 -32.05 23.37 5.10
N VAL D 127 -32.52 23.14 3.87
CA VAL D 127 -33.91 22.72 3.66
C VAL D 127 -34.19 21.38 4.30
N GLY D 128 -33.19 20.49 4.37
CA GLY D 128 -33.40 19.20 5.00
C GLY D 128 -33.75 19.30 6.48
N ASP D 129 -32.96 20.05 7.24
CA ASP D 129 -33.19 20.17 8.67
C ASP D 129 -34.48 20.93 8.99
N ILE D 130 -34.83 21.92 8.16
CA ILE D 130 -36.06 22.68 8.38
C ILE D 130 -37.27 21.75 8.28
N TYR D 131 -37.28 20.90 7.24
CA TYR D 131 -38.40 19.99 7.05
C TYR D 131 -38.46 18.94 8.15
N ARG D 132 -37.31 18.54 8.70
CA ARG D 132 -37.31 17.67 9.86
C ARG D 132 -37.93 18.36 11.07
N LYS D 133 -37.68 19.66 11.24
CA LYS D 133 -38.28 20.40 12.36
C LYS D 133 -39.80 20.44 12.23
N TRP D 134 -40.30 20.56 11.01
CA TRP D 134 -41.74 20.57 10.80
C TRP D 134 -42.36 19.23 11.14
N ILE D 135 -41.66 18.14 10.81
CA ILE D 135 -42.21 16.81 11.05
C ILE D 135 -42.14 16.42 12.52
N VAL D 136 -41.04 16.80 13.19
CA VAL D 136 -40.97 16.58 14.63
C VAL D 136 -42.10 17.32 15.36
N LEU D 137 -42.45 18.51 14.85
CA LEU D 137 -43.57 19.25 15.42
C LEU D 137 -44.88 18.47 15.27
N GLY D 138 -45.08 17.84 14.11
CA GLY D 138 -46.27 17.03 13.92
C GLY D 138 -46.24 15.75 14.73
N LEU D 139 -45.07 15.12 14.83
CA LEU D 139 -44.94 13.90 15.62
C LEU D 139 -45.20 14.16 17.11
N ASN D 140 -44.84 15.35 17.61
CA ASN D 140 -45.14 15.67 19.00
C ASN D 140 -46.64 15.66 19.28
N LYS D 141 -47.43 16.16 18.33
CA LYS D 141 -48.88 16.12 18.48
C LYS D 141 -49.39 14.68 18.56
N MET D 142 -48.77 13.75 17.83
CA MET D 142 -49.21 12.37 17.87
C MET D 142 -48.79 11.65 19.16
N VAL D 143 -47.62 11.97 19.69
CA VAL D 143 -47.17 11.33 20.92
C VAL D 143 -48.08 11.70 22.08
N LYS D 144 -48.45 12.99 22.18
CA LYS D 144 -49.43 13.41 23.17
C LYS D 144 -50.78 12.73 22.94
N MET D 145 -51.10 12.45 21.67
CA MET D 145 -52.42 11.91 21.35
C MET D 145 -52.55 10.45 21.76
N TYR D 146 -51.54 9.64 21.46
CA TYR D 146 -51.57 8.24 21.89
C TYR D 146 -51.21 8.03 23.35
N SER D 147 -50.99 9.09 24.12
CA SER D 147 -50.76 8.91 25.54
C SER D 147 -52.07 8.56 26.23
N PRO D 148 -52.24 7.34 26.75
CA PRO D 148 -53.55 6.94 27.28
C PRO D 148 -53.90 7.64 28.58
N VAL D 149 -53.03 7.53 29.57
CA VAL D 149 -53.32 7.97 30.94
C VAL D 149 -52.80 9.39 31.12
N SER D 150 -53.49 10.15 31.96
CA SER D 150 -53.00 11.46 32.37
C SER D 150 -52.05 11.31 33.55
N ILE D 151 -51.08 12.24 33.63
CA ILE D 151 -50.11 12.21 34.72
C ILE D 151 -50.80 12.32 36.08
N LEU D 152 -52.01 12.88 36.12
CA LEU D 152 -52.73 13.02 37.37
C LEU D 152 -53.25 11.67 37.87
N ASP D 153 -53.57 10.76 36.96
CA ASP D 153 -54.08 9.43 37.31
C ASP D 153 -52.97 8.39 37.47
N ILE D 154 -51.74 8.82 37.70
CA ILE D 154 -50.61 7.93 37.94
C ILE D 154 -50.39 7.89 39.45
N ARG D 155 -50.93 6.88 40.11
CA ARG D 155 -50.80 6.70 41.54
C ARG D 155 -50.10 5.38 41.82
N GLN D 156 -49.19 5.41 42.80
CA GLN D 156 -48.41 4.22 43.14
C GLN D 156 -49.33 3.14 43.69
N GLY D 157 -49.19 1.92 43.18
CA GLY D 157 -49.94 0.79 43.67
C GLY D 157 -49.63 0.51 45.13
N PRO D 158 -50.53 -0.20 45.82
CA PRO D 158 -50.30 -0.47 47.25
C PRO D 158 -49.00 -1.21 47.51
N LYS D 159 -48.74 -2.29 46.76
CA LYS D 159 -47.52 -3.07 46.88
C LYS D 159 -46.61 -2.90 45.68
N GLU D 160 -46.68 -1.73 45.02
CA GLU D 160 -45.84 -1.46 43.86
C GLU D 160 -44.50 -0.89 44.32
N PRO D 161 -43.38 -1.40 43.81
CA PRO D 161 -42.09 -0.82 44.19
C PRO D 161 -41.94 0.59 43.66
N PHE D 162 -41.31 1.45 44.48
CA PHE D 162 -41.14 2.85 44.12
C PHE D 162 -40.37 2.98 42.81
N ARG D 163 -39.44 2.05 42.56
CA ARG D 163 -38.69 2.02 41.31
C ARG D 163 -39.63 1.97 40.10
N ASP D 164 -40.59 1.05 40.12
CA ASP D 164 -41.47 0.86 38.97
C ASP D 164 -42.49 2.00 38.87
N TYR D 165 -42.92 2.53 40.02
CA TYR D 165 -43.81 3.68 40.02
C TYR D 165 -43.14 4.91 39.42
N VAL D 166 -41.87 5.14 39.75
CA VAL D 166 -41.17 6.31 39.21
C VAL D 166 -41.02 6.21 37.70
N ASP D 167 -40.71 5.01 37.19
CA ASP D 167 -40.56 4.85 35.75
C ASP D 167 -41.91 5.03 35.05
N ARG D 168 -42.95 4.43 35.62
CA ARG D 168 -44.30 4.61 35.08
C ARG D 168 -44.76 6.06 35.21
N PHE D 169 -44.30 6.76 36.25
CA PHE D 169 -44.64 8.18 36.41
C PHE D 169 -44.00 9.02 35.31
N TYR D 170 -42.69 8.90 35.12
CA TYR D 170 -41.97 9.75 34.19
C TYR D 170 -42.15 9.33 32.73
N LYS D 171 -42.58 8.09 32.46
CA LYS D 171 -42.97 7.75 31.10
C LYS D 171 -44.19 8.56 30.68
N THR D 172 -45.20 8.61 31.54
CA THR D 172 -46.37 9.43 31.27
C THR D 172 -46.01 10.91 31.16
N LEU D 173 -45.15 11.39 32.07
CA LEU D 173 -44.74 12.79 32.03
C LEU D 173 -44.02 13.13 30.74
N ARG D 174 -43.28 12.17 30.18
CA ARG D 174 -42.55 12.43 28.95
C ARG D 174 -43.47 12.62 27.76
N ALA D 175 -44.61 11.91 27.73
CA ALA D 175 -45.48 12.00 26.57
C ALA D 175 -46.07 13.39 26.39
N GLU D 176 -46.42 14.06 27.48
CA GLU D 176 -46.76 15.47 27.45
C GLU D 176 -45.79 16.32 28.30
N THR D 189 -43.56 17.49 42.91
CA THR D 189 -44.60 17.78 43.89
C THR D 189 -45.78 16.83 43.73
N LEU D 190 -46.02 16.39 42.49
CA LEU D 190 -47.07 15.41 42.23
C LEU D 190 -46.58 14.00 42.48
N LEU D 191 -45.29 13.74 42.25
CA LEU D 191 -44.71 12.42 42.49
C LEU D 191 -44.89 12.01 43.95
N VAL D 192 -44.68 12.96 44.88
CA VAL D 192 -44.79 12.64 46.29
C VAL D 192 -46.25 12.47 46.69
N GLN D 193 -47.15 13.27 46.09
CA GLN D 193 -48.57 13.19 46.43
C GLN D 193 -49.14 11.83 46.07
N ASN D 194 -48.84 11.33 44.88
CA ASN D 194 -49.42 10.09 44.39
C ASN D 194 -48.63 8.86 44.81
N SER D 195 -47.56 9.02 45.59
CA SER D 195 -46.85 7.88 46.12
C SER D 195 -47.70 7.18 47.20
N ASN D 196 -47.39 5.90 47.43
CA ASN D 196 -48.16 5.10 48.37
C ASN D 196 -47.97 5.64 49.79
N PRO D 197 -48.77 5.19 50.76
CA PRO D 197 -48.64 5.74 52.12
C PRO D 197 -47.29 5.49 52.77
N ASP D 198 -46.63 4.37 52.46
CA ASP D 198 -45.36 4.07 53.12
C ASP D 198 -44.25 5.03 52.70
N CYS D 199 -44.26 5.44 51.43
CA CYS D 199 -43.21 6.29 50.88
CA CYS D 199 -43.21 6.29 50.88
C CYS D 199 -43.45 7.76 51.14
N LYS D 200 -44.70 8.21 51.07
CA LYS D 200 -45.00 9.63 51.29
C LYS D 200 -44.51 10.09 52.66
N GLN D 201 -44.66 9.25 53.69
CA GLN D 201 -44.10 9.62 54.99
C GLN D 201 -42.59 9.78 54.89
N ILE D 202 -41.93 8.87 54.17
CA ILE D 202 -40.48 8.92 54.07
C ILE D 202 -40.06 10.09 53.19
N LEU D 203 -40.83 10.37 52.14
CA LEU D 203 -40.47 11.44 51.22
C LEU D 203 -40.74 12.80 51.84
N LYS D 204 -41.90 12.96 52.49
CA LYS D 204 -42.18 14.22 53.19
C LYS D 204 -41.23 14.44 54.36
N ALA D 205 -40.68 13.36 54.93
CA ALA D 205 -39.72 13.51 56.02
C ALA D 205 -38.35 13.97 55.52
N LEU D 206 -38.12 13.94 54.20
CA LEU D 206 -36.89 14.47 53.63
C LEU D 206 -37.04 15.92 53.23
N GLY D 207 -38.24 16.50 53.35
CA GLY D 207 -38.48 17.87 52.94
C GLY D 207 -38.45 18.01 51.44
N PRO D 208 -38.96 19.13 50.93
CA PRO D 208 -38.92 19.36 49.48
C PRO D 208 -37.50 19.69 49.03
N GLY D 209 -37.24 19.42 47.76
CA GLY D 209 -35.93 19.67 47.19
C GLY D 209 -34.94 18.53 47.32
N ALA D 210 -35.36 17.36 47.78
CA ALA D 210 -34.49 16.20 47.81
C ALA D 210 -34.37 15.63 46.41
N THR D 211 -33.17 15.19 46.04
CA THR D 211 -32.99 14.68 44.69
C THR D 211 -33.70 13.35 44.51
N LEU D 212 -33.95 13.00 43.25
CA LEU D 212 -34.63 11.74 42.95
C LEU D 212 -33.80 10.54 43.41
N GLU D 213 -32.47 10.65 43.33
CA GLU D 213 -31.61 9.62 43.91
C GLU D 213 -31.91 9.44 45.39
N GLU D 214 -31.93 10.55 46.13
CA GLU D 214 -32.21 10.48 47.56
C GLU D 214 -33.60 9.90 47.81
N MET D 215 -34.55 10.18 46.92
CA MET D 215 -35.90 9.65 47.08
C MET D 215 -35.95 8.15 46.75
N MET D 216 -35.32 7.75 45.65
CA MET D 216 -35.35 6.35 45.26
C MET D 216 -34.57 5.48 46.24
N VAL D 217 -33.51 6.00 46.84
CA VAL D 217 -32.78 5.25 47.86
C VAL D 217 -33.61 5.10 49.12
N ALA D 218 -34.27 6.17 49.54
CA ALA D 218 -35.04 6.17 50.77
C ALA D 218 -36.34 5.37 50.67
N CYS D 219 -36.69 4.89 49.48
CA CYS D 219 -37.88 4.08 49.27
C CYS D 219 -37.57 2.69 48.75
N GLN D 220 -36.45 2.09 49.16
CA GLN D 220 -36.14 0.75 48.69
C GLN D 220 -36.10 -0.23 49.86
N PRO E 1 -19.84 10.37 15.29
CA PRO E 1 -18.39 10.56 15.41
C PRO E 1 -17.87 11.67 14.51
N ILE E 2 -16.55 11.84 14.48
CA ILE E 2 -15.90 12.84 13.64
C ILE E 2 -15.17 12.11 12.53
N VAL E 3 -15.21 12.66 11.32
CA VAL E 3 -14.51 12.12 10.16
C VAL E 3 -13.95 13.27 9.33
N THR E 4 -13.04 12.91 8.44
CA THR E 4 -12.44 13.86 7.52
C THR E 4 -13.04 13.68 6.13
N ASN E 5 -13.46 14.79 5.54
CA ASN E 5 -14.00 14.78 4.19
C ASN E 5 -12.88 14.65 3.17
N ALA E 6 -13.22 14.72 1.89
CA ALA E 6 -12.21 14.66 0.84
C ALA E 6 -11.19 15.79 0.98
N GLN E 7 -11.62 16.94 1.50
CA GLN E 7 -10.75 18.10 1.65
C GLN E 7 -9.84 18.01 2.87
N GLY E 8 -10.06 17.03 3.75
CA GLY E 8 -9.27 16.91 4.96
C GLY E 8 -9.82 17.68 6.14
N GLN E 9 -11.06 18.15 6.07
CA GLN E 9 -11.68 18.91 7.14
C GLN E 9 -12.48 17.99 8.05
N MET E 10 -12.65 18.41 9.30
CA MET E 10 -13.36 17.63 10.28
C MET E 10 -14.86 17.89 10.17
N ILE E 11 -15.62 16.85 9.80
CA ILE E 11 -17.05 16.97 9.59
C ILE E 11 -17.78 15.92 10.41
N HIS E 12 -19.06 16.18 10.67
CA HIS E 12 -19.87 15.31 11.51
C HIS E 12 -20.38 14.10 10.73
N GLN E 13 -20.33 12.94 11.37
CA GLN E 13 -20.90 11.71 10.85
C GLN E 13 -22.01 11.24 11.78
N CYS E 14 -23.17 10.94 11.20
CA CYS E 14 -24.35 10.58 11.98
C CYS E 14 -24.16 9.19 12.59
N ILE E 15 -24.69 9.01 13.80
CA ILE E 15 -24.59 7.71 14.45
C ILE E 15 -25.33 6.66 13.62
N SER E 16 -24.76 5.46 13.53
CA SER E 16 -25.28 4.45 12.62
C SER E 16 -26.53 3.79 13.20
N PRO E 17 -27.48 3.40 12.34
CA PRO E 17 -28.63 2.64 12.83
C PRO E 17 -28.25 1.35 13.55
N ARG E 18 -27.17 0.70 13.13
CA ARG E 18 -26.71 -0.49 13.83
C ARG E 18 -26.32 -0.18 15.27
N THR E 19 -25.45 0.81 15.45
CA THR E 19 -24.98 1.17 16.78
C THR E 19 -26.13 1.59 17.68
N LEU E 20 -27.07 2.38 17.14
CA LEU E 20 -28.17 2.87 17.94
C LEU E 20 -29.06 1.75 18.45
N ASN E 21 -29.39 0.78 17.58
CA ASN E 21 -30.20 -0.34 18.02
C ASN E 21 -29.45 -1.22 19.00
N ALA E 22 -28.14 -1.40 18.81
CA ALA E 22 -27.35 -2.14 19.78
C ALA E 22 -27.46 -1.52 21.17
N TRP E 23 -27.45 -0.19 21.24
CA TRP E 23 -27.64 0.49 22.51
C TRP E 23 -29.06 0.34 23.05
N VAL E 24 -30.06 0.46 22.17
CA VAL E 24 -31.44 0.30 22.61
C VAL E 24 -31.67 -1.11 23.14
N LYS E 25 -31.24 -2.13 22.39
CA LYS E 25 -31.44 -3.51 22.82
C LYS E 25 -30.70 -3.79 24.13
N ALA E 26 -29.49 -3.24 24.28
CA ALA E 26 -28.68 -3.49 25.47
C ALA E 26 -29.38 -3.03 26.73
N VAL E 27 -29.94 -1.81 26.71
CA VAL E 27 -30.63 -1.30 27.90
C VAL E 27 -31.89 -2.10 28.16
N GLU E 28 -32.57 -2.55 27.11
CA GLU E 28 -33.77 -3.36 27.27
C GLU E 28 -33.45 -4.70 27.91
N GLU E 29 -32.33 -5.30 27.53
CA GLU E 29 -31.97 -6.65 27.95
C GLU E 29 -31.21 -6.66 29.26
N LYS E 30 -30.20 -5.82 29.40
CA LYS E 30 -29.30 -5.84 30.54
C LYS E 30 -29.69 -4.85 31.64
N ALA E 31 -30.87 -4.24 31.53
CA ALA E 31 -31.38 -3.28 32.50
C ALA E 31 -30.31 -2.31 32.99
N PHE E 32 -30.01 -2.34 34.28
CA PHE E 32 -28.88 -1.60 34.85
C PHE E 32 -28.00 -2.51 35.68
N ASN E 33 -27.82 -3.76 35.21
CA ASN E 33 -26.77 -4.62 35.71
C ASN E 33 -25.41 -3.98 35.43
N PRO E 34 -24.38 -4.37 36.18
CA PRO E 34 -23.07 -3.71 36.02
C PRO E 34 -22.54 -3.71 34.59
N GLU E 35 -22.87 -4.71 33.78
CA GLU E 35 -22.32 -4.76 32.43
C GLU E 35 -22.89 -3.69 31.49
N ILE E 36 -23.81 -2.84 31.95
CA ILE E 36 -24.28 -1.75 31.10
C ILE E 36 -23.23 -0.66 30.97
N ILE E 37 -22.30 -0.57 31.93
CA ILE E 37 -21.26 0.45 31.90
C ILE E 37 -20.32 0.23 30.71
N PRO E 38 -19.71 -0.95 30.54
CA PRO E 38 -18.81 -1.14 29.38
C PRO E 38 -19.55 -1.10 28.05
N MET E 39 -20.82 -1.52 28.05
CA MET E 39 -21.61 -1.49 26.83
C MET E 39 -21.77 -0.06 26.31
N PHE E 40 -22.08 0.87 27.22
CA PHE E 40 -22.21 2.28 26.85
C PHE E 40 -20.89 2.84 26.32
N MET E 41 -19.78 2.58 27.02
CA MET E 41 -18.50 3.16 26.61
C MET E 41 -18.08 2.68 25.22
N ALA E 42 -18.38 1.43 24.89
CA ALA E 42 -18.01 0.92 23.57
C ALA E 42 -18.89 1.52 22.49
N LEU E 43 -20.20 1.59 22.74
CA LEU E 43 -21.12 2.07 21.71
C LEU E 43 -21.06 3.58 21.53
N SER E 44 -20.68 4.32 22.57
CA SER E 44 -20.52 5.76 22.49
C SER E 44 -19.09 6.17 22.19
N CYS E 45 -18.26 5.22 21.77
CA CYS E 45 -16.84 5.49 21.56
C CYS E 45 -16.66 6.41 20.35
N GLY E 46 -15.91 7.49 20.56
CA GLY E 46 -15.69 8.46 19.51
C GLY E 46 -16.83 9.41 19.25
N ALA E 47 -17.87 9.41 20.08
CA ALA E 47 -19.08 10.18 19.84
C ALA E 47 -18.95 11.59 20.41
N VAL E 48 -19.54 12.55 19.71
CA VAL E 48 -19.68 13.93 20.21
C VAL E 48 -20.95 13.99 21.04
N PRO E 49 -21.15 15.02 21.87
CA PRO E 49 -22.37 15.10 22.70
C PRO E 49 -23.66 15.00 21.90
N TYR E 50 -23.73 15.53 20.69
CA TYR E 50 -24.93 15.36 19.87
C TYR E 50 -25.25 13.88 19.69
N ASP E 51 -24.23 13.07 19.40
CA ASP E 51 -24.43 11.63 19.23
C ASP E 51 -24.87 10.98 20.53
N ILE E 52 -24.28 11.38 21.65
CA ILE E 52 -24.54 10.72 22.92
C ILE E 52 -25.96 10.97 23.38
N ASN E 53 -26.46 12.20 23.20
CA ASN E 53 -27.85 12.49 23.57
C ASN E 53 -28.83 11.67 22.73
N THR E 54 -28.49 11.41 21.47
CA THR E 54 -29.33 10.54 20.64
C THR E 54 -29.47 9.16 21.28
N MET E 55 -28.38 8.63 21.82
CA MET E 55 -28.43 7.32 22.48
C MET E 55 -29.36 7.35 23.70
N LEU E 56 -29.16 8.33 24.58
CA LEU E 56 -29.97 8.41 25.80
C LEU E 56 -31.44 8.65 25.48
N ASN E 57 -31.72 9.54 24.52
CA ASN E 57 -33.10 9.86 24.19
C ASN E 57 -33.82 8.70 23.48
N ALA E 58 -33.08 7.81 22.84
CA ALA E 58 -33.70 6.67 22.15
C ALA E 58 -34.20 5.61 23.12
N ILE E 59 -33.74 5.64 24.37
CA ILE E 59 -34.20 4.68 25.36
C ILE E 59 -35.67 4.94 25.63
N GLY E 60 -36.47 3.87 25.60
CA GLY E 60 -37.91 4.01 25.75
C GLY E 60 -38.37 4.00 27.19
N GLY E 61 -37.99 2.96 27.93
CA GLY E 61 -38.33 2.84 29.33
C GLY E 61 -37.28 3.47 30.21
N HIS E 62 -37.28 3.05 31.48
CA HIS E 62 -36.26 3.45 32.45
C HIS E 62 -36.20 4.97 32.60
N GLN E 63 -37.35 5.63 32.51
CA GLN E 63 -37.37 7.09 32.52
C GLN E 63 -37.03 7.65 33.90
N GLY E 64 -37.31 6.90 34.96
CA GLY E 64 -36.82 7.30 36.27
C GLY E 64 -35.31 7.22 36.35
N ALA E 65 -34.73 6.18 35.76
CA ALA E 65 -33.27 6.06 35.73
C ALA E 65 -32.65 7.20 34.91
N LEU E 66 -33.19 7.45 33.72
CA LEU E 66 -32.70 8.57 32.90
C LEU E 66 -32.86 9.90 33.61
N GLN E 67 -33.87 10.02 34.47
CA GLN E 67 -34.04 11.27 35.21
C GLN E 67 -32.95 11.45 36.24
N VAL E 68 -32.46 10.36 36.84
CA VAL E 68 -31.32 10.46 37.75
C VAL E 68 -30.06 10.85 36.98
N LEU E 69 -29.86 10.28 35.79
CA LEU E 69 -28.71 10.64 34.96
C LEU E 69 -28.72 12.12 34.63
N LYS E 70 -29.88 12.65 34.24
CA LYS E 70 -29.97 14.05 33.86
C LYS E 70 -29.75 14.97 35.05
N GLU E 71 -30.10 14.52 36.27
CA GLU E 71 -29.74 15.27 37.47
C GLU E 71 -28.23 15.34 37.64
N VAL E 72 -27.55 14.20 37.51
CA VAL E 72 -26.10 14.15 37.70
C VAL E 72 -25.39 14.99 36.65
N ILE E 73 -25.89 14.97 35.41
CA ILE E 73 -25.24 15.74 34.34
C ILE E 73 -25.26 17.23 34.65
N ASN E 74 -26.38 17.74 35.17
CA ASN E 74 -26.46 19.15 35.51
C ASN E 74 -25.50 19.50 36.64
N GLU E 75 -25.37 18.62 37.64
CA GLU E 75 -24.45 18.87 38.73
C GLU E 75 -23.02 18.96 38.22
N GLU E 76 -22.62 18.04 37.34
CA GLU E 76 -21.27 18.09 36.79
C GLU E 76 -21.10 19.29 35.85
N ALA E 77 -22.16 19.64 35.11
CA ALA E 77 -22.10 20.82 34.26
C ALA E 77 -21.91 22.09 35.07
N ALA E 78 -22.56 22.17 36.23
CA ALA E 78 -22.36 23.31 37.11
C ALA E 78 -20.93 23.36 37.63
N GLU E 79 -20.39 22.21 38.03
CA GLU E 79 -19.00 22.14 38.46
C GLU E 79 -18.05 22.62 37.34
N TRP E 80 -18.37 22.29 36.09
CA TRP E 80 -17.55 22.77 34.98
C TRP E 80 -17.57 24.29 34.90
N ASP E 81 -18.78 24.86 34.84
CA ASP E 81 -18.91 26.32 34.78
C ASP E 81 -18.26 26.99 35.98
N ARG E 82 -18.31 26.34 37.15
CA ARG E 82 -17.70 26.92 38.34
C ARG E 82 -16.19 27.07 38.17
N THR E 83 -15.54 26.06 37.57
CA THR E 83 -14.11 26.08 37.38
C THR E 83 -13.71 26.54 35.97
N HIS E 84 -14.66 27.03 35.18
CA HIS E 84 -14.37 27.49 33.82
C HIS E 84 -15.28 28.68 33.49
N PRO E 85 -15.01 29.85 34.07
CA PRO E 85 -15.85 31.03 33.85
C PRO E 85 -15.82 31.51 32.41
N PRO E 93 -14.87 37.19 20.10
CA PRO E 93 -14.90 38.07 18.93
C PRO E 93 -14.07 37.54 17.77
N GLY E 94 -14.70 36.80 16.86
CA GLY E 94 -14.05 36.22 15.70
C GLY E 94 -13.81 34.73 15.82
N GLN E 95 -13.56 34.25 17.02
CA GLN E 95 -13.30 32.85 17.31
C GLN E 95 -14.48 32.27 18.10
N ILE E 96 -14.40 30.98 18.37
CA ILE E 96 -15.48 30.30 19.08
C ILE E 96 -15.37 30.56 20.57
N ARG E 97 -16.53 30.66 21.21
CA ARG E 97 -16.61 30.80 22.66
C ARG E 97 -15.94 29.62 23.35
N GLU E 98 -15.67 29.80 24.64
CA GLU E 98 -15.14 28.67 25.38
C GLU E 98 -16.31 27.84 25.92
N PRO E 99 -16.26 26.51 25.84
CA PRO E 99 -17.48 25.72 26.09
C PRO E 99 -17.88 25.75 27.55
N THR E 100 -19.16 26.01 27.78
CA THR E 100 -19.74 25.98 29.11
C THR E 100 -20.13 24.56 29.50
N GLY E 101 -20.62 24.40 30.73
CA GLY E 101 -21.10 23.11 31.17
C GLY E 101 -22.23 22.57 30.31
N SER E 102 -23.20 23.42 29.98
CA SER E 102 -24.31 22.99 29.14
C SER E 102 -23.88 22.78 27.69
N ASP E 103 -22.81 23.45 27.24
CA ASP E 103 -22.31 23.20 25.90
C ASP E 103 -21.70 21.81 25.78
N ILE E 104 -21.04 21.34 26.85
CA ILE E 104 -20.48 19.99 26.83
C ILE E 104 -21.58 18.95 26.92
N ALA E 105 -22.67 19.27 27.62
CA ALA E 105 -23.82 18.38 27.68
C ALA E 105 -24.62 18.35 26.39
N GLY E 106 -24.23 19.12 25.38
CA GLY E 106 -24.92 19.12 24.11
C GLY E 106 -26.28 19.76 24.09
N THR E 107 -26.68 20.45 25.17
CA THR E 107 -28.00 21.07 25.23
C THR E 107 -28.02 22.45 24.59
N THR E 108 -26.89 23.16 24.60
CA THR E 108 -26.80 24.50 24.02
C THR E 108 -25.72 24.60 22.96
N SER E 109 -25.17 23.48 22.50
CA SER E 109 -24.12 23.49 21.49
C SER E 109 -24.53 22.59 20.32
N THR E 110 -24.03 22.94 19.14
CA THR E 110 -24.36 22.22 17.91
C THR E 110 -23.27 21.20 17.57
N GLN E 111 -23.61 20.34 16.61
CA GLN E 111 -22.68 19.33 16.11
C GLN E 111 -21.36 19.97 15.70
N GLN E 112 -21.44 21.04 14.91
CA GLN E 112 -20.25 21.69 14.35
C GLN E 112 -19.41 22.33 15.45
N GLU E 113 -20.05 23.01 16.41
CA GLU E 113 -19.33 23.62 17.51
C GLU E 113 -18.57 22.58 18.33
N GLN E 114 -19.20 21.43 18.56
CA GLN E 114 -18.58 20.38 19.35
C GLN E 114 -17.34 19.81 18.67
N ILE E 115 -17.35 19.73 17.34
CA ILE E 115 -16.22 19.14 16.62
C ILE E 115 -15.02 20.08 16.64
N ILE E 116 -15.24 21.38 16.49
CA ILE E 116 -14.13 22.32 16.50
C ILE E 116 -13.42 22.28 17.85
N TRP E 117 -14.18 22.18 18.94
CA TRP E 117 -13.59 22.10 20.27
C TRP E 117 -12.67 20.89 20.41
N THR E 118 -13.12 19.74 19.92
CA THR E 118 -12.34 18.51 20.04
C THR E 118 -11.17 18.46 19.07
N THR E 119 -11.29 19.13 17.92
CA THR E 119 -10.36 19.01 16.80
C THR E 119 -9.46 20.22 16.63
N ARG E 120 -9.48 21.17 17.56
CA ARG E 120 -8.62 22.36 17.50
C ARG E 120 -7.17 22.02 17.20
N SER E 124 -6.53 20.87 23.36
CA SER E 124 -7.96 21.01 23.04
C SER E 124 -8.84 20.44 24.16
N ILE E 125 -10.13 20.33 23.90
CA ILE E 125 -11.07 19.80 24.89
C ILE E 125 -11.86 18.61 24.34
N PRO E 126 -11.67 17.40 24.87
CA PRO E 126 -12.51 16.26 24.41
C PRO E 126 -13.90 16.28 25.05
N VAL E 127 -14.78 17.11 24.49
CA VAL E 127 -16.10 17.30 25.09
C VAL E 127 -16.90 15.99 25.08
N GLY E 128 -16.70 15.16 24.06
CA GLY E 128 -17.37 13.87 24.04
C GLY E 128 -16.96 12.99 25.20
N ASP E 129 -15.64 12.88 25.44
CA ASP E 129 -15.15 12.03 26.51
C ASP E 129 -15.53 12.56 27.88
N ILE E 130 -15.56 13.89 28.04
CA ILE E 130 -15.96 14.49 29.30
C ILE E 130 -17.42 14.17 29.59
N TYR E 131 -18.28 14.32 28.58
CA TYR E 131 -19.71 14.06 28.76
C TYR E 131 -19.98 12.58 28.99
N ARG E 132 -19.19 11.70 28.37
CA ARG E 132 -19.28 10.27 28.67
C ARG E 132 -18.89 9.98 30.11
N LYS E 133 -17.87 10.68 30.61
CA LYS E 133 -17.45 10.52 32.01
C LYS E 133 -18.55 10.94 32.98
N TRP E 134 -19.28 12.01 32.65
CA TRP E 134 -20.37 12.45 33.52
C TRP E 134 -21.49 11.44 33.57
N ILE E 135 -21.76 10.78 32.43
CA ILE E 135 -22.85 9.82 32.36
C ILE E 135 -22.48 8.53 33.07
N VAL E 136 -21.21 8.14 33.01
CA VAL E 136 -20.73 6.99 33.78
C VAL E 136 -20.95 7.21 35.28
N LEU E 137 -20.82 8.44 35.76
CA LEU E 137 -21.11 8.72 37.16
C LEU E 137 -22.57 8.44 37.48
N GLY E 138 -23.48 8.83 36.59
CA GLY E 138 -24.89 8.57 36.84
C GLY E 138 -25.23 7.09 36.72
N LEU E 139 -24.62 6.41 35.75
CA LEU E 139 -24.87 4.98 35.60
C LEU E 139 -24.35 4.20 36.79
N ASN E 140 -23.20 4.61 37.36
CA ASN E 140 -22.70 3.96 38.57
C ASN E 140 -23.67 4.15 39.73
N LYS E 141 -24.27 5.34 39.85
CA LYS E 141 -25.29 5.56 40.86
C LYS E 141 -26.48 4.64 40.63
N MET E 142 -26.82 4.36 39.36
CA MET E 142 -27.96 3.49 39.08
C MET E 142 -27.62 2.02 39.29
N VAL E 143 -26.38 1.61 39.00
CA VAL E 143 -26.00 0.21 39.21
C VAL E 143 -26.06 -0.13 40.69
N LYS E 144 -25.53 0.76 41.53
CA LYS E 144 -25.63 0.59 42.98
C LYS E 144 -27.08 0.60 43.44
N MET E 145 -27.94 1.37 42.76
CA MET E 145 -29.31 1.56 43.22
C MET E 145 -30.18 0.34 42.92
N TYR E 146 -30.09 -0.23 41.72
CA TYR E 146 -30.84 -1.43 41.39
C TYR E 146 -30.23 -2.71 41.96
N SER E 147 -29.18 -2.62 42.76
CA SER E 147 -28.64 -3.81 43.41
C SER E 147 -29.58 -4.26 44.52
N PRO E 148 -30.28 -5.39 44.39
CA PRO E 148 -31.30 -5.74 45.38
C PRO E 148 -30.73 -6.20 46.72
N VAL E 149 -29.87 -7.20 46.69
CA VAL E 149 -29.42 -7.90 47.88
C VAL E 149 -28.10 -7.29 48.34
N SER E 150 -27.87 -7.32 49.66
CA SER E 150 -26.58 -6.97 50.23
C SER E 150 -25.67 -8.19 50.22
N ILE E 151 -24.36 -7.92 50.32
CA ILE E 151 -23.38 -8.99 50.22
C ILE E 151 -23.52 -10.01 51.34
N LEU E 152 -24.13 -9.61 52.46
CA LEU E 152 -24.20 -10.51 53.61
C LEU E 152 -25.27 -11.60 53.41
N ASP E 153 -26.34 -11.32 52.67
CA ASP E 153 -27.36 -12.32 52.45
C ASP E 153 -27.04 -13.21 51.25
N ILE E 154 -25.78 -13.22 50.81
CA ILE E 154 -25.31 -14.16 49.80
C ILE E 154 -24.53 -15.21 50.58
N ARG E 155 -25.23 -16.28 50.96
CA ARG E 155 -24.66 -17.37 51.73
C ARG E 155 -24.80 -18.66 50.94
N GLN E 156 -23.77 -19.50 50.99
CA GLN E 156 -23.79 -20.75 50.24
C GLN E 156 -24.90 -21.65 50.76
N GLY E 157 -25.70 -22.17 49.83
CA GLY E 157 -26.76 -23.10 50.16
C GLY E 157 -26.22 -24.37 50.78
N PRO E 158 -27.10 -25.11 51.47
CA PRO E 158 -26.65 -26.38 52.07
C PRO E 158 -26.14 -27.37 51.04
N LYS E 159 -26.76 -27.41 49.85
CA LYS E 159 -26.34 -28.31 48.79
C LYS E 159 -25.95 -27.54 47.53
N GLU E 160 -25.50 -26.30 47.68
CA GLU E 160 -25.06 -25.50 46.54
C GLU E 160 -23.58 -25.73 46.26
N PRO E 161 -23.20 -25.99 45.02
CA PRO E 161 -21.77 -26.14 44.71
C PRO E 161 -21.04 -24.82 44.90
N PHE E 162 -19.81 -24.91 45.42
CA PHE E 162 -19.04 -23.73 45.75
C PHE E 162 -18.81 -22.83 44.53
N ARG E 163 -18.63 -23.43 43.35
CA ARG E 163 -18.49 -22.63 42.13
C ARG E 163 -19.68 -21.69 41.95
N ASP E 164 -20.90 -22.20 42.15
CA ASP E 164 -22.09 -21.39 41.92
C ASP E 164 -22.25 -20.36 43.03
N TYR E 165 -21.83 -20.69 44.25
CA TYR E 165 -21.83 -19.73 45.34
C TYR E 165 -20.87 -18.58 45.06
N VAL E 166 -19.70 -18.87 44.48
CA VAL E 166 -18.73 -17.83 44.18
C VAL E 166 -19.27 -16.86 43.15
N ASP E 167 -20.02 -17.36 42.16
CA ASP E 167 -20.57 -16.47 41.14
C ASP E 167 -21.63 -15.54 41.72
N ARG E 168 -22.52 -16.07 42.56
CA ARG E 168 -23.50 -15.18 43.21
C ARG E 168 -22.82 -14.21 44.16
N PHE E 169 -21.70 -14.61 44.76
CA PHE E 169 -20.99 -13.74 45.68
C PHE E 169 -20.41 -12.53 44.95
N TYR E 170 -19.66 -12.76 43.89
CA TYR E 170 -19.02 -11.67 43.16
C TYR E 170 -19.97 -10.95 42.21
N LYS E 171 -21.09 -11.57 41.84
CA LYS E 171 -22.12 -10.84 41.10
C LYS E 171 -22.72 -9.73 41.96
N THR E 172 -23.15 -10.07 43.17
CA THR E 172 -23.66 -9.06 44.10
C THR E 172 -22.56 -8.07 44.50
N LEU E 173 -21.36 -8.57 44.78
CA LEU E 173 -20.26 -7.71 45.19
C LEU E 173 -19.91 -6.68 44.12
N ARG E 174 -20.07 -7.03 42.85
CA ARG E 174 -19.70 -6.10 41.79
C ARG E 174 -20.61 -4.88 41.76
N ALA E 175 -21.89 -5.04 42.13
CA ALA E 175 -22.81 -3.92 42.04
C ALA E 175 -22.40 -2.77 42.97
N GLU E 176 -21.87 -3.09 44.14
CA GLU E 176 -21.24 -2.10 45.00
C GLU E 176 -19.74 -2.36 45.14
N THR E 189 -12.42 -12.23 52.07
CA THR E 189 -12.39 -12.49 53.50
C THR E 189 -13.78 -12.81 54.02
N LEU E 190 -14.79 -12.22 53.39
CA LEU E 190 -16.18 -12.53 53.72
C LEU E 190 -16.66 -13.79 53.02
N LEU E 191 -16.06 -14.09 51.86
CA LEU E 191 -16.43 -15.28 51.08
C LEU E 191 -16.35 -16.55 51.91
N VAL E 192 -15.30 -16.67 52.74
CA VAL E 192 -15.14 -17.87 53.54
C VAL E 192 -16.16 -17.90 54.67
N GLN E 193 -16.49 -16.74 55.23
CA GLN E 193 -17.43 -16.68 56.34
C GLN E 193 -18.82 -17.19 55.94
N ASN E 194 -19.32 -16.76 54.79
CA ASN E 194 -20.69 -17.08 54.38
C ASN E 194 -20.81 -18.42 53.67
N SER E 195 -19.72 -19.16 53.52
CA SER E 195 -19.80 -20.48 52.94
C SER E 195 -20.46 -21.47 53.91
N ASN E 196 -21.02 -22.54 53.35
CA ASN E 196 -21.72 -23.54 54.14
C ASN E 196 -20.74 -24.30 55.06
N PRO E 197 -21.25 -25.06 56.03
CA PRO E 197 -20.33 -25.73 56.96
C PRO E 197 -19.37 -26.71 56.30
N ASP E 198 -19.73 -27.27 55.14
CA ASP E 198 -18.88 -28.31 54.55
C ASP E 198 -17.63 -27.73 53.93
N CYS E 199 -17.70 -26.52 53.37
CA CYS E 199 -16.54 -25.90 52.75
CA CYS E 199 -16.54 -25.90 52.75
C CYS E 199 -15.70 -25.11 53.74
N LYS E 200 -16.34 -24.50 54.73
CA LYS E 200 -15.61 -23.70 55.71
C LYS E 200 -14.54 -24.52 56.42
N GLN E 201 -14.85 -25.79 56.72
CA GLN E 201 -13.83 -26.68 57.28
C GLN E 201 -12.64 -26.82 56.33
N ILE E 202 -12.92 -26.99 55.03
CA ILE E 202 -11.84 -27.19 54.07
C ILE E 202 -11.11 -25.88 53.80
N LEU E 203 -11.83 -24.76 53.76
CA LEU E 203 -11.20 -23.49 53.41
C LEU E 203 -10.29 -22.98 54.52
N LYS E 204 -10.76 -23.04 55.77
CA LYS E 204 -9.92 -22.64 56.89
C LYS E 204 -8.72 -23.56 57.05
N ALA E 205 -8.84 -24.82 56.61
CA ALA E 205 -7.75 -25.77 56.70
C ALA E 205 -6.66 -25.55 55.65
N LEU E 206 -6.90 -24.68 54.66
CA LEU E 206 -5.89 -24.35 53.66
C LEU E 206 -5.03 -23.16 54.05
N GLY E 207 -5.31 -22.54 55.20
CA GLY E 207 -4.55 -21.39 55.66
C GLY E 207 -4.85 -20.13 54.87
N PRO E 208 -4.47 -18.99 55.43
CA PRO E 208 -4.70 -17.71 54.75
C PRO E 208 -3.75 -17.52 53.58
N GLY E 209 -4.18 -16.68 52.65
CA GLY E 209 -3.40 -16.37 51.47
C GLY E 209 -3.60 -17.30 50.30
N ALA E 210 -4.57 -18.21 50.38
CA ALA E 210 -4.87 -19.10 49.26
C ALA E 210 -5.68 -18.35 48.21
N THR E 211 -5.35 -18.59 46.94
CA THR E 211 -6.05 -17.94 45.85
C THR E 211 -7.46 -18.52 45.69
N LEU E 212 -8.32 -17.77 45.00
CA LEU E 212 -9.68 -18.24 44.75
C LEU E 212 -9.68 -19.49 43.89
N GLU E 213 -8.73 -19.61 42.96
CA GLU E 213 -8.58 -20.84 42.20
C GLU E 213 -8.37 -22.04 43.11
N GLU E 214 -7.44 -21.92 44.06
CA GLU E 214 -7.15 -23.01 44.98
C GLU E 214 -8.38 -23.38 45.81
N MET E 215 -9.18 -22.38 46.18
CA MET E 215 -10.36 -22.63 46.99
C MET E 215 -11.40 -23.45 46.22
N MET E 216 -11.53 -23.22 44.93
CA MET E 216 -12.56 -23.88 44.16
C MET E 216 -12.24 -25.34 43.88
N VAL E 217 -10.96 -25.68 43.76
CA VAL E 217 -10.58 -27.07 43.59
C VAL E 217 -10.84 -27.85 44.87
N ALA E 218 -10.49 -27.27 46.01
CA ALA E 218 -10.64 -27.94 47.31
C ALA E 218 -12.09 -28.06 47.76
N CYS E 219 -13.02 -27.43 47.05
CA CYS E 219 -14.46 -27.51 47.33
C CYS E 219 -15.23 -28.12 46.17
N GLN E 220 -14.64 -29.10 45.50
CA GLN E 220 -15.33 -29.73 44.38
C GLN E 220 -15.64 -31.20 44.68
N PRO F 1 -9.18 -2.12 17.94
CA PRO F 1 -8.00 -2.39 17.13
C PRO F 1 -7.29 -1.12 16.69
N ILE F 2 -6.24 -1.27 15.87
CA ILE F 2 -5.47 -0.14 15.36
C ILE F 2 -5.76 0.01 13.88
N VAL F 3 -5.88 1.26 13.42
CA VAL F 3 -6.10 1.58 12.01
C VAL F 3 -5.31 2.84 11.67
N THR F 4 -5.15 3.08 10.38
CA THR F 4 -4.47 4.26 9.87
C THR F 4 -5.49 5.28 9.37
N ASN F 5 -5.34 6.52 9.80
CA ASN F 5 -6.21 7.60 9.38
C ASN F 5 -5.85 8.05 7.96
N ALA F 6 -6.52 9.11 7.50
CA ALA F 6 -6.16 9.68 6.21
C ALA F 6 -4.72 10.17 6.19
N GLN F 7 -4.22 10.57 7.35
CA GLN F 7 -2.86 11.10 7.49
C GLN F 7 -1.80 10.01 7.54
N GLY F 8 -2.20 8.74 7.68
CA GLY F 8 -1.24 7.66 7.77
C GLY F 8 -0.72 7.40 9.16
N GLN F 9 -1.35 7.96 10.18
CA GLN F 9 -0.94 7.79 11.56
C GLN F 9 -1.70 6.65 12.22
N MET F 10 -1.09 6.05 13.24
CA MET F 10 -1.69 4.93 13.95
C MET F 10 -2.63 5.46 15.02
N ILE F 11 -3.94 5.21 14.85
CA ILE F 11 -4.97 5.69 15.75
C ILE F 11 -5.84 4.52 16.18
N HIS F 12 -6.50 4.70 17.32
CA HIS F 12 -7.36 3.65 17.85
C HIS F 12 -8.72 3.66 17.15
N GLN F 13 -9.21 2.47 16.83
CA GLN F 13 -10.55 2.29 16.30
C GLN F 13 -11.37 1.48 17.28
N CYS F 14 -12.57 1.97 17.56
CA CYS F 14 -13.41 1.40 18.61
C CYS F 14 -13.89 0.01 18.20
N ILE F 15 -13.99 -0.89 19.19
CA ILE F 15 -14.46 -2.24 18.91
C ILE F 15 -15.88 -2.18 18.37
N SER F 16 -16.17 -3.06 17.40
CA SER F 16 -17.43 -2.95 16.69
C SER F 16 -18.58 -3.51 17.54
N PRO F 17 -19.78 -2.92 17.42
CA PRO F 17 -20.93 -3.48 18.12
C PRO F 17 -21.20 -4.93 17.76
N ARG F 18 -20.91 -5.32 16.51
CA ARG F 18 -21.08 -6.72 16.11
C ARG F 18 -20.20 -7.64 16.93
N THR F 19 -18.89 -7.37 16.96
CA THR F 19 -17.95 -8.25 17.65
C THR F 19 -18.27 -8.34 19.14
N LEU F 20 -18.59 -7.22 19.78
CA LEU F 20 -18.85 -7.24 21.21
C LEU F 20 -20.08 -8.09 21.55
N ASN F 21 -21.17 -7.93 20.78
CA ASN F 21 -22.35 -8.74 21.03
C ASN F 21 -22.10 -10.21 20.73
N ALA F 22 -21.32 -10.49 19.68
CA ALA F 22 -20.94 -11.87 19.40
C ALA F 22 -20.22 -12.51 20.58
N TRP F 23 -19.34 -11.73 21.22
CA TRP F 23 -18.66 -12.22 22.42
C TRP F 23 -19.60 -12.38 23.59
N VAL F 24 -20.51 -11.43 23.79
CA VAL F 24 -21.48 -11.54 24.87
C VAL F 24 -22.35 -12.78 24.67
N LYS F 25 -22.87 -12.97 23.46
CA LYS F 25 -23.69 -14.15 23.17
C LYS F 25 -22.89 -15.43 23.32
N ALA F 26 -21.62 -15.40 22.91
CA ALA F 26 -20.79 -16.61 22.98
C ALA F 26 -20.66 -17.11 24.42
N VAL F 27 -20.39 -16.20 25.36
CA VAL F 27 -20.23 -16.61 26.76
C VAL F 27 -21.57 -17.06 27.35
N GLU F 28 -22.67 -16.43 26.94
CA GLU F 28 -23.98 -16.81 27.45
C GLU F 28 -24.35 -18.22 27.03
N GLU F 29 -24.04 -18.59 25.79
CA GLU F 29 -24.44 -19.86 25.21
C GLU F 29 -23.46 -20.99 25.51
N LYS F 30 -22.16 -20.73 25.35
CA LYS F 30 -21.14 -21.76 25.42
C LYS F 30 -20.53 -21.90 26.82
N ALA F 31 -21.10 -21.23 27.83
CA ALA F 31 -20.61 -21.27 29.20
C ALA F 31 -19.09 -21.21 29.27
N PHE F 32 -18.47 -22.26 29.80
CA PHE F 32 -17.03 -22.47 29.72
C PHE F 32 -16.70 -23.85 29.17
N ASN F 33 -17.49 -24.29 28.20
CA ASN F 33 -17.13 -25.43 27.39
C ASN F 33 -15.84 -25.11 26.64
N PRO F 34 -15.09 -26.13 26.21
CA PRO F 34 -13.79 -25.87 25.58
C PRO F 34 -13.84 -24.92 24.39
N GLU F 35 -14.95 -24.87 23.66
CA GLU F 35 -15.03 -24.02 22.46
C GLU F 35 -15.07 -22.53 22.77
N ILE F 36 -15.03 -22.13 24.04
CA ILE F 36 -14.99 -20.70 24.34
C ILE F 36 -13.62 -20.09 24.03
N ILE F 37 -12.56 -20.90 24.03
CA ILE F 37 -11.22 -20.41 23.74
C ILE F 37 -11.09 -19.94 22.29
N PRO F 38 -11.53 -20.71 21.29
CA PRO F 38 -11.44 -20.21 19.91
C PRO F 38 -12.24 -18.94 19.68
N MET F 39 -13.42 -18.82 20.30
CA MET F 39 -14.23 -17.61 20.16
C MET F 39 -13.46 -16.38 20.61
N PHE F 40 -12.82 -16.45 21.79
CA PHE F 40 -12.06 -15.33 22.30
C PHE F 40 -10.92 -14.94 21.38
N MET F 41 -10.11 -15.91 20.97
CA MET F 41 -8.96 -15.59 20.12
C MET F 41 -9.40 -14.98 18.79
N ALA F 42 -10.51 -15.47 18.23
CA ALA F 42 -10.98 -14.94 16.96
C ALA F 42 -11.61 -13.56 17.15
N LEU F 43 -12.41 -13.38 18.18
CA LEU F 43 -13.12 -12.12 18.37
C LEU F 43 -12.21 -11.01 18.90
N SER F 44 -11.15 -11.37 19.63
CA SER F 44 -10.20 -10.39 20.16
C SER F 44 -8.98 -10.23 19.28
N CYS F 45 -9.02 -10.74 18.05
CA CYS F 45 -7.85 -10.71 17.19
C CYS F 45 -7.54 -9.27 16.77
N GLY F 46 -6.30 -8.84 16.97
CA GLY F 46 -5.90 -7.48 16.66
C GLY F 46 -6.27 -6.45 17.69
N ALA F 47 -6.80 -6.85 18.85
CA ALA F 47 -7.28 -5.92 19.85
C ALA F 47 -6.15 -5.49 20.78
N VAL F 48 -6.20 -4.23 21.20
CA VAL F 48 -5.30 -3.70 22.22
C VAL F 48 -5.88 -4.03 23.59
N PRO F 49 -5.10 -3.95 24.68
CA PRO F 49 -5.67 -4.27 26.00
C PRO F 49 -6.90 -3.46 26.37
N TYR F 50 -7.00 -2.20 25.95
CA TYR F 50 -8.21 -1.42 26.20
C TYR F 50 -9.44 -2.13 25.63
N ASP F 51 -9.34 -2.61 24.40
CA ASP F 51 -10.45 -3.30 23.77
C ASP F 51 -10.78 -4.59 24.50
N ILE F 52 -9.75 -5.32 24.93
CA ILE F 52 -9.96 -6.63 25.54
C ILE F 52 -10.66 -6.50 26.88
N ASN F 53 -10.28 -5.49 27.68
CA ASN F 53 -10.97 -5.27 28.94
C ASN F 53 -12.44 -4.94 28.74
N THR F 54 -12.75 -4.21 27.66
CA THR F 54 -14.15 -3.97 27.32
C THR F 54 -14.90 -5.28 27.12
N MET F 55 -14.25 -6.26 26.48
CA MET F 55 -14.87 -7.56 26.27
C MET F 55 -15.12 -8.27 27.60
N LEU F 56 -14.09 -8.33 28.47
CA LEU F 56 -14.23 -9.02 29.75
C LEU F 56 -15.27 -8.34 30.63
N ASN F 57 -15.25 -7.01 30.69
CA ASN F 57 -16.17 -6.30 31.57
C ASN F 57 -17.60 -6.36 31.06
N ALA F 58 -17.81 -6.62 29.77
CA ALA F 58 -19.15 -6.71 29.21
C ALA F 58 -19.86 -8.01 29.60
N ILE F 59 -19.11 -9.01 30.08
CA ILE F 59 -19.72 -10.26 30.51
C ILE F 59 -20.57 -10.02 31.75
N GLY F 60 -21.79 -10.55 31.75
CA GLY F 60 -22.71 -10.30 32.83
C GLY F 60 -22.56 -11.25 34.00
N GLY F 61 -22.66 -12.54 33.74
CA GLY F 61 -22.49 -13.56 34.76
C GLY F 61 -21.05 -14.03 34.89
N HIS F 62 -20.89 -15.21 35.49
CA HIS F 62 -19.59 -15.88 35.59
C HIS F 62 -18.56 -15.00 36.29
N GLN F 63 -19.01 -14.23 37.29
CA GLN F 63 -18.12 -13.27 37.94
C GLN F 63 -17.07 -13.97 38.79
N GLY F 64 -17.35 -15.17 39.29
CA GLY F 64 -16.31 -15.95 39.94
C GLY F 64 -15.23 -16.37 38.96
N ALA F 65 -15.63 -16.72 37.73
CA ALA F 65 -14.64 -17.07 36.71
C ALA F 65 -13.77 -15.86 36.37
N LEU F 66 -14.39 -14.70 36.16
CA LEU F 66 -13.62 -13.49 35.89
C LEU F 66 -12.70 -13.15 37.05
N GLN F 67 -13.09 -13.50 38.27
CA GLN F 67 -12.22 -13.26 39.42
C GLN F 67 -11.01 -14.18 39.39
N VAL F 68 -11.17 -15.40 38.89
CA VAL F 68 -10.04 -16.29 38.68
C VAL F 68 -9.11 -15.72 37.60
N LEU F 69 -9.69 -15.18 36.52
CA LEU F 69 -8.88 -14.54 35.48
C LEU F 69 -8.08 -13.37 36.04
N LYS F 70 -8.68 -12.53 36.88
CA LYS F 70 -7.94 -11.38 37.39
C LYS F 70 -6.77 -11.81 38.28
N GLU F 71 -6.90 -12.93 39.01
CA GLU F 71 -5.75 -13.47 39.72
C GLU F 71 -4.67 -13.91 38.74
N VAL F 72 -5.05 -14.65 37.70
CA VAL F 72 -4.08 -15.15 36.72
C VAL F 72 -3.41 -13.98 36.00
N ILE F 73 -4.18 -12.95 35.66
CA ILE F 73 -3.60 -11.79 34.98
C ILE F 73 -2.59 -11.11 35.89
N ASN F 74 -2.90 -10.99 37.18
CA ASN F 74 -1.95 -10.39 38.13
C ASN F 74 -0.70 -11.25 38.28
N GLU F 75 -0.88 -12.58 38.31
CA GLU F 75 0.26 -13.48 38.41
C GLU F 75 1.19 -13.34 37.22
N GLU F 76 0.62 -13.31 36.00
CA GLU F 76 1.45 -13.18 34.81
C GLU F 76 2.07 -11.79 34.70
N ALA F 77 1.35 -10.76 35.15
CA ALA F 77 1.91 -9.40 35.13
C ALA F 77 3.11 -9.29 36.05
N ALA F 78 3.08 -9.98 37.19
CA ALA F 78 4.24 -9.99 38.09
C ALA F 78 5.44 -10.64 37.42
N GLU F 79 5.22 -11.75 36.72
CA GLU F 79 6.31 -12.39 35.97
C GLU F 79 6.93 -11.44 34.96
N TRP F 80 6.11 -10.58 34.34
CA TRP F 80 6.64 -9.59 33.41
C TRP F 80 7.57 -8.60 34.12
N ASP F 81 7.07 -7.97 35.19
CA ASP F 81 7.86 -6.97 35.90
C ASP F 81 9.16 -7.54 36.44
N ARG F 82 9.16 -8.81 36.85
CA ARG F 82 10.39 -9.40 37.39
C ARG F 82 11.47 -9.48 36.30
N THR F 83 11.08 -9.83 35.08
CA THR F 83 12.01 -9.95 33.96
C THR F 83 12.07 -8.69 33.10
N HIS F 84 11.45 -7.59 33.54
CA HIS F 84 11.45 -6.34 32.78
C HIS F 84 11.46 -5.17 33.75
N PRO F 85 12.60 -4.93 34.44
CA PRO F 85 12.66 -3.80 35.39
C PRO F 85 12.54 -2.46 34.69
N PRO F 93 12.33 10.64 28.02
CA PRO F 93 12.33 12.08 27.73
C PRO F 93 11.90 12.41 26.30
N GLY F 94 10.62 12.20 26.00
CA GLY F 94 10.13 12.48 24.67
C GLY F 94 9.27 11.37 24.10
N GLN F 95 9.60 10.12 24.44
CA GLN F 95 8.80 8.98 24.01
C GLN F 95 8.08 8.37 25.21
N ILE F 96 7.35 7.31 24.93
CA ILE F 96 6.62 6.59 25.96
C ILE F 96 7.57 5.77 26.82
N ARG F 97 7.22 5.63 28.10
CA ARG F 97 7.85 4.71 29.03
C ARG F 97 7.79 3.27 28.50
N GLU F 98 8.58 2.40 29.12
CA GLU F 98 8.50 0.98 28.78
C GLU F 98 7.41 0.29 29.60
N PRO F 99 6.65 -0.60 28.96
CA PRO F 99 5.41 -1.08 29.58
C PRO F 99 5.67 -2.02 30.76
N THR F 100 4.97 -1.77 31.86
CA THR F 100 5.00 -2.64 33.03
C THR F 100 3.97 -3.75 32.85
N GLY F 101 3.89 -4.63 33.84
CA GLY F 101 2.88 -5.68 33.82
C GLY F 101 1.47 -5.13 33.77
N SER F 102 1.20 -4.10 34.58
CA SER F 102 -0.14 -3.50 34.60
C SER F 102 -0.43 -2.71 33.33
N ASP F 103 0.62 -2.24 32.64
CA ASP F 103 0.41 -1.57 31.36
C ASP F 103 -0.09 -2.53 30.29
N ILE F 104 0.41 -3.77 30.30
CA ILE F 104 -0.03 -4.76 29.33
C ILE F 104 -1.44 -5.22 29.65
N ALA F 105 -1.80 -5.26 30.93
CA ALA F 105 -3.16 -5.58 31.33
C ALA F 105 -4.13 -4.43 31.09
N GLY F 106 -3.63 -3.29 30.60
CA GLY F 106 -4.49 -2.16 30.31
C GLY F 106 -5.04 -1.44 31.53
N THR F 107 -4.54 -1.74 32.72
CA THR F 107 -5.07 -1.14 33.94
C THR F 107 -4.42 0.20 34.26
N THR F 108 -3.17 0.41 33.85
CA THR F 108 -2.46 1.67 34.11
C THR F 108 -1.96 2.35 32.85
N SER F 109 -2.40 1.90 31.67
CA SER F 109 -1.98 2.49 30.41
C SER F 109 -3.20 2.87 29.59
N THR F 110 -3.03 3.87 28.73
CA THR F 110 -4.10 4.40 27.90
C THR F 110 -4.07 3.77 26.50
N GLN F 111 -5.15 3.99 25.77
CA GLN F 111 -5.26 3.50 24.39
C GLN F 111 -4.06 3.91 23.56
N GLN F 112 -3.70 5.19 23.63
CA GLN F 112 -2.61 5.71 22.81
C GLN F 112 -1.30 5.07 23.18
N GLU F 113 -1.05 4.92 24.48
CA GLU F 113 0.17 4.27 24.95
C GLU F 113 0.27 2.84 24.43
N GLN F 114 -0.85 2.13 24.40
CA GLN F 114 -0.86 0.75 23.93
C GLN F 114 -0.51 0.68 22.44
N ILE F 115 -0.95 1.68 21.66
CA ILE F 115 -0.69 1.65 20.22
C ILE F 115 0.77 1.93 19.91
N ILE F 116 1.38 2.88 20.62
CA ILE F 116 2.79 3.20 20.37
C ILE F 116 3.67 1.98 20.63
N TRP F 117 3.37 1.25 21.70
CA TRP F 117 4.13 0.05 22.04
C TRP F 117 4.03 -1.00 20.93
N THR F 118 2.82 -1.20 20.40
CA THR F 118 2.62 -2.25 19.39
C THR F 118 3.15 -1.87 18.02
N THR F 119 3.14 -0.59 17.67
CA THR F 119 3.43 -0.18 16.29
C THR F 119 4.79 0.49 16.12
N ARG F 120 5.55 0.70 17.18
CA ARG F 120 6.90 1.21 17.03
C ARG F 120 7.72 0.26 16.15
N GLY F 121 8.55 0.84 15.27
CA GLY F 121 9.37 0.01 14.42
C GLY F 121 10.43 -0.74 15.18
N ALA F 122 11.04 -0.10 16.17
CA ALA F 122 12.10 -0.69 16.97
C ALA F 122 11.57 -1.11 18.32
N ASN F 123 11.85 -2.36 18.70
CA ASN F 123 11.46 -2.92 20.00
C ASN F 123 9.94 -2.92 20.16
N SER F 124 9.25 -3.36 19.12
CA SER F 124 7.79 -3.39 19.12
C SER F 124 7.31 -4.47 20.07
N ILE F 125 6.67 -4.08 21.17
CA ILE F 125 6.15 -5.03 22.15
C ILE F 125 4.66 -5.18 21.88
N PRO F 126 4.21 -6.34 21.42
CA PRO F 126 2.78 -6.53 21.10
C PRO F 126 1.95 -6.74 22.36
N VAL F 127 1.63 -5.62 23.01
CA VAL F 127 0.92 -5.68 24.29
C VAL F 127 -0.45 -6.32 24.11
N GLY F 128 -1.07 -6.15 22.95
CA GLY F 128 -2.34 -6.80 22.69
C GLY F 128 -2.24 -8.31 22.74
N ASP F 129 -1.27 -8.88 22.01
CA ASP F 129 -1.13 -10.32 21.95
C ASP F 129 -0.66 -10.91 23.28
N ILE F 130 0.19 -10.18 24.00
CA ILE F 130 0.68 -10.68 25.28
C ILE F 130 -0.46 -10.82 26.28
N TYR F 131 -1.34 -9.81 26.35
CA TYR F 131 -2.44 -9.86 27.30
C TYR F 131 -3.46 -10.93 26.90
N ARG F 132 -3.61 -11.19 25.60
CA ARG F 132 -4.44 -12.31 25.15
C ARG F 132 -3.89 -13.64 25.64
N LYS F 133 -2.56 -13.78 25.64
CA LYS F 133 -1.94 -15.01 26.13
C LYS F 133 -2.22 -15.23 27.60
N TRP F 134 -2.21 -14.15 28.39
CA TRP F 134 -2.48 -14.26 29.82
C TRP F 134 -3.92 -14.70 30.07
N ILE F 135 -4.86 -14.21 29.27
CA ILE F 135 -6.27 -14.50 29.49
C ILE F 135 -6.62 -15.91 29.04
N VAL F 136 -6.04 -16.37 27.93
CA VAL F 136 -6.23 -17.75 27.52
C VAL F 136 -5.70 -18.70 28.59
N LEU F 137 -4.63 -18.31 29.28
CA LEU F 137 -4.11 -19.12 30.37
C LEU F 137 -5.14 -19.23 31.49
N GLY F 138 -5.80 -18.12 31.83
CA GLY F 138 -6.84 -18.16 32.85
C GLY F 138 -8.10 -18.85 32.38
N LEU F 139 -8.49 -18.64 31.12
CA LEU F 139 -9.70 -19.27 30.60
C LEU F 139 -9.57 -20.79 30.54
N ASN F 140 -8.37 -21.30 30.25
CA ASN F 140 -8.16 -22.74 30.26
C ASN F 140 -8.40 -23.31 31.66
N LYS F 141 -7.97 -22.58 32.70
CA LYS F 141 -8.22 -23.00 34.07
C LYS F 141 -9.71 -23.10 34.36
N MET F 142 -10.52 -22.24 33.76
CA MET F 142 -11.97 -22.35 33.98
C MET F 142 -12.57 -23.50 33.21
N VAL F 143 -12.02 -23.83 32.04
CA VAL F 143 -12.55 -24.94 31.25
C VAL F 143 -12.38 -26.26 31.99
N LYS F 144 -11.19 -26.50 32.56
CA LYS F 144 -11.00 -27.70 33.38
C LYS F 144 -11.92 -27.69 34.58
N MET F 145 -12.20 -26.49 35.12
CA MET F 145 -12.92 -26.39 36.38
C MET F 145 -14.41 -26.69 36.22
N TYR F 146 -15.03 -26.16 35.17
CA TYR F 146 -16.42 -26.53 34.92
C TYR F 146 -16.56 -27.90 34.30
N SER F 147 -15.47 -28.63 34.10
CA SER F 147 -15.57 -30.01 33.69
C SER F 147 -15.98 -30.81 34.93
N PRO F 148 -17.18 -31.35 34.98
CA PRO F 148 -17.64 -31.99 36.23
C PRO F 148 -16.93 -33.30 36.51
N VAL F 149 -16.98 -34.20 35.53
CA VAL F 149 -16.57 -35.59 35.69
C VAL F 149 -15.12 -35.75 35.27
N SER F 150 -14.43 -36.68 35.92
CA SER F 150 -13.10 -37.10 35.49
C SER F 150 -13.22 -38.14 34.39
N ILE F 151 -12.14 -38.28 33.60
CA ILE F 151 -12.18 -39.19 32.46
C ILE F 151 -12.39 -40.64 32.88
N LEU F 152 -12.17 -40.96 34.16
CA LEU F 152 -12.34 -42.33 34.63
C LEU F 152 -13.81 -42.71 34.79
N ASP F 153 -14.68 -41.76 35.14
CA ASP F 153 -16.10 -42.03 35.34
C ASP F 153 -16.91 -41.84 34.07
N ILE F 154 -16.28 -41.89 32.90
CA ILE F 154 -16.98 -41.83 31.62
C ILE F 154 -17.08 -43.28 31.15
N ARG F 155 -18.20 -43.90 31.46
CA ARG F 155 -18.48 -45.28 31.08
C ARG F 155 -19.72 -45.31 30.20
N GLN F 156 -19.69 -46.15 29.17
CA GLN F 156 -20.82 -46.24 28.26
C GLN F 156 -22.04 -46.77 29.00
N GLY F 157 -23.17 -46.10 28.81
CA GLY F 157 -24.41 -46.53 29.40
C GLY F 157 -24.82 -47.90 28.90
N PRO F 158 -25.66 -48.59 29.68
CA PRO F 158 -26.06 -49.95 29.28
C PRO F 158 -26.75 -49.99 27.92
N LYS F 159 -27.52 -48.96 27.58
CA LYS F 159 -28.22 -48.90 26.30
C LYS F 159 -27.87 -47.63 25.53
N GLU F 160 -26.68 -47.09 25.75
CA GLU F 160 -26.23 -45.90 25.06
C GLU F 160 -25.52 -46.29 23.76
N PRO F 161 -25.84 -45.65 22.64
CA PRO F 161 -25.11 -45.96 21.39
C PRO F 161 -23.66 -45.55 21.51
N PHE F 162 -22.78 -46.38 20.93
CA PHE F 162 -21.35 -46.17 21.04
C PHE F 162 -20.94 -44.80 20.50
N ARG F 163 -21.62 -44.33 19.46
CA ARG F 163 -21.37 -42.99 18.91
C ARG F 163 -21.46 -41.92 19.99
N ASP F 164 -22.53 -41.95 20.78
CA ASP F 164 -22.73 -40.91 21.80
C ASP F 164 -21.75 -41.07 22.95
N TYR F 165 -21.37 -42.31 23.28
CA TYR F 165 -20.35 -42.54 24.30
C TYR F 165 -19.01 -41.96 23.89
N VAL F 166 -18.64 -42.11 22.62
CA VAL F 166 -17.36 -41.59 22.14
C VAL F 166 -17.31 -40.08 22.27
N ASP F 167 -18.44 -39.41 21.99
CA ASP F 167 -18.47 -37.95 22.07
C ASP F 167 -18.33 -37.47 23.51
N ARG F 168 -19.03 -38.12 24.46
CA ARG F 168 -18.85 -37.74 25.86
C ARG F 168 -17.45 -38.06 26.34
N PHE F 169 -16.83 -39.11 25.80
CA PHE F 169 -15.48 -39.47 26.21
C PHE F 169 -14.49 -38.39 25.83
N TYR F 170 -14.47 -37.99 24.56
CA TYR F 170 -13.49 -37.01 24.10
C TYR F 170 -13.85 -35.58 24.47
N LYS F 171 -15.13 -35.29 24.77
CA LYS F 171 -15.46 -34.00 25.34
C LYS F 171 -14.82 -33.81 26.70
N THR F 172 -14.98 -34.82 27.58
CA THR F 172 -14.35 -34.75 28.90
C THR F 172 -12.83 -34.70 28.77
N LEU F 173 -12.25 -35.51 27.89
CA LEU F 173 -10.80 -35.52 27.73
C LEU F 173 -10.28 -34.17 27.26
N ARG F 174 -11.06 -33.45 26.43
CA ARG F 174 -10.60 -32.15 25.95
C ARG F 174 -10.55 -31.12 27.05
N ALA F 175 -11.44 -31.22 28.05
CA ALA F 175 -11.50 -30.21 29.09
C ALA F 175 -10.20 -30.14 29.89
N GLU F 176 -9.55 -31.29 30.08
CA GLU F 176 -8.20 -31.31 30.62
C GLU F 176 -7.21 -31.83 29.58
N ASN F 184 -0.74 -33.77 26.43
CA ASN F 184 -1.11 -34.76 25.42
C ASN F 184 -0.90 -36.19 25.93
N ALA F 185 -1.83 -36.67 26.76
CA ALA F 185 -1.74 -38.04 27.24
C ALA F 185 -1.97 -39.04 26.11
N ALA F 186 -3.03 -38.82 25.32
CA ALA F 186 -3.30 -39.58 24.10
C ALA F 186 -3.39 -41.08 24.36
N THR F 187 -4.12 -41.44 25.41
CA THR F 187 -4.35 -42.84 25.78
C THR F 187 -5.81 -43.18 25.59
N GLU F 188 -6.08 -44.13 24.69
CA GLU F 188 -7.44 -44.62 24.45
C GLU F 188 -7.72 -45.93 25.18
N THR F 189 -6.83 -46.34 26.09
CA THR F 189 -7.03 -47.57 26.85
C THR F 189 -8.35 -47.55 27.63
N LEU F 190 -8.82 -46.37 28.01
CA LEU F 190 -10.08 -46.24 28.73
C LEU F 190 -11.28 -46.35 27.81
N LEU F 191 -11.13 -45.92 26.55
CA LEU F 191 -12.25 -45.98 25.60
C LEU F 191 -12.77 -47.40 25.42
N VAL F 192 -11.88 -48.36 25.20
CA VAL F 192 -12.33 -49.73 24.99
C VAL F 192 -12.73 -50.36 26.32
N GLN F 193 -12.01 -50.04 27.39
CA GLN F 193 -12.29 -50.61 28.70
C GLN F 193 -13.67 -50.19 29.20
N ASN F 194 -14.00 -48.91 29.07
CA ASN F 194 -15.24 -48.37 29.64
C ASN F 194 -16.45 -48.50 28.71
N SER F 195 -16.30 -49.09 27.53
CA SER F 195 -17.46 -49.34 26.70
C SER F 195 -18.31 -50.44 27.31
N ASN F 196 -19.60 -50.43 26.99
CA ASN F 196 -20.51 -51.42 27.55
C ASN F 196 -20.17 -52.82 27.03
N PRO F 197 -20.62 -53.88 27.72
CA PRO F 197 -20.10 -55.21 27.41
C PRO F 197 -20.33 -55.67 25.98
N ASP F 198 -21.35 -55.15 25.29
CA ASP F 198 -21.63 -55.62 23.95
C ASP F 198 -20.59 -55.12 22.96
N CYS F 199 -20.15 -53.87 23.09
CA CYS F 199 -19.15 -53.33 22.18
C CYS F 199 -17.75 -53.82 22.52
N LYS F 200 -17.44 -53.92 23.82
CA LYS F 200 -16.14 -54.40 24.24
C LYS F 200 -15.81 -55.76 23.64
N GLN F 201 -16.80 -56.64 23.57
CA GLN F 201 -16.60 -57.92 22.89
C GLN F 201 -16.23 -57.72 21.43
N ILE F 202 -16.92 -56.82 20.75
CA ILE F 202 -16.65 -56.58 19.33
C ILE F 202 -15.37 -55.76 19.16
N LEU F 203 -15.13 -54.80 20.06
CA LEU F 203 -13.96 -53.93 19.90
C LEU F 203 -12.67 -54.67 20.19
N LYS F 204 -12.64 -55.47 21.27
CA LYS F 204 -11.45 -56.26 21.55
C LYS F 204 -11.21 -57.31 20.47
N ALA F 205 -12.26 -57.72 19.77
CA ALA F 205 -12.14 -58.70 18.69
C ALA F 205 -11.59 -58.10 17.40
N LEU F 206 -11.43 -56.79 17.32
CA LEU F 206 -10.87 -56.15 16.14
C LEU F 206 -9.36 -56.03 16.18
N GLY F 207 -8.71 -56.45 17.27
CA GLY F 207 -7.28 -56.37 17.40
C GLY F 207 -6.78 -54.95 17.60
N PRO F 208 -5.52 -54.83 18.04
CA PRO F 208 -4.95 -53.50 18.25
C PRO F 208 -4.60 -52.82 16.94
N GLY F 209 -4.57 -51.48 16.99
CA GLY F 209 -4.25 -50.68 15.84
C GLY F 209 -5.42 -50.31 14.96
N ALA F 210 -6.65 -50.60 15.38
CA ALA F 210 -7.82 -50.20 14.61
C ALA F 210 -8.13 -48.73 14.82
N THR F 211 -8.50 -48.05 13.74
CA THR F 211 -8.82 -46.63 13.82
C THR F 211 -10.17 -46.43 14.50
N LEU F 212 -10.39 -45.19 14.95
CA LEU F 212 -11.66 -44.86 15.59
C LEU F 212 -12.83 -44.97 14.62
N GLU F 213 -12.60 -44.69 13.34
CA GLU F 213 -13.63 -44.91 12.32
C GLU F 213 -14.07 -46.37 12.33
N GLU F 214 -13.11 -47.30 12.25
CA GLU F 214 -13.45 -48.70 12.19
C GLU F 214 -14.19 -49.16 13.44
N MET F 215 -13.84 -48.59 14.60
CA MET F 215 -14.51 -48.94 15.84
C MET F 215 -15.95 -48.44 15.84
N MET F 216 -16.16 -47.18 15.43
CA MET F 216 -17.52 -46.63 15.41
C MET F 216 -18.40 -47.33 14.40
N VAL F 217 -17.82 -47.81 13.30
CA VAL F 217 -18.59 -48.58 12.32
C VAL F 217 -18.95 -49.94 12.87
N ALA F 218 -18.02 -50.59 13.57
CA ALA F 218 -18.24 -51.94 14.08
C ALA F 218 -19.23 -52.01 15.24
N CYS F 219 -19.67 -50.86 15.76
CA CYS F 219 -20.67 -50.79 16.82
C CYS F 219 -21.94 -50.08 16.36
N GLN F 220 -22.32 -50.26 15.11
CA GLN F 220 -23.52 -49.61 14.60
C GLN F 220 -24.60 -50.62 14.22
N PRO G 1 11.24 3.38 -16.69
CA PRO G 1 10.94 2.00 -16.28
C PRO G 1 9.71 1.91 -15.37
N ILE G 2 9.41 0.72 -14.88
CA ILE G 2 8.27 0.49 -13.99
C ILE G 2 8.78 0.21 -12.58
N VAL G 3 8.09 0.77 -11.58
CA VAL G 3 8.40 0.56 -10.18
C VAL G 3 7.09 0.48 -9.39
N THR G 4 7.21 0.00 -8.15
CA THR G 4 6.09 -0.09 -7.22
C THR G 4 6.19 1.03 -6.20
N ASN G 5 5.07 1.73 -5.98
CA ASN G 5 5.06 2.82 -5.01
C ASN G 5 5.04 2.26 -3.59
N ALA G 6 4.95 3.17 -2.61
CA ALA G 6 4.94 2.75 -1.21
C ALA G 6 3.74 1.86 -0.89
N GLN G 7 2.60 2.10 -1.54
CA GLN G 7 1.40 1.31 -1.28
C GLN G 7 1.38 -0.01 -2.08
N GLY G 8 2.36 -0.24 -2.95
CA GLY G 8 2.44 -1.46 -3.72
C GLY G 8 1.77 -1.45 -5.08
N GLN G 9 1.42 -0.28 -5.60
CA GLN G 9 0.80 -0.19 -6.90
C GLN G 9 1.87 0.08 -7.97
N MET G 10 1.58 -0.31 -9.20
CA MET G 10 2.52 -0.17 -10.30
C MET G 10 2.44 1.24 -10.87
N ILE G 11 3.52 2.01 -10.73
CA ILE G 11 3.58 3.40 -11.16
C ILE G 11 4.82 3.62 -12.02
N HIS G 12 4.78 4.69 -12.82
CA HIS G 12 5.86 5.02 -13.74
C HIS G 12 7.00 5.73 -13.03
N GLN G 13 8.23 5.35 -13.39
CA GLN G 13 9.43 6.04 -12.95
C GLN G 13 10.14 6.60 -14.18
N CYS G 14 10.48 7.88 -14.13
CA CYS G 14 11.09 8.53 -15.27
C CYS G 14 12.52 8.03 -15.46
N ILE G 15 12.93 7.93 -16.73
CA ILE G 15 14.28 7.47 -17.02
C ILE G 15 15.29 8.44 -16.40
N SER G 16 16.37 7.89 -15.84
CA SER G 16 17.28 8.68 -15.04
C SER G 16 18.22 9.51 -15.91
N PRO G 17 18.63 10.69 -15.44
CA PRO G 17 19.63 11.46 -16.18
C PRO G 17 20.93 10.69 -16.39
N ARG G 18 21.30 9.82 -15.45
CA ARG G 18 22.49 8.99 -15.63
C ARG G 18 22.36 8.09 -16.85
N THR G 19 21.27 7.32 -16.91
CA THR G 19 21.06 6.40 -18.03
C THR G 19 20.99 7.15 -19.35
N LEU G 20 20.29 8.28 -19.37
CA LEU G 20 20.14 9.05 -20.61
C LEU G 20 21.50 9.53 -21.13
N ASN G 21 22.35 10.04 -20.23
CA ASN G 21 23.68 10.48 -20.64
C ASN G 21 24.52 9.30 -21.09
N ALA G 22 24.39 8.15 -20.41
CA ALA G 22 25.11 6.96 -20.82
C ALA G 22 24.76 6.55 -22.25
N TRP G 23 23.49 6.66 -22.61
CA TRP G 23 23.07 6.34 -23.98
C TRP G 23 23.60 7.35 -24.98
N VAL G 24 23.55 8.64 -24.64
CA VAL G 24 24.06 9.66 -25.56
C VAL G 24 25.54 9.46 -25.83
N LYS G 25 26.33 9.26 -24.76
CA LYS G 25 27.76 9.05 -24.93
C LYS G 25 28.05 7.79 -25.74
N ALA G 26 27.26 6.73 -25.53
CA ALA G 26 27.48 5.48 -26.26
C ALA G 26 27.31 5.69 -27.76
N VAL G 27 26.28 6.41 -28.17
CA VAL G 27 26.03 6.64 -29.60
C VAL G 27 27.10 7.56 -30.18
N GLU G 28 27.59 8.52 -29.40
CA GLU G 28 28.64 9.42 -29.89
C GLU G 28 29.94 8.67 -30.13
N GLU G 29 30.27 7.73 -29.24
CA GLU G 29 31.56 7.04 -29.25
C GLU G 29 31.56 5.81 -30.14
N LYS G 30 30.53 4.98 -30.04
CA LYS G 30 30.51 3.68 -30.71
C LYS G 30 29.79 3.71 -32.06
N ALA G 31 29.45 4.90 -32.56
CA ALA G 31 28.75 5.06 -33.83
C ALA G 31 27.64 4.02 -34.00
N PHE G 32 27.77 3.16 -34.99
CA PHE G 32 26.92 1.98 -35.17
C PHE G 32 27.77 0.73 -35.32
N ASN G 33 28.86 0.66 -34.55
CA ASN G 33 29.60 -0.57 -34.38
C ASN G 33 28.68 -1.63 -33.76
N PRO G 34 29.01 -2.91 -33.95
CA PRO G 34 28.10 -3.97 -33.47
C PRO G 34 27.74 -3.89 -32.00
N GLU G 35 28.65 -3.39 -31.14
CA GLU G 35 28.35 -3.39 -29.71
C GLU G 35 27.29 -2.37 -29.31
N ILE G 36 26.76 -1.57 -30.24
CA ILE G 36 25.68 -0.65 -29.86
C ILE G 36 24.37 -1.39 -29.63
N ILE G 37 24.22 -2.58 -30.21
CA ILE G 37 23.00 -3.38 -30.04
C ILE G 37 22.89 -3.82 -28.57
N PRO G 38 23.93 -4.42 -27.96
CA PRO G 38 23.78 -4.78 -26.54
C PRO G 38 23.69 -3.58 -25.63
N MET G 39 24.37 -2.46 -25.97
CA MET G 39 24.25 -1.26 -25.15
C MET G 39 22.80 -0.81 -25.05
N PHE G 40 22.11 -0.77 -26.19
CA PHE G 40 20.69 -0.37 -26.20
C PHE G 40 19.85 -1.31 -25.36
N MET G 41 19.99 -2.61 -25.56
CA MET G 41 19.17 -3.58 -24.83
C MET G 41 19.41 -3.50 -23.33
N ALA G 42 20.65 -3.25 -22.92
CA ALA G 42 20.96 -3.16 -21.50
C ALA G 42 20.43 -1.86 -20.89
N LEU G 43 20.63 -0.74 -21.58
CA LEU G 43 20.21 0.55 -21.02
C LEU G 43 18.71 0.76 -21.10
N SER G 44 18.04 0.13 -22.06
CA SER G 44 16.59 0.21 -22.20
C SER G 44 15.87 -0.97 -21.56
N CYS G 45 16.56 -1.75 -20.72
CA CYS G 45 15.94 -2.94 -20.16
C CYS G 45 14.86 -2.55 -19.17
N GLY G 46 13.66 -3.10 -19.34
CA GLY G 46 12.54 -2.77 -18.49
C GLY G 46 11.85 -1.47 -18.83
N ALA G 47 12.19 -0.83 -19.94
CA ALA G 47 11.66 0.47 -20.28
C ALA G 47 10.33 0.34 -21.03
N VAL G 48 9.43 1.29 -20.76
CA VAL G 48 8.18 1.40 -21.51
C VAL G 48 8.45 2.21 -22.78
N PRO G 49 7.56 2.16 -23.79
CA PRO G 49 7.81 2.94 -25.01
C PRO G 49 8.04 4.43 -24.78
N TYR G 50 7.38 5.03 -23.77
CA TYR G 50 7.65 6.42 -23.45
C TYR G 50 9.13 6.63 -23.13
N ASP G 51 9.71 5.73 -22.35
CA ASP G 51 11.12 5.82 -21.99
C ASP G 51 12.01 5.64 -23.21
N ILE G 52 11.65 4.71 -24.09
CA ILE G 52 12.50 4.37 -25.22
C ILE G 52 12.55 5.52 -26.22
N ASN G 53 11.41 6.18 -26.45
CA ASN G 53 11.40 7.33 -27.35
C ASN G 53 12.30 8.45 -26.84
N THR G 54 12.36 8.62 -25.52
CA THR G 54 13.28 9.59 -24.94
C THR G 54 14.71 9.28 -25.32
N MET G 55 15.09 8.00 -25.30
CA MET G 55 16.44 7.60 -25.68
C MET G 55 16.72 7.93 -27.14
N LEU G 56 15.83 7.52 -28.04
CA LEU G 56 16.05 7.75 -29.46
C LEU G 56 16.08 9.25 -29.80
N ASN G 57 15.14 10.01 -29.23
CA ASN G 57 15.03 11.44 -29.55
C ASN G 57 16.16 12.27 -28.95
N ALA G 58 16.83 11.77 -27.91
CA ALA G 58 17.92 12.53 -27.30
C ALA G 58 19.18 12.51 -28.16
N ILE G 59 19.27 11.60 -29.12
CA ILE G 59 20.43 11.53 -30.00
C ILE G 59 20.48 12.79 -30.87
N GLY G 60 21.66 13.41 -30.93
CA GLY G 60 21.82 14.65 -31.66
C GLY G 60 22.13 14.47 -33.12
N GLY G 61 23.19 13.73 -33.42
CA GLY G 61 23.56 13.43 -34.79
C GLY G 61 22.90 12.17 -35.31
N HIS G 62 23.49 11.61 -36.37
CA HIS G 62 23.06 10.33 -36.94
C HIS G 62 21.59 10.38 -37.35
N GLN G 63 21.14 11.54 -37.83
CA GLN G 63 19.73 11.72 -38.12
C GLN G 63 19.30 10.92 -39.35
N GLY G 64 20.22 10.65 -40.27
CA GLY G 64 19.91 9.73 -41.35
C GLY G 64 19.68 8.31 -40.84
N ALA G 65 20.49 7.89 -39.87
CA ALA G 65 20.30 6.58 -39.25
C ALA G 65 18.99 6.51 -38.49
N LEU G 66 18.70 7.53 -37.67
CA LEU G 66 17.43 7.56 -36.93
C LEU G 66 16.23 7.56 -37.86
N GLN G 67 16.37 8.14 -39.05
CA GLN G 67 15.26 8.11 -39.98
C GLN G 67 15.03 6.70 -40.53
N VAL G 68 16.09 5.91 -40.64
CA VAL G 68 15.94 4.51 -41.03
C VAL G 68 15.18 3.74 -39.94
N LEU G 69 15.48 4.02 -38.67
CA LEU G 69 14.76 3.37 -37.59
C LEU G 69 13.27 3.68 -37.64
N LYS G 70 12.91 4.95 -37.86
CA LYS G 70 11.49 5.31 -37.92
C LYS G 70 10.81 4.68 -39.14
N GLU G 71 11.55 4.48 -40.23
CA GLU G 71 11.01 3.71 -41.35
C GLU G 71 10.72 2.28 -40.92
N VAL G 72 11.68 1.63 -40.26
CA VAL G 72 11.52 0.24 -39.84
C VAL G 72 10.44 0.11 -38.77
N ILE G 73 10.38 1.05 -37.83
CA ILE G 73 9.38 0.98 -36.76
C ILE G 73 7.97 1.04 -37.34
N ASN G 74 7.75 1.90 -38.34
CA ASN G 74 6.44 1.98 -38.96
C ASN G 74 6.09 0.69 -39.69
N GLU G 75 7.08 0.06 -40.34
CA GLU G 75 6.85 -1.21 -41.02
C GLU G 75 6.37 -2.28 -40.05
N GLU G 76 7.04 -2.39 -38.90
CA GLU G 76 6.65 -3.40 -37.91
C GLU G 76 5.29 -3.07 -37.29
N ALA G 77 4.99 -1.79 -37.12
CA ALA G 77 3.68 -1.40 -36.59
C ALA G 77 2.57 -1.83 -37.54
N ALA G 78 2.81 -1.74 -38.85
CA ALA G 78 1.83 -2.21 -39.82
C ALA G 78 1.64 -3.71 -39.72
N GLU G 79 2.74 -4.47 -39.61
CA GLU G 79 2.62 -5.91 -39.40
C GLU G 79 1.87 -6.23 -38.11
N TRP G 80 2.09 -5.43 -37.06
CA TRP G 80 1.34 -5.62 -35.83
C TRP G 80 -0.15 -5.38 -36.07
N ASP G 81 -0.49 -4.22 -36.65
CA ASP G 81 -1.88 -3.89 -36.91
C ASP G 81 -2.54 -4.92 -37.81
N ARG G 82 -1.79 -5.50 -38.74
CA ARG G 82 -2.37 -6.51 -39.64
C ARG G 82 -2.82 -7.73 -38.86
N THR G 83 -2.03 -8.15 -37.86
CA THR G 83 -2.33 -9.33 -37.06
C THR G 83 -3.08 -9.00 -35.78
N HIS G 84 -3.54 -7.75 -35.63
CA HIS G 84 -4.30 -7.34 -34.45
C HIS G 84 -5.34 -6.31 -34.88
N PRO G 85 -6.40 -6.76 -35.56
CA PRO G 85 -7.43 -5.82 -36.04
C PRO G 85 -8.18 -5.20 -34.88
N PRO G 86 -8.77 -4.02 -35.08
CA PRO G 86 -9.53 -3.38 -33.99
C PRO G 86 -10.77 -4.16 -33.59
N ALA G 87 -11.55 -3.59 -32.67
CA ALA G 87 -12.73 -4.25 -32.09
C ALA G 87 -14.04 -3.90 -32.79
N MET G 88 -14.23 -2.62 -33.18
CA MET G 88 -15.50 -2.17 -33.75
C MET G 88 -16.66 -2.46 -32.80
N GLY G 89 -16.39 -2.35 -31.51
CA GLY G 89 -17.39 -2.51 -30.47
C GLY G 89 -17.02 -1.69 -29.25
N PRO G 90 -18.02 -1.20 -28.55
CA PRO G 90 -17.75 -0.31 -27.40
C PRO G 90 -16.86 -0.99 -26.38
N LEU G 91 -15.81 -0.29 -25.97
CA LEU G 91 -14.86 -0.86 -25.03
C LEU G 91 -15.57 -1.21 -23.72
N PRO G 92 -15.22 -2.33 -23.10
CA PRO G 92 -15.83 -2.69 -21.82
C PRO G 92 -15.57 -1.59 -20.79
N PRO G 93 -16.47 -1.44 -19.81
CA PRO G 93 -16.39 -0.26 -18.93
C PRO G 93 -15.08 -0.16 -18.15
N GLY G 94 -14.57 -1.28 -17.63
CA GLY G 94 -13.36 -1.28 -16.84
C GLY G 94 -12.10 -1.70 -17.54
N GLN G 95 -12.16 -1.98 -18.83
CA GLN G 95 -11.03 -2.50 -19.59
C GLN G 95 -10.59 -1.50 -20.64
N ILE G 96 -9.29 -1.38 -20.82
CA ILE G 96 -8.73 -0.48 -21.83
C ILE G 96 -8.59 -1.23 -23.15
N ARG G 97 -8.55 -0.47 -24.24
CA ARG G 97 -8.36 -0.99 -25.58
C ARG G 97 -7.11 -1.86 -25.67
N GLU G 98 -7.01 -2.61 -26.77
CA GLU G 98 -5.84 -3.39 -27.11
C GLU G 98 -4.85 -2.53 -27.91
N PRO G 99 -3.55 -2.65 -27.64
CA PRO G 99 -2.60 -1.67 -28.18
C PRO G 99 -2.43 -1.85 -29.68
N THR G 100 -2.49 -0.74 -30.42
CA THR G 100 -2.25 -0.74 -31.84
C THR G 100 -0.75 -0.65 -32.13
N GLY G 101 -0.40 -0.68 -33.41
CA GLY G 101 1.00 -0.52 -33.78
C GLY G 101 1.58 0.79 -33.30
N SER G 102 0.85 1.89 -33.49
CA SER G 102 1.31 3.19 -33.04
C SER G 102 1.27 3.32 -31.52
N ASP G 103 0.42 2.56 -30.85
CA ASP G 103 0.41 2.56 -29.38
C ASP G 103 1.68 1.92 -28.83
N ILE G 104 2.18 0.88 -29.50
CA ILE G 104 3.39 0.21 -29.04
C ILE G 104 4.61 1.09 -29.31
N ALA G 105 4.57 1.88 -30.38
CA ALA G 105 5.66 2.81 -30.66
C ALA G 105 5.64 4.02 -29.73
N GLY G 106 4.67 4.11 -28.83
CA GLY G 106 4.60 5.22 -27.90
C GLY G 106 4.20 6.54 -28.52
N THR G 107 3.75 6.55 -29.77
CA THR G 107 3.39 7.78 -30.45
C THR G 107 1.95 8.19 -30.19
N THR G 108 1.06 7.23 -29.94
CA THR G 108 -0.36 7.52 -29.68
C THR G 108 -0.84 6.98 -28.35
N SER G 109 0.07 6.56 -27.47
CA SER G 109 -0.29 6.03 -26.17
C SER G 109 0.47 6.80 -25.09
N THR G 110 -0.12 6.87 -23.91
CA THR G 110 0.44 7.61 -22.79
C THR G 110 1.21 6.69 -21.85
N GLN G 111 1.97 7.33 -20.95
CA GLN G 111 2.73 6.61 -19.93
C GLN G 111 1.84 5.63 -19.17
N GLN G 112 0.68 6.11 -18.72
CA GLN G 112 -0.19 5.29 -17.88
C GLN G 112 -0.73 4.08 -18.64
N GLU G 113 -1.16 4.29 -19.89
CA GLU G 113 -1.67 3.19 -20.70
C GLU G 113 -0.63 2.10 -20.90
N GLN G 114 0.62 2.49 -21.12
CA GLN G 114 1.68 1.53 -21.39
C GLN G 114 1.93 0.60 -20.20
N ILE G 115 1.80 1.12 -18.97
CA ILE G 115 2.01 0.29 -17.80
C ILE G 115 0.85 -0.68 -17.61
N ILE G 116 -0.38 -0.23 -17.86
CA ILE G 116 -1.54 -1.10 -17.71
C ILE G 116 -1.41 -2.31 -18.61
N TRP G 117 -0.96 -2.11 -19.84
CA TRP G 117 -0.78 -3.21 -20.78
C TRP G 117 0.26 -4.22 -20.29
N THR G 118 1.39 -3.73 -19.77
CA THR G 118 2.49 -4.60 -19.37
C THR G 118 2.24 -5.33 -18.06
N THR G 119 1.44 -4.75 -17.17
CA THR G 119 1.31 -5.23 -15.79
C THR G 119 -0.01 -5.93 -15.50
N ARG G 120 -0.85 -6.14 -16.51
CA ARG G 120 -2.12 -6.87 -16.32
C ARG G 120 -1.90 -8.19 -15.59
N SER G 124 -1.89 -8.93 -21.00
CA SER G 124 -0.50 -9.20 -20.70
C SER G 124 0.36 -9.01 -21.96
N ILE G 125 0.38 -7.79 -22.48
CA ILE G 125 1.12 -7.47 -23.69
C ILE G 125 2.33 -6.60 -23.30
N PRO G 126 3.55 -7.11 -23.43
CA PRO G 126 4.76 -6.32 -23.09
C PRO G 126 5.14 -5.34 -24.19
N VAL G 127 4.46 -4.19 -24.19
CA VAL G 127 4.66 -3.21 -25.26
C VAL G 127 6.09 -2.69 -25.28
N GLY G 128 6.75 -2.61 -24.13
CA GLY G 128 8.13 -2.18 -24.10
C GLY G 128 9.07 -3.11 -24.86
N ASP G 129 8.99 -4.41 -24.56
CA ASP G 129 9.89 -5.37 -25.18
C ASP G 129 9.62 -5.53 -26.67
N ILE G 130 8.35 -5.45 -27.09
CA ILE G 130 8.03 -5.54 -28.51
C ILE G 130 8.65 -4.38 -29.26
N TYR G 131 8.56 -3.18 -28.70
CA TYR G 131 9.13 -1.99 -29.34
C TYR G 131 10.65 -2.05 -29.36
N ARG G 132 11.25 -2.66 -28.34
CA ARG G 132 12.69 -2.92 -28.36
C ARG G 132 13.05 -3.87 -29.49
N LYS G 133 12.21 -4.88 -29.75
CA LYS G 133 12.45 -5.80 -30.85
C LYS G 133 12.43 -5.07 -32.19
N TRP G 134 11.54 -4.10 -32.35
CA TRP G 134 11.46 -3.34 -33.59
C TRP G 134 12.71 -2.50 -33.80
N ILE G 135 13.25 -1.93 -32.72
CA ILE G 135 14.40 -1.03 -32.84
C ILE G 135 15.68 -1.81 -33.07
N VAL G 136 15.85 -2.95 -32.38
CA VAL G 136 17.01 -3.79 -32.64
C VAL G 136 17.00 -4.27 -34.09
N LEU G 137 15.82 -4.52 -34.65
CA LEU G 137 15.73 -4.88 -36.06
C LEU G 137 16.26 -3.75 -36.94
N GLY G 138 15.90 -2.51 -36.61
CA GLY G 138 16.43 -1.38 -37.37
C GLY G 138 17.90 -1.13 -37.10
N LEU G 139 18.33 -1.31 -35.85
CA LEU G 139 19.74 -1.11 -35.52
C LEU G 139 20.64 -2.12 -36.22
N ASN G 140 20.17 -3.36 -36.41
CA ASN G 140 20.97 -4.33 -37.16
C ASN G 140 21.17 -3.87 -38.60
N LYS G 141 20.17 -3.26 -39.22
CA LYS G 141 20.33 -2.73 -40.57
C LYS G 141 21.41 -1.67 -40.63
N MET G 142 21.53 -0.85 -39.58
CA MET G 142 22.52 0.20 -39.58
C MET G 142 23.94 -0.32 -39.32
N VAL G 143 24.07 -1.36 -38.50
CA VAL G 143 25.40 -1.88 -38.20
C VAL G 143 26.06 -2.45 -39.45
N LYS G 144 25.33 -3.24 -40.23
CA LYS G 144 25.87 -3.70 -41.51
C LYS G 144 26.16 -2.54 -42.43
N MET G 145 25.35 -1.48 -42.37
CA MET G 145 25.51 -0.38 -43.32
C MET G 145 26.75 0.44 -42.98
N TYR G 146 26.96 0.75 -41.70
CA TYR G 146 28.18 1.44 -41.29
C TYR G 146 29.37 0.51 -41.17
N SER G 147 29.23 -0.76 -41.51
CA SER G 147 30.39 -1.66 -41.51
C SER G 147 31.27 -1.32 -42.70
N PRO G 148 32.46 -0.77 -42.50
CA PRO G 148 33.25 -0.30 -43.63
C PRO G 148 33.86 -1.43 -44.46
N VAL G 149 34.57 -2.33 -43.80
CA VAL G 149 35.42 -3.31 -44.47
C VAL G 149 34.66 -4.61 -44.66
N SER G 150 34.96 -5.31 -45.75
CA SER G 150 34.51 -6.67 -45.97
C SER G 150 35.50 -7.63 -45.31
N ILE G 151 34.99 -8.77 -44.84
CA ILE G 151 35.84 -9.74 -44.16
C ILE G 151 36.98 -10.21 -45.06
N LEU G 152 36.84 -10.07 -46.38
CA LEU G 152 37.89 -10.49 -47.29
C LEU G 152 39.08 -9.54 -47.25
N ASP G 153 38.85 -8.25 -46.98
CA ASP G 153 39.93 -7.27 -46.94
C ASP G 153 40.55 -7.15 -45.55
N ILE G 154 40.38 -8.14 -44.69
CA ILE G 154 41.02 -8.18 -43.37
C ILE G 154 42.21 -9.13 -43.51
N ARG G 155 43.38 -8.57 -43.78
CA ARG G 155 44.60 -9.35 -43.93
C ARG G 155 45.63 -8.87 -42.93
N GLN G 156 46.35 -9.82 -42.34
CA GLN G 156 47.37 -9.49 -41.35
C GLN G 156 48.49 -8.68 -41.99
N GLY G 157 48.87 -7.58 -41.35
CA GLY G 157 49.97 -6.78 -41.82
C GLY G 157 51.29 -7.54 -41.83
N PRO G 158 52.30 -6.97 -42.48
CA PRO G 158 53.60 -7.67 -42.56
C PRO G 158 54.22 -7.92 -41.19
N LYS G 159 54.19 -6.92 -40.30
CA LYS G 159 54.77 -7.02 -38.98
C LYS G 159 53.72 -6.82 -37.89
N GLU G 160 52.48 -7.17 -38.18
CA GLU G 160 51.39 -7.04 -37.22
C GLU G 160 51.33 -8.28 -36.34
N PRO G 161 51.22 -8.13 -35.02
CA PRO G 161 51.11 -9.31 -34.17
C PRO G 161 49.81 -10.06 -34.43
N PHE G 162 49.91 -11.39 -34.40
CA PHE G 162 48.76 -12.23 -34.71
C PHE G 162 47.59 -11.95 -33.77
N ARG G 163 47.89 -11.61 -32.51
CA ARG G 163 46.86 -11.25 -31.55
C ARG G 163 45.99 -10.11 -32.06
N ASP G 164 46.61 -9.04 -32.57
CA ASP G 164 45.85 -7.88 -33.02
C ASP G 164 45.13 -8.17 -34.33
N TYR G 165 45.72 -9.00 -35.18
CA TYR G 165 45.05 -9.41 -36.42
C TYR G 165 43.77 -10.18 -36.13
N VAL G 166 43.80 -11.06 -35.12
CA VAL G 166 42.60 -11.83 -34.78
C VAL G 166 41.48 -10.91 -34.32
N ASP G 167 41.82 -9.84 -33.60
CA ASP G 167 40.81 -8.91 -33.11
C ASP G 167 40.18 -8.13 -34.27
N ARG G 168 40.98 -7.66 -35.23
CA ARG G 168 40.39 -6.99 -36.38
C ARG G 168 39.55 -7.94 -37.21
N PHE G 169 39.93 -9.22 -37.25
CA PHE G 169 39.20 -10.19 -38.03
C PHE G 169 37.80 -10.41 -37.45
N TYR G 170 37.71 -10.72 -36.16
CA TYR G 170 36.43 -11.01 -35.54
C TYR G 170 35.61 -9.77 -35.21
N LYS G 171 36.24 -8.60 -35.11
CA LYS G 171 35.46 -7.37 -35.04
C LYS G 171 34.71 -7.15 -36.35
N THR G 172 35.42 -7.26 -37.47
CA THR G 172 34.78 -7.16 -38.78
C THR G 172 33.75 -8.27 -38.99
N LEU G 173 34.09 -9.50 -38.58
CA LEU G 173 33.15 -10.60 -38.75
C LEU G 173 31.86 -10.37 -37.98
N ARG G 174 31.95 -9.67 -36.84
CA ARG G 174 30.75 -9.41 -36.04
C ARG G 174 29.81 -8.44 -36.74
N ALA G 175 30.37 -7.47 -37.50
CA ALA G 175 29.52 -6.45 -38.11
C ALA G 175 28.57 -7.03 -39.14
N GLU G 176 29.00 -8.02 -39.91
CA GLU G 176 28.11 -8.79 -40.77
C GLU G 176 28.03 -10.25 -40.31
N THR G 189 38.36 -20.86 -41.19
CA THR G 189 39.01 -21.34 -42.41
C THR G 189 39.58 -20.18 -43.22
N LEU G 190 38.94 -19.03 -43.14
CA LEU G 190 39.43 -17.83 -43.80
C LEU G 190 40.49 -17.11 -42.97
N LEU G 191 40.42 -17.24 -41.65
CA LEU G 191 41.40 -16.60 -40.77
C LEU G 191 42.83 -17.04 -41.08
N VAL G 192 43.03 -18.32 -41.35
CA VAL G 192 44.38 -18.82 -41.59
C VAL G 192 44.87 -18.33 -42.95
N GLN G 193 43.98 -18.26 -43.93
CA GLN G 193 44.33 -17.84 -45.28
C GLN G 193 44.84 -16.40 -45.30
N ASN G 194 44.19 -15.49 -44.58
CA ASN G 194 44.53 -14.08 -44.64
C ASN G 194 45.65 -13.69 -43.67
N SER G 195 46.21 -14.64 -42.94
CA SER G 195 47.34 -14.34 -42.08
C SER G 195 48.60 -14.08 -42.91
N ASN G 196 49.53 -13.34 -42.32
CA ASN G 196 50.76 -13.00 -43.02
C ASN G 196 51.61 -14.26 -43.22
N PRO G 197 52.60 -14.20 -44.13
CA PRO G 197 53.36 -15.43 -44.45
C PRO G 197 54.09 -16.03 -43.26
N ASP G 198 54.38 -15.27 -42.21
CA ASP G 198 55.16 -15.82 -41.09
C ASP G 198 54.32 -16.79 -40.25
N CYS G 199 53.01 -16.55 -40.15
CA CYS G 199 52.16 -17.38 -39.31
CA CYS G 199 52.16 -17.38 -39.31
C CYS G 199 51.43 -18.46 -40.08
N LYS G 200 51.11 -18.23 -41.36
CA LYS G 200 50.43 -19.27 -42.14
C LYS G 200 51.26 -20.54 -42.20
N GLN G 201 52.59 -20.40 -42.31
CA GLN G 201 53.47 -21.56 -42.23
C GLN G 201 53.30 -22.29 -40.89
N ILE G 202 53.21 -21.53 -39.80
CA ILE G 202 53.09 -22.13 -38.48
C ILE G 202 51.69 -22.71 -38.28
N LEU G 203 50.67 -22.03 -38.80
CA LEU G 203 49.30 -22.48 -38.58
C LEU G 203 48.99 -23.73 -39.40
N LYS G 204 49.41 -23.76 -40.66
CA LYS G 204 49.24 -24.97 -41.47
C LYS G 204 50.02 -26.14 -40.90
N ALA G 205 51.10 -25.86 -40.15
CA ALA G 205 51.89 -26.91 -39.54
C ALA G 205 51.23 -27.53 -38.31
N LEU G 206 50.14 -26.95 -37.83
CA LEU G 206 49.39 -27.51 -36.71
C LEU G 206 48.30 -28.47 -37.15
N GLY G 207 48.12 -28.66 -38.46
CA GLY G 207 47.09 -29.52 -38.97
C GLY G 207 45.70 -28.94 -38.83
N PRO G 208 44.73 -29.53 -39.53
CA PRO G 208 43.35 -29.03 -39.43
C PRO G 208 42.73 -29.39 -38.10
N GLY G 209 41.74 -28.59 -37.71
CA GLY G 209 41.06 -28.81 -36.45
C GLY G 209 41.70 -28.13 -35.25
N ALA G 210 42.67 -27.26 -35.45
CA ALA G 210 43.29 -26.55 -34.34
C ALA G 210 42.37 -25.44 -33.84
N THR G 211 42.28 -25.32 -32.52
CA THR G 211 41.43 -24.31 -31.91
C THR G 211 42.05 -22.92 -32.04
N LEU G 212 41.22 -21.90 -31.84
CA LEU G 212 41.72 -20.53 -31.90
C LEU G 212 42.72 -20.26 -30.79
N GLU G 213 42.55 -20.90 -29.62
CA GLU G 213 43.55 -20.81 -28.56
C GLU G 213 44.90 -21.30 -29.05
N GLU G 214 44.94 -22.48 -29.68
CA GLU G 214 46.20 -23.05 -30.14
C GLU G 214 46.87 -22.14 -31.16
N MET G 215 46.08 -21.42 -31.97
CA MET G 215 46.63 -20.58 -33.02
C MET G 215 47.23 -19.29 -32.46
N MET G 216 46.70 -18.80 -31.34
CA MET G 216 47.23 -17.56 -30.77
C MET G 216 48.49 -17.81 -29.95
N VAL G 217 48.59 -18.97 -29.30
CA VAL G 217 49.81 -19.31 -28.59
C VAL G 217 50.94 -19.63 -29.57
N ALA G 218 50.63 -20.37 -30.64
CA ALA G 218 51.63 -20.78 -31.61
C ALA G 218 52.13 -19.64 -32.48
N CYS G 219 51.52 -18.45 -32.40
CA CYS G 219 51.97 -17.28 -33.14
C CYS G 219 52.41 -16.15 -32.21
N GLN G 220 52.98 -16.48 -31.06
CA GLN G 220 53.43 -15.46 -30.13
C GLN G 220 54.95 -15.49 -29.95
N PRO H 1 20.11 -9.99 -12.11
CA PRO H 1 19.94 -10.81 -10.90
C PRO H 1 18.48 -11.15 -10.63
N ILE H 2 18.23 -11.82 -9.51
CA ILE H 2 16.90 -12.24 -9.10
C ILE H 2 16.48 -11.42 -7.89
N VAL H 3 15.19 -11.06 -7.84
CA VAL H 3 14.62 -10.33 -6.72
C VAL H 3 13.23 -10.89 -6.43
N THR H 4 12.72 -10.58 -5.24
CA THR H 4 11.38 -10.95 -4.82
C THR H 4 10.48 -9.73 -4.84
N ASN H 5 9.32 -9.86 -5.49
CA ASN H 5 8.35 -8.78 -5.54
C ASN H 5 7.58 -8.68 -4.23
N ALA H 6 6.60 -7.75 -4.20
CA ALA H 6 5.74 -7.63 -3.03
C ALA H 6 4.95 -8.91 -2.79
N GLN H 7 4.66 -9.65 -3.86
CA GLN H 7 3.89 -10.89 -3.79
C GLN H 7 4.73 -12.07 -3.31
N GLY H 8 6.05 -11.92 -3.24
CA GLY H 8 6.93 -13.00 -2.84
C GLY H 8 7.38 -13.89 -3.97
N GLN H 9 7.16 -13.48 -5.22
CA GLN H 9 7.54 -14.26 -6.40
C GLN H 9 8.90 -13.83 -6.91
N MET H 10 9.59 -14.77 -7.57
CA MET H 10 10.92 -14.55 -8.12
C MET H 10 10.81 -13.95 -9.53
N ILE H 11 11.28 -12.71 -9.70
CA ILE H 11 11.21 -12.01 -10.98
C ILE H 11 12.59 -11.50 -11.34
N HIS H 12 12.79 -11.29 -12.65
CA HIS H 12 14.08 -10.87 -13.16
C HIS H 12 14.29 -9.36 -12.99
N GLN H 13 15.49 -8.99 -12.59
CA GLN H 13 15.91 -7.60 -12.50
C GLN H 13 17.06 -7.35 -13.48
N CYS H 14 16.95 -6.27 -14.24
CA CYS H 14 17.91 -5.98 -15.29
C CYS H 14 19.26 -5.62 -14.67
N ILE H 15 20.34 -6.02 -15.32
CA ILE H 15 21.67 -5.66 -14.83
C ILE H 15 21.80 -4.15 -14.87
N SER H 16 22.44 -3.59 -13.85
CA SER H 16 22.41 -2.14 -13.73
C SER H 16 23.38 -1.50 -14.71
N PRO H 17 23.03 -0.33 -15.25
CA PRO H 17 23.97 0.39 -16.13
C PRO H 17 25.30 0.69 -15.45
N ARG H 18 25.30 0.95 -14.15
CA ARG H 18 26.55 1.15 -13.43
C ARG H 18 27.44 -0.08 -13.51
N THR H 19 26.88 -1.25 -13.13
CA THR H 19 27.65 -2.48 -13.14
C THR H 19 28.17 -2.81 -14.53
N LEU H 20 27.35 -2.61 -15.56
CA LEU H 20 27.77 -2.93 -16.91
C LEU H 20 28.94 -2.06 -17.34
N ASN H 21 28.89 -0.75 -17.04
CA ASN H 21 29.97 0.13 -17.43
C ASN H 21 31.25 -0.19 -16.66
N ALA H 22 31.13 -0.54 -15.37
CA ALA H 22 32.28 -0.96 -14.60
C ALA H 22 32.97 -2.16 -15.25
N TRP H 23 32.18 -3.10 -15.75
CA TRP H 23 32.74 -4.26 -16.46
C TRP H 23 33.40 -3.86 -17.77
N VAL H 24 32.77 -2.96 -18.53
CA VAL H 24 33.37 -2.50 -19.77
C VAL H 24 34.71 -1.83 -19.50
N LYS H 25 34.73 -0.92 -18.51
CA LYS H 25 35.97 -0.24 -18.17
C LYS H 25 37.01 -1.22 -17.66
N ALA H 26 36.60 -2.21 -16.87
CA ALA H 26 37.56 -3.18 -16.33
C ALA H 26 38.27 -3.93 -17.45
N VAL H 27 37.51 -4.39 -18.45
CA VAL H 27 38.12 -5.13 -19.56
C VAL H 27 38.98 -4.20 -20.41
N GLU H 28 38.54 -2.95 -20.58
CA GLU H 28 39.32 -1.99 -21.36
C GLU H 28 40.63 -1.63 -20.66
N GLU H 29 40.59 -1.49 -19.33
CA GLU H 29 41.72 -1.00 -18.55
C GLU H 29 42.66 -2.13 -18.13
N LYS H 30 42.11 -3.24 -17.65
CA LYS H 30 42.92 -4.33 -17.10
C LYS H 30 43.23 -5.41 -18.11
N ALA H 31 42.97 -5.16 -19.39
CA ALA H 31 43.20 -6.11 -20.49
C ALA H 31 42.80 -7.53 -20.10
N PHE H 32 43.77 -8.45 -20.07
CA PHE H 32 43.58 -9.79 -19.53
C PHE H 32 44.66 -10.11 -18.52
N ASN H 33 45.05 -9.11 -17.73
CA ASN H 33 45.85 -9.34 -16.54
C ASN H 33 45.07 -10.24 -15.58
N PRO H 34 45.76 -10.92 -14.67
CA PRO H 34 45.06 -11.87 -13.79
C PRO H 34 43.90 -11.26 -13.01
N GLU H 35 43.97 -9.96 -12.68
CA GLU H 35 42.92 -9.34 -11.88
C GLU H 35 41.61 -9.16 -12.64
N ILE H 36 41.54 -9.53 -13.92
CA ILE H 36 40.26 -9.46 -14.61
C ILE H 36 39.32 -10.57 -14.15
N ILE H 37 39.86 -11.66 -13.61
CA ILE H 37 39.06 -12.77 -13.11
C ILE H 37 38.26 -12.32 -11.89
N PRO H 38 38.86 -11.70 -10.87
CA PRO H 38 38.04 -11.23 -9.75
C PRO H 38 37.08 -10.13 -10.13
N MET H 39 37.41 -9.28 -11.10
CA MET H 39 36.48 -8.25 -11.55
C MET H 39 35.21 -8.88 -12.10
N PHE H 40 35.36 -9.88 -12.97
CA PHE H 40 34.21 -10.56 -13.55
C PHE H 40 33.35 -11.23 -12.48
N MET H 41 33.99 -11.97 -11.56
CA MET H 41 33.23 -12.69 -10.55
C MET H 41 32.43 -11.73 -9.66
N ALA H 42 33.00 -10.56 -9.36
CA ALA H 42 32.28 -9.60 -8.54
C ALA H 42 31.14 -8.94 -9.31
N LEU H 43 31.41 -8.54 -10.56
CA LEU H 43 30.43 -7.80 -11.35
C LEU H 43 29.31 -8.71 -11.87
N SER H 44 29.59 -10.01 -12.03
CA SER H 44 28.60 -10.97 -12.47
C SER H 44 27.94 -11.68 -11.28
N CYS H 45 28.09 -11.14 -10.09
CA CYS H 45 27.58 -11.79 -8.89
C CYS H 45 26.06 -11.77 -8.86
N GLY H 46 25.47 -12.95 -8.68
CA GLY H 46 24.02 -13.08 -8.65
C GLY H 46 23.36 -13.04 -10.01
N ALA H 47 24.11 -13.06 -11.10
CA ALA H 47 23.56 -12.87 -12.43
C ALA H 47 23.07 -14.18 -13.03
N VAL H 48 21.98 -14.08 -13.79
CA VAL H 48 21.48 -15.20 -14.59
C VAL H 48 22.21 -15.19 -15.93
N PRO H 49 22.20 -16.27 -16.70
CA PRO H 49 22.90 -16.27 -18.00
C PRO H 49 22.50 -15.13 -18.93
N TYR H 50 21.23 -14.69 -18.90
CA TYR H 50 20.83 -13.53 -19.70
C TYR H 50 21.69 -12.31 -19.36
N ASP H 51 21.91 -12.06 -18.08
CA ASP H 51 22.72 -10.92 -17.66
C ASP H 51 24.17 -11.07 -18.10
N ILE H 52 24.71 -12.29 -18.02
CA ILE H 52 26.13 -12.49 -18.32
C ILE H 52 26.41 -12.26 -19.80
N ASN H 53 25.51 -12.74 -20.67
CA ASN H 53 25.69 -12.48 -22.10
C ASN H 53 25.63 -10.98 -22.38
N THR H 54 24.81 -10.25 -21.64
CA THR H 54 24.81 -8.80 -21.76
C THR H 54 26.19 -8.23 -21.44
N MET H 55 26.84 -8.76 -20.41
CA MET H 55 28.19 -8.31 -20.08
C MET H 55 29.16 -8.65 -21.20
N LEU H 56 29.16 -9.91 -21.65
CA LEU H 56 30.10 -10.33 -22.69
C LEU H 56 29.84 -9.58 -23.99
N ASN H 57 28.57 -9.43 -24.38
CA ASN H 57 28.26 -8.79 -25.65
C ASN H 57 28.52 -7.28 -25.60
N ALA H 58 28.54 -6.68 -24.41
CA ALA H 58 28.77 -5.25 -24.31
C ALA H 58 30.23 -4.88 -24.57
N ILE H 59 31.14 -5.85 -24.53
CA ILE H 59 32.55 -5.57 -24.80
C ILE H 59 32.69 -5.19 -26.27
N GLY H 60 33.40 -4.09 -26.52
CA GLY H 60 33.53 -3.58 -27.87
C GLY H 60 34.68 -4.21 -28.62
N GLY H 61 35.87 -4.13 -28.05
CA GLY H 61 37.05 -4.75 -28.63
C GLY H 61 37.24 -6.17 -28.14
N HIS H 62 38.47 -6.64 -28.29
CA HIS H 62 38.88 -7.96 -27.77
C HIS H 62 38.00 -9.08 -28.34
N GLN H 63 37.54 -8.93 -29.58
CA GLN H 63 36.60 -9.91 -30.11
C GLN H 63 37.28 -11.23 -30.43
N GLY H 64 38.59 -11.22 -30.69
CA GLY H 64 39.31 -12.47 -30.78
C GLY H 64 39.34 -13.20 -29.45
N ALA H 65 39.51 -12.44 -28.36
CA ALA H 65 39.48 -13.01 -27.03
C ALA H 65 38.11 -13.58 -26.69
N LEU H 66 37.04 -12.83 -26.98
CA LEU H 66 35.69 -13.33 -26.74
C LEU H 66 35.40 -14.59 -27.55
N GLN H 67 36.04 -14.74 -28.70
CA GLN H 67 35.84 -15.96 -29.49
C GLN H 67 36.43 -17.18 -28.79
N VAL H 68 37.53 -17.01 -28.05
CA VAL H 68 38.07 -18.11 -27.27
C VAL H 68 37.10 -18.52 -26.17
N LEU H 69 36.48 -17.54 -25.51
CA LEU H 69 35.46 -17.85 -24.51
C LEU H 69 34.30 -18.64 -25.13
N LYS H 70 33.87 -18.23 -26.32
CA LYS H 70 32.76 -18.92 -26.96
C LYS H 70 33.12 -20.35 -27.34
N GLU H 71 34.39 -20.61 -27.68
CA GLU H 71 34.83 -21.99 -27.86
C GLU H 71 34.75 -22.77 -26.56
N VAL H 72 35.28 -22.18 -25.47
CA VAL H 72 35.31 -22.87 -24.19
C VAL H 72 33.89 -23.13 -23.69
N ILE H 73 32.99 -22.16 -23.88
CA ILE H 73 31.61 -22.35 -23.44
C ILE H 73 30.95 -23.49 -24.22
N ASN H 74 31.20 -23.56 -25.53
CA ASN H 74 30.64 -24.65 -26.34
C ASN H 74 31.23 -25.99 -25.93
N GLU H 75 32.53 -26.02 -25.61
CA GLU H 75 33.16 -27.25 -25.15
C GLU H 75 32.51 -27.75 -23.87
N GLU H 76 32.24 -26.85 -22.92
CA GLU H 76 31.57 -27.23 -21.69
C GLU H 76 30.13 -27.65 -21.93
N ALA H 77 29.46 -27.03 -22.91
CA ALA H 77 28.08 -27.40 -23.22
C ALA H 77 27.99 -28.85 -23.68
N ALA H 78 28.96 -29.33 -24.45
CA ALA H 78 28.98 -30.73 -24.85
C ALA H 78 29.16 -31.64 -23.64
N GLU H 79 30.09 -31.30 -22.74
CA GLU H 79 30.28 -32.09 -21.54
C GLU H 79 29.02 -32.15 -20.69
N TRP H 80 28.29 -31.03 -20.60
CA TRP H 80 27.03 -31.04 -19.85
C TRP H 80 26.02 -31.98 -20.51
N ASP H 81 25.78 -31.80 -21.81
CA ASP H 81 24.82 -32.63 -22.52
C ASP H 81 25.19 -34.10 -22.43
N ARG H 82 26.49 -34.42 -22.42
CA ARG H 82 26.92 -35.81 -22.32
C ARG H 82 26.49 -36.41 -20.99
N THR H 83 26.61 -35.66 -19.91
CA THR H 83 26.27 -36.13 -18.57
C THR H 83 24.86 -35.72 -18.13
N HIS H 84 24.05 -35.18 -19.04
CA HIS H 84 22.69 -34.75 -18.71
C HIS H 84 21.80 -34.97 -19.92
N PRO H 85 21.44 -36.23 -20.21
CA PRO H 85 20.59 -36.55 -21.37
C PRO H 85 19.19 -35.96 -21.25
N ILE H 96 8.89 -27.43 -16.32
CA ILE H 96 9.86 -27.09 -17.34
C ILE H 96 10.64 -28.35 -17.69
N ARG H 97 11.54 -28.25 -18.66
CA ARG H 97 12.49 -29.27 -19.04
C ARG H 97 13.76 -29.15 -18.20
N GLU H 98 14.60 -30.17 -18.27
CA GLU H 98 15.89 -30.02 -17.60
C GLU H 98 16.87 -29.30 -18.53
N PRO H 99 17.67 -28.38 -18.00
CA PRO H 99 18.43 -27.47 -18.86
C PRO H 99 19.55 -28.19 -19.61
N THR H 100 19.64 -27.94 -20.91
CA THR H 100 20.71 -28.47 -21.73
C THR H 100 21.95 -27.59 -21.61
N GLY H 101 23.02 -27.99 -22.30
CA GLY H 101 24.23 -27.18 -22.31
C GLY H 101 23.98 -25.78 -22.84
N SER H 102 23.21 -25.67 -23.92
CA SER H 102 22.90 -24.36 -24.48
C SER H 102 21.92 -23.57 -23.60
N ASP H 103 21.12 -24.26 -22.78
CA ASP H 103 20.23 -23.55 -21.86
C ASP H 103 21.01 -22.83 -20.77
N ILE H 104 22.11 -23.42 -20.30
CA ILE H 104 22.91 -22.78 -19.26
C ILE H 104 23.65 -21.58 -19.82
N ALA H 105 24.04 -21.63 -21.09
CA ALA H 105 24.67 -20.50 -21.76
C ALA H 105 23.68 -19.39 -22.11
N GLY H 106 22.40 -19.57 -21.81
CA GLY H 106 21.41 -18.55 -22.10
C GLY H 106 21.08 -18.35 -23.57
N THR H 107 21.55 -19.24 -24.44
CA THR H 107 21.31 -19.09 -25.87
C THR H 107 19.98 -19.70 -26.30
N THR H 108 19.51 -20.71 -25.59
CA THR H 108 18.24 -21.37 -25.91
C THR H 108 17.25 -21.32 -24.76
N SER H 109 17.53 -20.52 -23.72
CA SER H 109 16.66 -20.38 -22.58
C SER H 109 16.38 -18.90 -22.34
N THR H 110 15.22 -18.61 -21.77
CA THR H 110 14.80 -17.24 -21.52
C THR H 110 15.13 -16.83 -20.09
N GLN H 111 15.00 -15.53 -19.84
CA GLN H 111 15.23 -14.98 -18.51
C GLN H 111 14.42 -15.73 -17.47
N GLN H 112 13.13 -15.92 -17.75
CA GLN H 112 12.22 -16.55 -16.79
C GLN H 112 12.58 -18.01 -16.55
N GLU H 113 12.89 -18.76 -17.63
CA GLU H 113 13.25 -20.16 -17.49
C GLU H 113 14.47 -20.34 -16.59
N GLN H 114 15.45 -19.45 -16.72
CA GLN H 114 16.67 -19.51 -15.92
C GLN H 114 16.37 -19.34 -14.43
N ILE H 115 15.38 -18.52 -14.09
CA ILE H 115 15.04 -18.28 -12.69
C ILE H 115 14.38 -19.52 -12.07
N ILE H 116 13.53 -20.20 -12.84
CA ILE H 116 12.87 -21.40 -12.32
C ILE H 116 13.91 -22.45 -11.94
N TRP H 117 14.94 -22.62 -12.77
CA TRP H 117 16.00 -23.58 -12.50
C TRP H 117 16.76 -23.25 -11.22
N THR H 118 17.08 -21.97 -11.01
CA THR H 118 17.89 -21.56 -9.87
C THR H 118 17.11 -21.58 -8.56
N THR H 119 15.79 -21.38 -8.62
CA THR H 119 14.99 -21.14 -7.43
C THR H 119 14.14 -22.33 -7.00
N ARG H 120 14.28 -23.48 -7.64
CA ARG H 120 13.53 -24.68 -7.26
C ARG H 120 13.66 -24.98 -5.78
N SER H 124 17.39 -28.24 -7.81
CA SER H 124 17.78 -26.83 -7.96
C SER H 124 19.16 -26.71 -8.61
N ILE H 125 19.18 -26.21 -9.86
CA ILE H 125 20.41 -26.08 -10.63
C ILE H 125 20.74 -24.59 -10.73
N PRO H 126 21.82 -24.12 -10.11
CA PRO H 126 22.23 -22.70 -10.19
C PRO H 126 22.92 -22.38 -11.51
N VAL H 127 22.10 -22.17 -12.54
CA VAL H 127 22.63 -21.96 -13.89
C VAL H 127 23.51 -20.73 -13.95
N GLY H 128 23.22 -19.72 -13.11
CA GLY H 128 24.07 -18.53 -13.08
C GLY H 128 25.49 -18.84 -12.68
N ASP H 129 25.67 -19.58 -11.58
CA ASP H 129 27.01 -19.89 -11.12
C ASP H 129 27.74 -20.84 -12.07
N ILE H 130 27.01 -21.78 -12.67
CA ILE H 130 27.62 -22.74 -13.59
C ILE H 130 28.19 -22.02 -14.81
N TYR H 131 27.42 -21.10 -15.39
CA TYR H 131 27.88 -20.41 -16.59
C TYR H 131 29.04 -19.48 -16.27
N ARG H 132 29.07 -18.92 -15.06
CA ARG H 132 30.24 -18.16 -14.62
C ARG H 132 31.47 -19.05 -14.52
N LYS H 133 31.30 -20.29 -14.06
CA LYS H 133 32.43 -21.21 -13.98
C LYS H 133 33.00 -21.52 -15.35
N TRP H 134 32.13 -21.64 -16.36
CA TRP H 134 32.59 -21.91 -17.72
C TRP H 134 33.38 -20.73 -18.27
N ILE H 135 32.95 -19.50 -17.96
CA ILE H 135 33.61 -18.32 -18.49
C ILE H 135 34.91 -18.03 -17.73
N VAL H 136 34.91 -18.21 -16.41
CA VAL H 136 36.15 -18.07 -15.65
C VAL H 136 37.17 -19.09 -16.13
N LEU H 137 36.71 -20.27 -16.53
CA LEU H 137 37.61 -21.27 -17.12
C LEU H 137 38.21 -20.75 -18.42
N GLY H 138 37.39 -20.10 -19.25
CA GLY H 138 37.91 -19.55 -20.49
C GLY H 138 38.79 -18.33 -20.27
N LEU H 139 38.42 -17.47 -19.32
CA LEU H 139 39.22 -16.28 -19.04
C LEU H 139 40.60 -16.64 -18.50
N ASN H 140 40.72 -17.72 -17.74
CA ASN H 140 42.03 -18.17 -17.28
C ASN H 140 42.93 -18.50 -18.46
N LYS H 141 42.38 -19.09 -19.51
CA LYS H 141 43.16 -19.33 -20.72
C LYS H 141 43.67 -18.03 -21.32
N MET H 142 42.87 -16.96 -21.22
CA MET H 142 43.33 -15.68 -21.76
C MET H 142 44.36 -15.03 -20.87
N VAL H 143 44.22 -15.20 -19.54
CA VAL H 143 45.22 -14.66 -18.62
C VAL H 143 46.56 -15.36 -18.84
N LYS H 144 46.53 -16.68 -18.97
CA LYS H 144 47.74 -17.43 -19.31
C LYS H 144 48.29 -17.00 -20.67
N MET H 145 47.40 -16.62 -21.60
CA MET H 145 47.82 -16.32 -22.96
C MET H 145 48.54 -14.97 -23.05
N TYR H 146 48.01 -13.94 -22.40
CA TYR H 146 48.70 -12.65 -22.43
C TYR H 146 49.90 -12.59 -21.50
N SER H 147 50.22 -13.67 -20.80
CA SER H 147 51.46 -13.70 -20.04
C SER H 147 52.61 -13.93 -21.02
N PRO H 148 53.47 -12.94 -21.27
CA PRO H 148 54.50 -13.12 -22.30
C PRO H 148 55.58 -14.09 -21.86
N VAL H 149 56.13 -13.82 -20.69
CA VAL H 149 57.32 -14.49 -20.17
C VAL H 149 56.89 -15.66 -19.30
N SER H 150 57.72 -16.69 -19.25
CA SER H 150 57.51 -17.80 -18.34
C SER H 150 58.09 -17.47 -16.97
N ILE H 151 57.69 -18.26 -15.96
CA ILE H 151 58.21 -18.08 -14.61
C ILE H 151 59.70 -18.35 -14.57
N LEU H 152 60.24 -19.08 -15.54
CA LEU H 152 61.64 -19.45 -15.54
C LEU H 152 62.53 -18.32 -16.03
N ASP H 153 62.03 -17.48 -16.93
CA ASP H 153 62.80 -16.36 -17.47
C ASP H 153 62.67 -15.11 -16.61
N ILE H 154 62.27 -15.25 -15.36
CA ILE H 154 62.17 -14.15 -14.41
C ILE H 154 63.40 -14.20 -13.52
N ARG H 155 64.42 -13.44 -13.88
CA ARG H 155 65.65 -13.35 -13.11
C ARG H 155 65.86 -11.91 -12.68
N GLN H 156 66.30 -11.72 -11.44
CA GLN H 156 66.51 -10.38 -10.92
C GLN H 156 67.62 -9.68 -11.68
N GLY H 157 67.36 -8.44 -12.09
CA GLY H 157 68.36 -7.64 -12.77
C GLY H 157 69.58 -7.41 -11.90
N PRO H 158 70.72 -7.16 -12.52
CA PRO H 158 71.95 -6.95 -11.74
C PRO H 158 71.87 -5.79 -10.78
N LYS H 159 71.13 -4.73 -11.13
CA LYS H 159 70.93 -3.58 -10.26
C LYS H 159 69.44 -3.37 -9.98
N GLU H 160 68.66 -4.44 -10.01
CA GLU H 160 67.23 -4.38 -9.74
C GLU H 160 66.98 -4.55 -8.24
N PRO H 161 66.16 -3.70 -7.63
CA PRO H 161 65.84 -3.89 -6.21
C PRO H 161 65.02 -5.15 -6.00
N PHE H 162 65.33 -5.86 -4.90
CA PHE H 162 64.66 -7.13 -4.62
C PHE H 162 63.16 -6.93 -4.47
N ARG H 163 62.73 -5.78 -3.96
CA ARG H 163 61.31 -5.46 -3.86
C ARG H 163 60.61 -5.58 -5.22
N ASP H 164 61.20 -4.98 -6.24
CA ASP H 164 60.57 -5.00 -7.56
C ASP H 164 60.69 -6.38 -8.20
N TYR H 165 61.77 -7.10 -7.92
CA TYR H 165 61.92 -8.46 -8.41
C TYR H 165 60.85 -9.39 -7.86
N VAL H 166 60.50 -9.26 -6.58
CA VAL H 166 59.48 -10.11 -5.99
C VAL H 166 58.13 -9.83 -6.63
N ASP H 167 57.83 -8.57 -6.93
CA ASP H 167 56.55 -8.24 -7.54
C ASP H 167 56.47 -8.79 -8.97
N ARG H 168 57.55 -8.68 -9.74
CA ARG H 168 57.55 -9.31 -11.06
C ARG H 168 57.47 -10.82 -10.94
N PHE H 169 58.04 -11.38 -9.87
CA PHE H 169 58.06 -12.82 -9.70
C PHE H 169 56.65 -13.37 -9.49
N TYR H 170 55.92 -12.83 -8.51
CA TYR H 170 54.60 -13.36 -8.20
C TYR H 170 53.52 -12.90 -9.16
N LYS H 171 53.74 -11.79 -9.89
CA LYS H 171 52.82 -11.43 -10.96
C LYS H 171 52.84 -12.48 -12.07
N THR H 172 54.04 -12.87 -12.50
CA THR H 172 54.16 -13.94 -13.48
C THR H 172 53.59 -15.25 -12.95
N LEU H 173 53.88 -15.56 -11.69
CA LEU H 173 53.36 -16.79 -11.09
C LEU H 173 51.83 -16.80 -11.06
N ARG H 174 51.21 -15.64 -10.86
CA ARG H 174 49.75 -15.59 -10.81
C ARG H 174 49.13 -15.82 -12.18
N ALA H 175 49.81 -15.38 -13.25
CA ALA H 175 49.21 -15.48 -14.59
C ALA H 175 49.00 -16.92 -15.00
N GLU H 176 49.92 -17.81 -14.66
CA GLU H 176 49.72 -19.24 -14.83
C GLU H 176 49.68 -19.96 -13.48
N GLU H 188 59.31 -22.13 -4.17
CA GLU H 188 59.96 -20.86 -3.87
C GLU H 188 61.49 -20.99 -3.87
N THR H 189 61.98 -22.17 -4.24
CA THR H 189 63.42 -22.35 -4.46
C THR H 189 63.90 -21.49 -5.63
N LEU H 190 63.01 -21.19 -6.59
CA LEU H 190 63.38 -20.36 -7.72
C LEU H 190 63.44 -18.90 -7.34
N LEU H 191 62.66 -18.49 -6.34
CA LEU H 191 62.76 -17.12 -5.84
C LEU H 191 64.19 -16.85 -5.38
N VAL H 192 64.77 -17.81 -4.65
CA VAL H 192 66.16 -17.67 -4.19
C VAL H 192 67.13 -17.94 -5.34
N GLN H 193 66.81 -18.93 -6.20
CA GLN H 193 67.72 -19.28 -7.29
C GLN H 193 67.90 -18.13 -8.28
N ASN H 194 66.80 -17.52 -8.70
CA ASN H 194 66.83 -16.51 -9.75
C ASN H 194 67.14 -15.11 -9.22
N SER H 195 67.34 -14.96 -7.92
CA SER H 195 67.78 -13.68 -7.38
C SER H 195 69.23 -13.40 -7.78
N ASN H 196 69.59 -12.12 -7.79
CA ASN H 196 70.92 -11.72 -8.20
C ASN H 196 71.98 -12.22 -7.21
N PRO H 197 73.25 -12.28 -7.63
CA PRO H 197 74.26 -12.90 -6.76
C PRO H 197 74.45 -12.20 -5.42
N ASP H 198 74.12 -10.91 -5.32
CA ASP H 198 74.31 -10.22 -4.05
C ASP H 198 73.30 -10.69 -3.01
N CYS H 199 72.05 -10.89 -3.43
CA CYS H 199 71.01 -11.30 -2.49
CA CYS H 199 71.01 -11.30 -2.49
C CYS H 199 71.02 -12.79 -2.22
N LYS H 200 71.37 -13.60 -3.23
CA LYS H 200 71.45 -15.05 -3.04
C LYS H 200 72.37 -15.40 -1.88
N GLN H 201 73.49 -14.68 -1.75
CA GLN H 201 74.35 -14.86 -0.59
C GLN H 201 73.60 -14.52 0.70
N ILE H 202 72.83 -13.44 0.69
CA ILE H 202 72.12 -13.00 1.90
C ILE H 202 70.93 -13.91 2.18
N LEU H 203 70.22 -14.35 1.13
CA LEU H 203 69.03 -15.17 1.35
C LEU H 203 69.42 -16.57 1.80
N LYS H 204 70.42 -17.17 1.17
CA LYS H 204 70.92 -18.46 1.64
C LYS H 204 71.54 -18.36 3.03
N ALA H 205 72.00 -17.17 3.42
CA ALA H 205 72.56 -16.98 4.76
C ALA H 205 71.49 -16.89 5.83
N LEU H 206 70.22 -16.75 5.45
CA LEU H 206 69.12 -16.79 6.40
C LEU H 206 68.56 -18.19 6.58
N GLY H 207 69.06 -19.16 5.81
CA GLY H 207 68.59 -20.52 5.88
C GLY H 207 67.20 -20.68 5.31
N PRO H 208 66.82 -21.93 5.01
CA PRO H 208 65.46 -22.17 4.50
C PRO H 208 64.44 -22.02 5.60
N GLY H 209 63.21 -21.74 5.20
CA GLY H 209 62.12 -21.52 6.12
C GLY H 209 61.97 -20.10 6.60
N ALA H 210 62.72 -19.16 6.04
CA ALA H 210 62.56 -17.76 6.38
C ALA H 210 61.35 -17.21 5.65
N THR H 211 60.58 -16.37 6.32
CA THR H 211 59.37 -15.83 5.70
C THR H 211 59.74 -14.83 4.62
N LEU H 212 58.77 -14.56 3.74
CA LEU H 212 59.00 -13.58 2.67
C LEU H 212 59.24 -12.19 3.25
N GLU H 213 58.58 -11.87 4.37
CA GLU H 213 58.88 -10.62 5.08
C GLU H 213 60.35 -10.53 5.45
N GLU H 214 60.88 -11.60 6.07
CA GLU H 214 62.28 -11.60 6.49
C GLU H 214 63.21 -11.46 5.30
N MET H 215 62.85 -12.07 4.16
CA MET H 215 63.70 -12.01 2.99
C MET H 215 63.70 -10.62 2.36
N MET H 216 62.53 -9.97 2.31
CA MET H 216 62.44 -8.65 1.69
C MET H 216 63.14 -7.59 2.53
N VAL H 217 63.15 -7.74 3.85
CA VAL H 217 63.89 -6.81 4.70
C VAL H 217 65.39 -7.01 4.54
N ALA H 218 65.84 -8.26 4.48
CA ALA H 218 67.26 -8.57 4.40
C ALA H 218 67.88 -8.24 3.04
N CYS H 219 67.07 -7.86 2.05
CA CYS H 219 67.57 -7.46 0.74
C CYS H 219 67.23 -6.02 0.39
N GLN H 220 67.21 -5.12 1.37
CA GLN H 220 66.93 -3.72 1.07
C GLN H 220 68.12 -2.83 1.42
N PRO I 1 28.16 -7.76 1.60
CA PRO I 1 27.55 -7.60 2.93
C PRO I 1 26.32 -8.46 3.13
N ILE I 2 25.67 -8.32 4.28
CA ILE I 2 24.47 -9.07 4.62
C ILE I 2 23.27 -8.12 4.61
N VAL I 3 22.13 -8.62 4.10
CA VAL I 3 20.87 -7.87 4.10
C VAL I 3 19.74 -8.83 4.38
N THR I 4 18.59 -8.26 4.72
CA THR I 4 17.36 -9.01 4.95
C THR I 4 16.43 -8.85 3.76
N ASN I 5 15.93 -9.96 3.24
CA ASN I 5 15.00 -9.93 2.12
C ASN I 5 13.60 -9.56 2.60
N ALA I 6 12.65 -9.55 1.65
CA ALA I 6 11.26 -9.30 2.01
C ALA I 6 10.72 -10.37 2.94
N GLN I 7 11.22 -11.60 2.81
CA GLN I 7 10.75 -12.72 3.61
C GLN I 7 11.36 -12.76 5.01
N GLY I 8 12.36 -11.91 5.29
CA GLY I 8 12.98 -11.85 6.59
C GLY I 8 14.18 -12.75 6.83
N GLN I 9 14.75 -13.37 5.79
CA GLN I 9 15.93 -14.20 5.96
C GLN I 9 17.19 -13.39 5.67
N MET I 10 18.30 -13.86 6.21
CA MET I 10 19.59 -13.23 5.97
C MET I 10 20.16 -13.74 4.65
N ILE I 11 20.31 -12.84 3.68
CA ILE I 11 20.77 -13.21 2.35
C ILE I 11 21.98 -12.35 1.99
N HIS I 12 22.77 -12.87 1.05
CA HIS I 12 24.00 -12.20 0.64
C HIS I 12 23.73 -11.08 -0.35
N GLN I 13 24.45 -9.97 -0.16
CA GLN I 13 24.43 -8.85 -1.10
C GLN I 13 25.81 -8.72 -1.71
N CYS I 14 25.87 -8.65 -3.03
CA CYS I 14 27.14 -8.60 -3.73
C CYS I 14 27.80 -7.25 -3.49
N ILE I 15 29.13 -7.25 -3.37
CA ILE I 15 29.84 -6.00 -3.14
C ILE I 15 29.63 -5.07 -4.33
N SER I 16 29.43 -3.78 -4.04
CA SER I 16 29.02 -2.85 -5.07
C SER I 16 30.22 -2.45 -5.94
N PRO I 17 29.98 -2.20 -7.22
CA PRO I 17 31.07 -1.70 -8.08
C PRO I 17 31.69 -0.41 -7.56
N ARG I 18 30.91 0.45 -6.90
CA ARG I 18 31.47 1.67 -6.32
C ARG I 18 32.54 1.33 -5.29
N THR I 19 32.19 0.50 -4.30
CA THR I 19 33.13 0.15 -3.25
C THR I 19 34.36 -0.56 -3.81
N LEU I 20 34.16 -1.48 -4.76
CA LEU I 20 35.28 -2.22 -5.31
C LEU I 20 36.25 -1.32 -6.05
N ASN I 21 35.73 -0.40 -6.87
CA ASN I 21 36.60 0.51 -7.60
C ASN I 21 37.30 1.48 -6.66
N ALA I 22 36.60 1.94 -5.62
CA ALA I 22 37.24 2.79 -4.62
C ALA I 22 38.43 2.10 -3.99
N TRP I 23 38.30 0.79 -3.71
CA TRP I 23 39.42 0.03 -3.17
C TRP I 23 40.53 -0.14 -4.20
N VAL I 24 40.18 -0.40 -5.46
CA VAL I 24 41.19 -0.51 -6.50
C VAL I 24 41.93 0.80 -6.66
N LYS I 25 41.19 1.91 -6.75
CA LYS I 25 41.83 3.21 -6.91
C LYS I 25 42.73 3.56 -5.72
N ALA I 26 42.29 3.22 -4.51
CA ALA I 26 43.07 3.55 -3.32
C ALA I 26 44.43 2.88 -3.34
N VAL I 27 44.48 1.59 -3.68
CA VAL I 27 45.75 0.87 -3.70
C VAL I 27 46.63 1.36 -4.84
N GLU I 28 46.02 1.74 -5.96
CA GLU I 28 46.81 2.26 -7.09
C GLU I 28 47.45 3.60 -6.73
N GLU I 29 46.72 4.46 -6.04
CA GLU I 29 47.16 5.82 -5.76
C GLU I 29 47.95 5.91 -4.46
N LYS I 30 47.47 5.28 -3.40
CA LYS I 30 48.06 5.44 -2.07
C LYS I 30 49.09 4.38 -1.74
N ALA I 31 49.50 3.57 -2.72
CA ALA I 31 50.49 2.51 -2.54
C ALA I 31 50.28 1.76 -1.22
N PHE I 32 51.25 1.84 -0.32
CA PHE I 32 51.12 1.37 1.05
C PHE I 32 51.51 2.46 2.03
N ASN I 33 51.11 3.69 1.72
CA ASN I 33 51.15 4.76 2.69
C ASN I 33 50.27 4.39 3.89
N PRO I 34 50.52 5.00 5.06
CA PRO I 34 49.76 4.58 6.26
C PRO I 34 48.26 4.65 6.10
N GLU I 35 47.74 5.58 5.30
CA GLU I 35 46.29 5.75 5.18
C GLU I 35 45.63 4.62 4.39
N ILE I 36 46.38 3.62 3.92
CA ILE I 36 45.73 2.50 3.24
C ILE I 36 44.97 1.62 4.23
N ILE I 37 45.37 1.64 5.51
CA ILE I 37 44.69 0.86 6.54
C ILE I 37 43.27 1.38 6.75
N PRO I 38 43.06 2.69 6.99
CA PRO I 38 41.68 3.17 7.15
C PRO I 38 40.85 3.04 5.89
N MET I 39 41.47 3.15 4.71
CA MET I 39 40.72 2.94 3.47
C MET I 39 40.16 1.53 3.41
N PHE I 40 41.00 0.53 3.72
CA PHE I 40 40.56 -0.85 3.72
C PHE I 40 39.46 -1.09 4.74
N MET I 41 39.65 -0.60 5.97
CA MET I 41 38.66 -0.83 7.02
C MET I 41 37.32 -0.21 6.68
N ALA I 42 37.33 0.96 6.05
CA ALA I 42 36.07 1.62 5.71
C ALA I 42 35.36 0.91 4.57
N LEU I 43 36.10 0.54 3.51
CA LEU I 43 35.48 -0.06 2.35
C LEU I 43 35.09 -1.52 2.56
N SER I 44 35.74 -2.22 3.49
CA SER I 44 35.41 -3.59 3.82
C SER I 44 34.45 -3.69 5.00
N CYS I 45 33.81 -2.59 5.37
CA CYS I 45 32.93 -2.58 6.53
C CYS I 45 31.67 -3.38 6.22
N GLY I 46 31.34 -4.31 7.12
CA GLY I 46 30.18 -5.17 6.94
C GLY I 46 30.38 -6.31 5.97
N ALA I 47 31.60 -6.55 5.49
CA ALA I 47 31.85 -7.55 4.47
C ALA I 47 32.08 -8.92 5.11
N VAL I 48 31.61 -9.95 4.41
CA VAL I 48 31.90 -11.34 4.77
C VAL I 48 33.24 -11.71 4.12
N PRO I 49 33.91 -12.78 4.56
CA PRO I 49 35.20 -13.14 3.93
C PRO I 49 35.15 -13.32 2.42
N TYR I 50 34.04 -13.83 1.88
CA TYR I 50 33.91 -13.93 0.42
C TYR I 50 34.08 -12.57 -0.23
N ASP I 51 33.45 -11.54 0.34
CA ASP I 51 33.58 -10.19 -0.20
C ASP I 51 35.01 -9.66 -0.06
N ILE I 52 35.65 -9.95 1.07
CA ILE I 52 36.97 -9.37 1.33
C ILE I 52 38.00 -9.95 0.36
N ASN I 53 37.91 -11.25 0.06
CA ASN I 53 38.83 -11.84 -0.90
C ASN I 53 38.70 -11.20 -2.27
N THR I 54 37.48 -10.83 -2.66
CA THR I 54 37.27 -10.11 -3.92
C THR I 54 38.06 -8.81 -3.96
N MET I 55 38.08 -8.07 -2.84
CA MET I 55 38.86 -6.83 -2.79
C MET I 55 40.34 -7.09 -2.95
N LEU I 56 40.88 -8.04 -2.18
CA LEU I 56 42.30 -8.33 -2.25
C LEU I 56 42.69 -8.86 -3.62
N ASN I 57 41.87 -9.75 -4.19
CA ASN I 57 42.20 -10.33 -5.49
C ASN I 57 42.06 -9.33 -6.62
N ALA I 58 41.28 -8.26 -6.43
CA ALA I 58 41.12 -7.26 -7.48
C ALA I 58 42.34 -6.37 -7.67
N ILE I 59 43.26 -6.36 -6.69
CA ILE I 59 44.48 -5.58 -6.85
C ILE I 59 45.34 -6.21 -7.94
N GLY I 60 45.84 -5.38 -8.85
CA GLY I 60 46.57 -5.89 -10.00
C GLY I 60 48.04 -6.13 -9.75
N GLY I 61 48.75 -5.11 -9.29
CA GLY I 61 50.16 -5.23 -8.95
C GLY I 61 50.34 -5.63 -7.51
N HIS I 62 51.53 -5.34 -6.99
CA HIS I 62 51.85 -5.56 -5.58
C HIS I 62 51.67 -7.02 -5.20
N GLN I 63 51.98 -7.93 -6.13
CA GLN I 63 51.74 -9.34 -5.87
C GLN I 63 52.67 -9.90 -4.81
N GLY I 64 53.86 -9.32 -4.66
CA GLY I 64 54.73 -9.67 -3.55
C GLY I 64 54.14 -9.24 -2.22
N ALA I 65 53.52 -8.06 -2.18
CA ALA I 65 52.87 -7.59 -0.98
C ALA I 65 51.72 -8.50 -0.58
N LEU I 66 50.86 -8.84 -1.55
CA LEU I 66 49.75 -9.76 -1.28
C LEU I 66 50.25 -11.13 -0.83
N GLN I 67 51.44 -11.54 -1.28
CA GLN I 67 52.01 -12.79 -0.81
C GLN I 67 52.41 -12.70 0.66
N VAL I 68 52.87 -11.52 1.09
CA VAL I 68 53.14 -11.31 2.51
C VAL I 68 51.85 -11.38 3.31
N LEU I 69 50.76 -10.81 2.79
CA LEU I 69 49.48 -10.87 3.48
C LEU I 69 49.02 -12.32 3.68
N LYS I 70 49.13 -13.15 2.65
CA LYS I 70 48.64 -14.53 2.77
C LYS I 70 49.47 -15.35 3.75
N GLU I 71 50.76 -15.08 3.88
CA GLU I 71 51.52 -15.72 4.95
C GLU I 71 51.00 -15.32 6.31
N VAL I 72 50.76 -14.02 6.51
CA VAL I 72 50.25 -13.54 7.79
C VAL I 72 48.86 -14.12 8.04
N ILE I 73 48.04 -14.23 7.00
CA ILE I 73 46.70 -14.79 7.16
C ILE I 73 46.78 -16.24 7.60
N ASN I 74 47.71 -17.00 7.02
CA ASN I 74 47.88 -18.39 7.42
C ASN I 74 48.38 -18.48 8.86
N GLU I 75 49.27 -17.57 9.26
CA GLU I 75 49.77 -17.56 10.63
C GLU I 75 48.64 -17.32 11.63
N GLU I 76 47.78 -16.34 11.35
CA GLU I 76 46.67 -16.04 12.24
C GLU I 76 45.62 -17.15 12.21
N ALA I 77 45.40 -17.75 11.03
CA ALA I 77 44.46 -18.86 10.94
C ALA I 77 44.92 -20.06 11.75
N ALA I 78 46.23 -20.33 11.75
CA ALA I 78 46.77 -21.39 12.59
C ALA I 78 46.58 -21.07 14.06
N GLU I 79 46.85 -19.83 14.45
CA GLU I 79 46.59 -19.40 15.83
C GLU I 79 45.13 -19.58 16.19
N TRP I 80 44.22 -19.30 15.24
CA TRP I 80 42.81 -19.52 15.48
C TRP I 80 42.51 -20.99 15.73
N ASP I 81 42.97 -21.87 14.83
CA ASP I 81 42.74 -23.30 14.97
C ASP I 81 43.29 -23.84 16.28
N ARG I 82 44.41 -23.27 16.75
CA ARG I 82 45.03 -23.74 17.99
C ARG I 82 44.10 -23.55 19.18
N THR I 83 43.42 -22.41 19.27
CA THR I 83 42.54 -22.08 20.39
C THR I 83 41.08 -22.41 20.13
N HIS I 84 40.77 -23.14 19.06
CA HIS I 84 39.39 -23.48 18.71
C HIS I 84 39.34 -24.88 18.12
N PRO I 85 39.46 -25.92 18.96
CA PRO I 85 39.45 -27.32 18.50
C PRO I 85 38.10 -27.72 17.89
N GLY I 94 21.49 -31.40 11.40
CA GLY I 94 21.49 -30.56 10.21
C GLY I 94 21.97 -29.15 10.49
N GLN I 95 22.97 -29.03 11.36
CA GLN I 95 23.52 -27.74 11.74
C GLN I 95 24.85 -27.50 11.05
N ILE I 96 25.38 -26.29 11.24
CA ILE I 96 26.63 -25.88 10.62
C ILE I 96 27.78 -26.16 11.60
N ARG I 97 28.91 -26.58 11.03
CA ARG I 97 30.14 -26.75 11.77
C ARG I 97 30.61 -25.42 12.36
N GLU I 98 31.56 -25.52 13.30
CA GLU I 98 32.20 -24.32 13.82
C GLU I 98 33.38 -23.91 12.94
N PRO I 99 33.55 -22.62 12.67
CA PRO I 99 34.48 -22.20 11.61
C PRO I 99 35.94 -22.42 12.01
N THR I 100 36.70 -23.01 11.09
CA THR I 100 38.13 -23.18 11.25
C THR I 100 38.86 -21.90 10.85
N GLY I 101 40.18 -21.91 10.97
CA GLY I 101 40.97 -20.77 10.52
C GLY I 101 40.76 -20.47 9.04
N SER I 102 40.76 -21.52 8.22
CA SER I 102 40.54 -21.34 6.79
C SER I 102 39.11 -20.97 6.46
N ASP I 103 38.15 -21.32 7.33
CA ASP I 103 36.77 -20.89 7.12
C ASP I 103 36.62 -19.39 7.29
N ILE I 104 37.36 -18.79 8.22
CA ILE I 104 37.31 -17.35 8.41
C ILE I 104 38.03 -16.65 7.26
N ALA I 105 39.06 -17.27 6.70
CA ALA I 105 39.71 -16.71 5.53
C ALA I 105 38.89 -16.86 4.26
N GLY I 106 37.73 -17.51 4.33
CA GLY I 106 36.87 -17.67 3.17
C GLY I 106 37.38 -18.63 2.12
N THR I 107 38.43 -19.40 2.41
CA THR I 107 38.97 -20.33 1.44
C THR I 107 38.30 -21.69 1.48
N THR I 108 37.76 -22.08 2.63
CA THR I 108 37.09 -23.37 2.78
C THR I 108 35.64 -23.21 3.26
N SER I 109 35.11 -22.00 3.23
CA SER I 109 33.74 -21.74 3.64
C SER I 109 33.01 -21.00 2.53
N THR I 110 31.70 -21.22 2.45
CA THR I 110 30.87 -20.62 1.43
C THR I 110 30.20 -19.35 1.94
N GLN I 111 29.62 -18.60 1.00
CA GLN I 111 28.88 -17.38 1.35
C GLN I 111 27.83 -17.67 2.41
N GLN I 112 27.04 -18.73 2.19
CA GLN I 112 25.95 -19.05 3.09
C GLN I 112 26.48 -19.43 4.47
N GLU I 113 27.52 -20.26 4.52
CA GLU I 113 28.12 -20.66 5.79
C GLU I 113 28.62 -19.44 6.56
N GLN I 114 29.25 -18.50 5.87
CA GLN I 114 29.76 -17.29 6.51
C GLN I 114 28.62 -16.46 7.09
N ILE I 115 27.47 -16.43 6.39
CA ILE I 115 26.33 -15.66 6.87
C ILE I 115 25.69 -16.34 8.08
N ILE I 116 25.60 -17.67 8.06
CA ILE I 116 25.03 -18.40 9.18
C ILE I 116 25.84 -18.14 10.45
N TRP I 117 27.17 -18.17 10.32
CA TRP I 117 28.05 -17.91 11.45
C TRP I 117 27.88 -16.49 11.97
N THR I 118 27.80 -15.51 11.07
CA THR I 118 27.80 -14.12 11.49
C THR I 118 26.47 -13.71 12.12
N THR I 119 25.36 -14.30 11.67
CA THR I 119 24.05 -13.81 12.10
C THR I 119 23.32 -14.74 13.07
N ARG I 120 23.87 -15.91 13.36
CA ARG I 120 23.25 -16.77 14.36
C ARG I 120 23.21 -16.07 15.71
N GLY I 121 22.12 -16.30 16.46
CA GLY I 121 22.00 -15.69 17.77
C GLY I 121 22.82 -16.37 18.84
N ALA I 122 23.03 -17.68 18.72
CA ALA I 122 23.78 -18.46 19.69
C ALA I 122 25.21 -18.63 19.21
N ASN I 123 26.17 -18.11 19.97
CA ASN I 123 27.59 -18.18 19.63
C ASN I 123 27.88 -17.53 18.28
N SER I 124 27.51 -16.25 18.19
CA SER I 124 27.71 -15.45 16.99
C SER I 124 29.19 -15.18 16.78
N ILE I 125 29.76 -15.73 15.69
CA ILE I 125 31.18 -15.56 15.39
C ILE I 125 31.28 -14.60 14.21
N PRO I 126 31.81 -13.39 14.41
CA PRO I 126 31.96 -12.40 13.32
C PRO I 126 33.16 -12.68 12.42
N VAL I 127 32.96 -13.61 11.48
CA VAL I 127 34.05 -14.05 10.62
C VAL I 127 34.57 -12.89 9.77
N GLY I 128 33.68 -11.96 9.39
CA GLY I 128 34.13 -10.80 8.64
C GLY I 128 35.11 -9.94 9.42
N ASP I 129 34.74 -9.61 10.66
CA ASP I 129 35.59 -8.72 11.46
C ASP I 129 36.90 -9.40 11.85
N ILE I 130 36.87 -10.71 12.09
CA ILE I 130 38.09 -11.43 12.45
C ILE I 130 39.08 -11.42 11.31
N TYR I 131 38.59 -11.70 10.09
CA TYR I 131 39.47 -11.74 8.93
C TYR I 131 40.03 -10.35 8.61
N ARG I 132 39.27 -9.29 8.89
CA ARG I 132 39.76 -7.94 8.69
C ARG I 132 40.94 -7.58 9.61
N LYS I 133 40.88 -7.95 10.90
CA LYS I 133 42.06 -7.70 11.74
C LYS I 133 43.25 -8.51 11.27
N TRP I 134 43.04 -9.73 10.76
CA TRP I 134 44.18 -10.48 10.28
C TRP I 134 44.83 -9.78 9.09
N ILE I 135 44.04 -9.16 8.22
CA ILE I 135 44.59 -8.48 7.05
C ILE I 135 45.26 -7.17 7.44
N VAL I 136 44.68 -6.46 8.41
CA VAL I 136 45.31 -5.25 8.94
C VAL I 136 46.68 -5.59 9.53
N LEU I 137 46.81 -6.77 10.15
CA LEU I 137 48.11 -7.20 10.65
C LEU I 137 49.11 -7.35 9.52
N GLY I 138 48.69 -7.94 8.39
CA GLY I 138 49.59 -8.07 7.25
C GLY I 138 49.86 -6.74 6.58
N LEU I 139 48.84 -5.88 6.47
CA LEU I 139 49.03 -4.59 5.85
C LEU I 139 49.95 -3.69 6.69
N ASN I 140 49.87 -3.80 8.02
CA ASN I 140 50.77 -3.02 8.86
C ASN I 140 52.23 -3.39 8.63
N LYS I 141 52.51 -4.69 8.43
CA LYS I 141 53.87 -5.10 8.10
C LYS I 141 54.33 -4.48 6.79
N MET I 142 53.41 -4.31 5.83
CA MET I 142 53.78 -3.71 4.55
C MET I 142 53.96 -2.21 4.64
N VAL I 143 53.17 -1.52 5.47
CA VAL I 143 53.32 -0.07 5.61
C VAL I 143 54.68 0.29 6.17
N LYS I 144 55.13 -0.44 7.19
CA LYS I 144 56.47 -0.22 7.71
C LYS I 144 57.54 -0.52 6.66
N MET I 145 57.28 -1.49 5.78
CA MET I 145 58.30 -1.92 4.83
C MET I 145 58.48 -0.92 3.69
N TYR I 146 57.39 -0.43 3.10
CA TYR I 146 57.47 0.57 2.04
C TYR I 146 57.71 1.98 2.57
N SER I 147 57.98 2.17 3.86
CA SER I 147 58.31 3.49 4.36
C SER I 147 59.68 3.89 3.87
N PRO I 148 59.80 4.90 3.00
CA PRO I 148 61.10 5.21 2.39
C PRO I 148 62.08 5.83 3.37
N VAL I 149 61.70 6.92 4.02
CA VAL I 149 62.60 7.72 4.82
C VAL I 149 62.50 7.28 6.27
N SER I 150 63.62 7.37 6.99
CA SER I 150 63.62 7.16 8.43
C SER I 150 63.29 8.46 9.15
N ILE I 151 62.83 8.35 10.38
CA ILE I 151 62.40 9.51 11.16
C ILE I 151 63.58 10.44 11.46
N LEU I 152 64.81 9.92 11.40
CA LEU I 152 66.00 10.72 11.73
C LEU I 152 66.36 11.70 10.62
N ASP I 153 66.08 11.37 9.36
CA ASP I 153 66.46 12.22 8.23
C ASP I 153 65.40 13.27 7.88
N ILE I 154 64.51 13.60 8.80
CA ILE I 154 63.51 14.64 8.61
C ILE I 154 64.01 15.88 9.34
N ARG I 155 64.65 16.78 8.60
CA ARG I 155 65.17 18.02 9.16
C ARG I 155 64.50 19.21 8.49
N GLN I 156 64.15 20.21 9.32
CA GLN I 156 63.48 21.40 8.82
C GLN I 156 64.41 22.19 7.90
N GLY I 157 63.89 22.59 6.74
CA GLY I 157 64.62 23.40 5.80
C GLY I 157 65.03 24.74 6.37
N PRO I 158 66.00 25.40 5.73
CA PRO I 158 66.46 26.70 6.25
C PRO I 158 65.36 27.75 6.28
N LYS I 159 64.51 27.80 5.26
CA LYS I 159 63.40 28.73 5.21
C LYS I 159 62.07 27.98 5.12
N GLU I 160 62.02 26.78 5.69
CA GLU I 160 60.78 25.99 5.69
C GLU I 160 59.94 26.36 6.89
N PRO I 161 58.64 26.60 6.71
CA PRO I 161 57.77 26.91 7.85
C PRO I 161 57.62 25.72 8.78
N PHE I 162 57.57 26.01 10.08
CA PHE I 162 57.44 24.96 11.09
C PHE I 162 56.18 24.14 10.88
N ARG I 163 55.13 24.78 10.37
CA ARG I 163 53.89 24.08 10.03
C ARG I 163 54.13 22.89 9.11
N ASP I 164 54.87 23.11 8.02
CA ASP I 164 55.08 22.05 7.05
C ASP I 164 56.06 21.01 7.56
N TYR I 165 57.04 21.43 8.37
CA TYR I 165 57.97 20.48 8.96
C TYR I 165 57.28 19.50 9.89
N VAL I 166 56.33 19.98 10.69
CA VAL I 166 55.61 19.09 11.60
C VAL I 166 54.78 18.08 10.82
N ASP I 167 54.18 18.51 9.71
CA ASP I 167 53.38 17.59 8.91
C ASP I 167 54.24 16.53 8.24
N ARG I 168 55.40 16.93 7.70
CA ARG I 168 56.31 15.91 7.17
C ARG I 168 56.85 15.02 8.27
N PHE I 169 56.99 15.57 9.49
CA PHE I 169 57.52 14.79 10.60
C PHE I 169 56.57 13.66 11.01
N TYR I 170 55.31 13.98 11.26
CA TYR I 170 54.37 12.98 11.75
C TYR I 170 53.88 12.05 10.65
N LYS I 171 54.01 12.44 9.38
CA LYS I 171 53.74 11.49 8.30
C LYS I 171 54.76 10.35 8.33
N THR I 172 56.05 10.70 8.42
CA THR I 172 57.10 9.69 8.52
C THR I 172 56.94 8.86 9.79
N LEU I 173 56.64 9.52 10.92
CA LEU I 173 56.48 8.80 12.19
C LEU I 173 55.34 7.79 12.12
N ARG I 174 54.31 8.09 11.33
CA ARG I 174 53.14 7.23 11.26
C ARG I 174 53.46 5.88 10.61
N ALA I 175 54.39 5.85 9.65
CA ALA I 175 54.66 4.61 8.93
C ALA I 175 55.24 3.54 9.85
N GLU I 176 56.11 3.92 10.77
CA GLU I 176 56.56 3.01 11.84
C GLU I 176 56.12 3.52 13.20
N ASN I 184 57.68 8.92 21.75
CA ASN I 184 56.91 10.14 21.97
C ASN I 184 57.82 11.27 22.47
N ALA I 185 58.50 11.05 23.60
CA ALA I 185 59.46 12.05 24.07
C ALA I 185 60.72 12.04 23.22
N ALA I 186 61.18 10.85 22.83
CA ALA I 186 62.31 10.77 21.93
C ALA I 186 62.01 11.43 20.59
N THR I 187 60.75 11.38 20.15
CA THR I 187 60.35 12.05 18.92
C THR I 187 60.07 13.54 19.15
N GLU I 188 59.79 13.95 20.38
CA GLU I 188 59.63 15.37 20.68
C GLU I 188 60.99 16.05 20.85
N THR I 189 61.92 15.39 21.56
CA THR I 189 63.29 15.89 21.61
C THR I 189 63.95 15.85 20.24
N LEU I 190 63.53 14.92 19.38
CA LEU I 190 64.06 14.86 18.03
C LEU I 190 63.38 15.89 17.13
N LEU I 191 62.09 16.18 17.40
CA LEU I 191 61.39 17.22 16.65
C LEU I 191 62.11 18.55 16.81
N VAL I 192 62.52 18.87 18.05
CA VAL I 192 63.23 20.11 18.32
C VAL I 192 64.67 20.02 17.83
N GLN I 193 65.29 18.85 17.97
CA GLN I 193 66.68 18.69 17.55
C GLN I 193 66.83 18.90 16.05
N ASN I 194 65.95 18.31 15.25
CA ASN I 194 66.05 18.39 13.80
C ASN I 194 65.36 19.62 13.23
N SER I 195 64.77 20.46 14.08
CA SER I 195 64.21 21.71 13.61
C SER I 195 65.33 22.66 13.22
N ASN I 196 65.00 23.62 12.36
CA ASN I 196 66.00 24.56 11.89
C ASN I 196 66.47 25.45 13.05
N PRO I 197 67.59 26.15 12.88
CA PRO I 197 68.13 26.91 14.02
C PRO I 197 67.15 27.93 14.60
N ASP I 198 66.44 28.69 13.76
CA ASP I 198 65.65 29.80 14.25
C ASP I 198 64.56 29.35 15.22
N CYS I 199 63.92 28.21 14.94
CA CYS I 199 62.84 27.73 15.81
CA CYS I 199 62.85 27.74 15.81
C CYS I 199 63.38 26.97 17.02
N LYS I 200 64.56 26.36 16.90
CA LYS I 200 65.12 25.63 18.03
C LYS I 200 65.34 26.56 19.22
N GLN I 201 65.78 27.80 18.98
CA GLN I 201 65.86 28.79 20.05
C GLN I 201 64.50 29.04 20.68
N ILE I 202 63.45 29.16 19.85
CA ILE I 202 62.13 29.49 20.37
C ILE I 202 61.55 28.29 21.12
N LEU I 203 61.79 27.08 20.61
CA LEU I 203 61.23 25.90 21.24
C LEU I 203 61.92 25.57 22.55
N LYS I 204 63.26 25.67 22.58
CA LYS I 204 63.99 25.46 23.82
C LYS I 204 63.62 26.52 24.87
N ALA I 205 63.17 27.69 24.43
CA ALA I 205 62.78 28.75 25.34
C ALA I 205 61.40 28.53 25.97
N LEU I 206 60.63 27.55 25.50
CA LEU I 206 59.34 27.24 26.09
C LEU I 206 59.40 26.21 27.20
N GLY I 207 60.58 25.64 27.48
CA GLY I 207 60.72 24.63 28.49
C GLY I 207 60.11 23.31 28.07
N PRO I 208 60.45 22.24 28.79
CA PRO I 208 59.90 20.93 28.45
C PRO I 208 58.45 20.80 28.87
N GLY I 209 57.74 19.89 28.19
CA GLY I 209 56.35 19.63 28.48
C GLY I 209 55.35 20.50 27.75
N ALA I 210 55.78 21.29 26.78
CA ALA I 210 54.87 22.12 26.01
C ALA I 210 54.13 21.29 24.96
N THR I 211 52.84 21.56 24.80
CA THR I 211 52.02 20.84 23.84
C THR I 211 52.35 21.28 22.42
N LEU I 212 51.94 20.46 21.45
CA LEU I 212 52.18 20.78 20.05
C LEU I 212 51.47 22.05 19.63
N GLU I 213 50.28 22.32 20.19
CA GLU I 213 49.61 23.59 19.96
C GLU I 213 50.50 24.77 20.33
N GLU I 214 51.09 24.72 21.53
CA GLU I 214 51.94 25.81 22.01
C GLU I 214 53.17 25.99 21.12
N MET I 215 53.66 24.90 20.52
CA MET I 215 54.84 24.97 19.67
C MET I 215 54.54 25.61 18.32
N MET I 216 53.44 25.22 17.68
CA MET I 216 53.09 25.76 16.38
C MET I 216 52.77 27.25 16.46
N VAL I 217 52.22 27.71 17.58
CA VAL I 217 51.95 29.13 17.74
C VAL I 217 53.25 29.92 17.87
N ALA I 218 54.20 29.40 18.65
CA ALA I 218 55.44 30.11 18.90
C ALA I 218 56.40 30.12 17.70
N CYS I 219 56.11 29.36 16.64
CA CYS I 219 56.91 29.33 15.42
C CYS I 219 56.12 29.80 14.20
N GLN I 220 55.26 30.79 14.38
CA GLN I 220 54.48 31.31 13.27
C GLN I 220 54.86 32.75 12.94
N PRO J 1 26.36 5.54 10.42
CA PRO J 1 25.16 5.96 11.14
C PRO J 1 24.42 4.79 11.78
N ILE J 2 23.26 5.08 12.38
CA ILE J 2 22.42 4.08 13.03
C ILE J 2 21.17 3.86 12.20
N VAL J 3 20.74 2.60 12.08
CA VAL J 3 19.50 2.25 11.40
C VAL J 3 18.81 1.13 12.15
N THR J 4 17.53 0.96 11.84
CA THR J 4 16.71 -0.12 12.37
C THR J 4 16.47 -1.14 11.26
N ASN J 5 16.74 -2.40 11.54
CA ASN J 5 16.50 -3.44 10.56
C ASN J 5 15.02 -3.79 10.49
N ALA J 6 14.69 -4.76 9.65
CA ALA J 6 13.31 -5.24 9.55
C ALA J 6 12.83 -5.85 10.87
N GLN J 7 13.76 -6.40 11.65
CA GLN J 7 13.45 -7.07 12.91
C GLN J 7 13.19 -6.11 14.05
N GLY J 8 13.44 -4.82 13.87
CA GLY J 8 13.23 -3.84 14.91
C GLY J 8 14.40 -3.61 15.84
N GLN J 9 15.59 -4.08 15.47
CA GLN J 9 16.78 -3.90 16.29
C GLN J 9 17.57 -2.68 15.84
N MET J 10 18.30 -2.08 16.77
CA MET J 10 19.16 -0.93 16.47
C MET J 10 20.51 -1.47 16.01
N ILE J 11 20.84 -1.24 14.73
CA ILE J 11 22.06 -1.79 14.15
C ILE J 11 22.85 -0.68 13.46
N HIS J 12 24.16 -0.92 13.35
CA HIS J 12 25.08 0.04 12.75
C HIS J 12 25.08 -0.06 11.22
N GLN J 13 25.16 1.09 10.56
CA GLN J 13 25.30 1.17 9.12
C GLN J 13 26.64 1.81 8.79
N CYS J 14 27.40 1.17 7.91
CA CYS J 14 28.74 1.62 7.58
C CYS J 14 28.68 2.91 6.77
N ILE J 15 29.65 3.80 7.01
CA ILE J 15 29.71 5.05 6.26
C ILE J 15 29.93 4.76 4.78
N SER J 16 29.26 5.53 3.93
CA SER J 16 29.24 5.26 2.50
C SER J 16 30.53 5.71 1.84
N PRO J 17 30.95 5.03 0.77
CA PRO J 17 32.14 5.49 0.03
C PRO J 17 32.04 6.92 -0.47
N ARG J 18 30.84 7.38 -0.85
CA ARG J 18 30.69 8.77 -1.27
C ARG J 18 31.03 9.74 -0.15
N THR J 19 30.39 9.57 1.02
CA THR J 19 30.61 10.48 2.13
C THR J 19 32.08 10.47 2.56
N LEU J 20 32.69 9.29 2.61
CA LEU J 20 34.08 9.20 3.02
C LEU J 20 34.99 9.92 2.04
N ASN J 21 34.77 9.71 0.74
CA ASN J 21 35.61 10.37 -0.26
C ASN J 21 35.38 11.87 -0.27
N ALA J 22 34.13 12.30 -0.08
CA ALA J 22 33.83 13.72 0.02
C ALA J 22 34.61 14.36 1.18
N TRP J 23 34.73 13.64 2.29
CA TRP J 23 35.53 14.15 3.40
C TRP J 23 37.00 14.20 3.05
N VAL J 24 37.52 13.18 2.36
CA VAL J 24 38.91 13.19 1.94
C VAL J 24 39.15 14.36 1.00
N LYS J 25 38.27 14.54 0.00
CA LYS J 25 38.41 15.65 -0.92
C LYS J 25 38.31 16.98 -0.21
N ALA J 26 37.41 17.09 0.77
CA ALA J 26 37.22 18.35 1.48
C ALA J 26 38.50 18.77 2.22
N VAL J 27 39.14 17.84 2.92
CA VAL J 27 40.34 18.17 3.67
C VAL J 27 41.49 18.51 2.72
N GLU J 28 41.57 17.84 1.58
CA GLU J 28 42.63 18.13 0.62
C GLU J 28 42.47 19.51 0.01
N GLU J 29 41.24 19.92 -0.29
CA GLU J 29 40.96 21.15 -1.01
C GLU J 29 40.83 22.36 -0.10
N LYS J 30 40.09 22.22 1.00
CA LYS J 30 39.76 23.37 1.85
C LYS J 30 40.72 23.54 3.03
N ALA J 31 41.83 22.81 3.03
CA ALA J 31 42.85 22.88 4.10
C ALA J 31 42.21 23.00 5.47
N PHE J 32 42.45 24.13 6.14
CA PHE J 32 41.77 24.48 7.38
C PHE J 32 41.17 25.88 7.29
N ASN J 33 40.65 26.22 6.10
CA ASN J 33 39.82 27.39 5.95
C ASN J 33 38.57 27.22 6.81
N PRO J 34 37.91 28.34 7.18
CA PRO J 34 36.77 28.24 8.10
C PRO J 34 35.65 27.31 7.64
N GLU J 35 35.42 27.18 6.33
CA GLU J 35 34.31 26.36 5.86
C GLU J 35 34.55 24.86 6.03
N ILE J 36 35.70 24.43 6.55
CA ILE J 36 35.90 23.01 6.79
C ILE J 36 35.08 22.55 7.98
N ILE J 37 34.71 23.46 8.88
CA ILE J 37 33.89 23.08 10.04
C ILE J 37 32.51 22.61 9.61
N PRO J 38 31.76 23.32 8.74
CA PRO J 38 30.47 22.78 8.29
C PRO J 38 30.60 21.56 7.41
N MET J 39 31.73 21.41 6.71
CA MET J 39 31.96 20.18 5.94
C MET J 39 31.95 18.97 6.87
N PHE J 40 32.68 19.06 7.98
CA PHE J 40 32.71 17.96 8.94
C PHE J 40 31.34 17.70 9.53
N MET J 41 30.64 18.75 9.96
CA MET J 41 29.34 18.57 10.60
C MET J 41 28.34 17.94 9.64
N ALA J 42 28.40 18.31 8.35
CA ALA J 42 27.48 17.72 7.39
C ALA J 42 27.86 16.27 7.08
N LEU J 43 29.15 16.01 6.89
CA LEU J 43 29.60 14.67 6.51
C LEU J 43 29.57 13.69 7.67
N SER J 44 29.69 14.18 8.91
CA SER J 44 29.61 13.35 10.09
C SER J 44 28.21 13.31 10.68
N CYS J 45 27.21 13.74 9.92
CA CYS J 45 25.85 13.83 10.41
C CYS J 45 25.28 12.44 10.68
N GLY J 46 24.75 12.24 11.89
CA GLY J 46 24.19 10.96 12.27
C GLY J 46 25.20 9.90 12.62
N ALA J 47 26.48 10.25 12.72
CA ALA J 47 27.55 9.27 12.89
C ALA J 47 27.77 8.92 14.35
N VAL J 48 28.12 7.66 14.59
CA VAL J 48 28.56 7.19 15.90
C VAL J 48 30.06 7.46 15.99
N PRO J 49 30.66 7.44 17.18
CA PRO J 49 32.11 7.68 17.27
C PRO J 49 32.94 6.77 16.38
N TYR J 50 32.52 5.52 16.18
CA TYR J 50 33.21 4.64 15.24
C TYR J 50 33.25 5.26 13.84
N ASP J 51 32.12 5.80 13.39
CA ASP J 51 32.07 6.40 12.06
C ASP J 51 33.01 7.59 11.97
N ILE J 52 33.05 8.40 13.02
CA ILE J 52 33.85 9.62 12.99
C ILE J 52 35.33 9.30 12.96
N ASN J 53 35.76 8.28 13.71
CA ASN J 53 37.16 7.88 13.71
C ASN J 53 37.60 7.43 12.32
N THR J 54 36.72 6.78 11.58
CA THR J 54 37.02 6.42 10.19
C THR J 54 37.36 7.65 9.36
N MET J 55 36.62 8.74 9.55
CA MET J 55 36.88 9.96 8.81
C MET J 55 38.26 10.54 9.14
N LEU J 56 38.56 10.67 10.43
CA LEU J 56 39.85 11.24 10.84
C LEU J 56 41.01 10.37 10.37
N ASN J 57 40.89 9.05 10.50
CA ASN J 57 41.99 8.18 10.14
C ASN J 57 42.22 8.12 8.64
N ALA J 58 41.20 8.40 7.83
CA ALA J 58 41.37 8.34 6.38
C ALA J 58 42.13 9.53 5.82
N ILE J 59 42.27 10.61 6.59
CA ILE J 59 43.03 11.76 6.12
C ILE J 59 44.50 11.38 6.03
N GLY J 60 45.12 11.70 4.89
CA GLY J 60 46.50 11.32 4.65
C GLY J 60 47.52 12.29 5.17
N GLY J 61 47.43 13.55 4.76
CA GLY J 61 48.32 14.59 5.22
C GLY J 61 47.82 15.27 6.47
N HIS J 62 48.35 16.47 6.71
CA HIS J 62 47.92 17.33 7.83
C HIS J 62 48.06 16.60 9.17
N GLN J 63 49.09 15.76 9.29
CA GLN J 63 49.22 14.93 10.49
C GLN J 63 49.61 15.74 11.71
N GLY J 64 50.27 16.88 11.52
CA GLY J 64 50.49 17.77 12.65
C GLY J 64 49.19 18.35 13.17
N ALA J 65 48.27 18.69 12.27
CA ALA J 65 46.96 19.17 12.67
C ALA J 65 46.16 18.06 13.37
N LEU J 66 46.14 16.86 12.78
CA LEU J 66 45.43 15.75 13.42
C LEU J 66 46.03 15.42 14.78
N GLN J 67 47.32 15.67 14.97
CA GLN J 67 47.93 15.43 16.27
C GLN J 67 47.45 16.45 17.29
N VAL J 68 47.19 17.69 16.84
CA VAL J 68 46.60 18.70 17.72
C VAL J 68 45.19 18.31 18.14
N LEU J 69 44.40 17.76 17.21
CA LEU J 69 43.06 17.29 17.56
C LEU J 69 43.11 16.21 18.63
N LYS J 70 44.06 15.29 18.51
CA LYS J 70 44.14 14.20 19.48
C LYS J 70 44.50 14.71 20.87
N GLU J 71 45.26 15.81 20.96
CA GLU J 71 45.48 16.46 22.26
C GLU J 71 44.16 17.00 22.81
N VAL J 72 43.41 17.72 21.97
CA VAL J 72 42.17 18.35 22.43
C VAL J 72 41.15 17.29 22.84
N ILE J 73 41.08 16.19 22.09
CA ILE J 73 40.11 15.13 22.41
C ILE J 73 40.38 14.55 23.79
N ASN J 74 41.65 14.33 24.12
CA ASN J 74 41.98 13.78 25.44
C ASN J 74 41.65 14.77 26.56
N GLU J 75 41.90 16.06 26.34
CA GLU J 75 41.57 17.06 27.34
C GLU J 75 40.08 17.09 27.61
N GLU J 76 39.27 17.08 26.54
CA GLU J 76 37.82 17.07 26.73
C GLU J 76 37.34 15.74 27.29
N ALA J 77 37.99 14.64 26.91
CA ALA J 77 37.65 13.34 27.49
C ALA J 77 37.95 13.30 28.97
N ALA J 78 39.06 13.92 29.39
CA ALA J 78 39.37 14.03 30.81
C ALA J 78 38.33 14.90 31.51
N GLU J 79 37.96 16.02 30.90
CA GLU J 79 36.91 16.87 31.46
C GLU J 79 35.60 16.09 31.60
N TRP J 80 35.31 15.20 30.65
CA TRP J 80 34.13 14.36 30.76
C TRP J 80 34.21 13.45 31.99
N ASP J 81 35.32 12.71 32.10
CA ASP J 81 35.50 11.81 33.24
C ASP J 81 35.47 12.57 34.56
N ARG J 82 35.96 13.82 34.57
CA ARG J 82 35.98 14.60 35.80
C ARG J 82 34.57 14.86 36.31
N THR J 83 33.63 15.15 35.42
CA THR J 83 32.26 15.43 35.79
C THR J 83 31.37 14.19 35.66
N HIS J 84 31.95 13.02 35.40
CA HIS J 84 31.18 11.78 35.26
C HIS J 84 32.03 10.62 35.78
N PRO J 85 32.18 10.51 37.12
CA PRO J 85 32.99 9.45 37.71
C PRO J 85 32.44 8.05 37.46
N GLY J 94 23.61 -7.02 34.00
CA GLY J 94 23.69 -7.47 32.62
C GLY J 94 23.42 -6.35 31.62
N GLN J 95 23.65 -5.11 32.04
CA GLN J 95 23.47 -3.95 31.18
C GLN J 95 24.81 -3.27 30.94
N ILE J 96 24.80 -2.32 30.01
CA ILE J 96 26.03 -1.66 29.60
C ILE J 96 26.49 -0.70 30.70
N ARG J 97 27.81 -0.55 30.80
CA ARG J 97 28.44 0.45 31.66
C ARG J 97 28.06 1.86 31.24
N GLU J 98 28.36 2.82 32.12
CA GLU J 98 28.16 4.22 31.76
C GLU J 98 29.41 4.73 31.03
N PRO J 99 29.26 5.48 29.93
CA PRO J 99 30.42 5.75 29.06
C PRO J 99 31.40 6.73 29.68
N THR J 100 32.68 6.37 29.62
CA THR J 100 33.77 7.24 30.05
C THR J 100 34.16 8.19 28.90
N GLY J 101 35.12 9.06 29.18
CA GLY J 101 35.62 9.96 28.14
C GLY J 101 36.20 9.23 26.95
N SER J 102 37.01 8.20 27.19
CA SER J 102 37.60 7.44 26.10
C SER J 102 36.56 6.57 25.38
N ASP J 103 35.46 6.22 26.06
CA ASP J 103 34.40 5.49 25.39
C ASP J 103 33.69 6.37 24.36
N ILE J 104 33.54 7.65 24.65
CA ILE J 104 32.90 8.57 23.72
C ILE J 104 33.81 8.86 22.54
N ALA J 105 35.12 8.87 22.74
CA ALA J 105 36.04 9.03 21.63
C ALA J 105 36.15 7.80 20.76
N GLY J 106 35.44 6.72 21.10
CA GLY J 106 35.47 5.50 20.32
C GLY J 106 36.75 4.72 20.41
N THR J 107 37.66 5.08 21.32
CA THR J 107 38.93 4.38 21.44
C THR J 107 38.84 3.18 22.37
N THR J 108 37.93 3.20 23.34
CA THR J 108 37.77 2.09 24.28
C THR J 108 36.35 1.53 24.27
N SER J 109 35.52 1.91 23.31
CA SER J 109 34.16 1.41 23.19
C SER J 109 33.94 0.90 21.78
N THR J 110 33.04 -0.06 21.64
CA THR J 110 32.74 -0.69 20.36
C THR J 110 31.52 -0.04 19.71
N GLN J 111 31.33 -0.36 18.43
CA GLN J 111 30.18 0.14 17.68
C GLN J 111 28.87 -0.12 18.41
N GLN J 112 28.69 -1.37 18.86
CA GLN J 112 27.44 -1.75 19.49
C GLN J 112 27.24 -1.01 20.80
N GLU J 113 28.30 -0.88 21.60
CA GLU J 113 28.22 -0.14 22.86
C GLU J 113 27.82 1.30 22.60
N GLN J 114 28.36 1.90 21.54
CA GLN J 114 28.04 3.28 21.21
C GLN J 114 26.57 3.46 20.84
N ILE J 115 25.98 2.45 20.20
CA ILE J 115 24.58 2.54 19.79
C ILE J 115 23.66 2.42 21.00
N ILE J 116 24.00 1.55 21.95
CA ILE J 116 23.16 1.38 23.14
C ILE J 116 23.07 2.69 23.91
N TRP J 117 24.20 3.40 24.01
CA TRP J 117 24.22 4.69 24.71
C TRP J 117 23.30 5.70 24.03
N THR J 118 23.33 5.75 22.70
CA THR J 118 22.53 6.76 21.99
C THR J 118 21.04 6.39 21.98
N THR J 119 20.72 5.10 21.99
CA THR J 119 19.35 4.64 21.79
C THR J 119 18.69 4.09 23.04
N ARG J 120 19.38 4.10 24.18
CA ARG J 120 18.82 3.62 25.44
C ARG J 120 17.50 4.31 25.80
N SER J 124 20.37 8.31 28.66
CA SER J 124 20.49 8.63 27.24
C SER J 124 21.64 9.59 26.97
N ILE J 125 22.73 9.07 26.40
CA ILE J 125 23.90 9.88 26.08
C ILE J 125 24.18 9.88 24.57
N PRO J 126 24.06 11.02 23.89
CA PRO J 126 24.37 11.08 22.45
C PRO J 126 25.88 11.14 22.19
N VAL J 127 26.52 9.97 22.23
CA VAL J 127 27.98 9.92 22.12
C VAL J 127 28.46 10.45 20.78
N GLY J 128 27.68 10.27 19.72
CA GLY J 128 28.06 10.80 18.43
C GLY J 128 28.17 12.31 18.41
N ASP J 129 27.13 12.99 18.91
CA ASP J 129 27.12 14.46 18.87
C ASP J 129 28.15 15.06 19.82
N ILE J 130 28.38 14.43 20.97
CA ILE J 130 29.36 14.97 21.93
C ILE J 130 30.76 14.92 21.33
N TYR J 131 31.12 13.80 20.70
CA TYR J 131 32.46 13.66 20.14
C TYR J 131 32.67 14.61 18.96
N ARG J 132 31.61 14.92 18.21
CA ARG J 132 31.71 15.92 17.16
C ARG J 132 32.04 17.30 17.73
N LYS J 133 31.45 17.65 18.87
CA LYS J 133 31.76 18.93 19.51
C LYS J 133 33.23 18.99 19.92
N TRP J 134 33.78 17.87 20.37
CA TRP J 134 35.19 17.84 20.75
C TRP J 134 36.10 18.05 19.54
N ILE J 135 35.74 17.47 18.40
CA ILE J 135 36.59 17.58 17.21
C ILE J 135 36.43 18.95 16.55
N VAL J 136 35.22 19.48 16.53
CA VAL J 136 35.02 20.85 16.06
C VAL J 136 35.81 21.83 16.91
N LEU J 137 35.94 21.55 18.21
CA LEU J 137 36.75 22.38 19.08
C LEU J 137 38.21 22.35 18.65
N GLY J 138 38.72 21.16 18.30
CA GLY J 138 40.09 21.07 17.85
C GLY J 138 40.31 21.68 16.47
N LEU J 139 39.35 21.50 15.57
CA LEU J 139 39.47 22.09 14.25
C LEU J 139 39.44 23.61 14.30
N ASN J 140 38.68 24.19 15.22
CA ASN J 140 38.66 25.63 15.38
C ASN J 140 40.04 26.16 15.77
N LYS J 141 40.76 25.43 16.63
CA LYS J 141 42.12 25.85 16.96
C LYS J 141 43.00 25.85 15.72
N MET J 142 42.77 24.91 14.80
CA MET J 142 43.56 24.87 13.58
C MET J 142 43.13 25.95 12.60
N VAL J 143 41.83 26.29 12.57
CA VAL J 143 41.36 27.34 11.67
C VAL J 143 41.97 28.69 12.08
N LYS J 144 41.96 28.99 13.37
CA LYS J 144 42.68 30.17 13.84
C LYS J 144 44.17 30.06 13.59
N MET J 145 44.72 28.85 13.68
CA MET J 145 46.17 28.70 13.62
C MET J 145 46.70 28.88 12.21
N TYR J 146 46.03 28.29 11.21
CA TYR J 146 46.44 28.52 9.83
C TYR J 146 45.97 29.88 9.31
N SER J 147 45.31 30.69 10.12
CA SER J 147 44.92 32.03 9.71
C SER J 147 46.13 32.94 9.69
N PRO J 148 46.57 33.43 8.52
CA PRO J 148 47.82 34.20 8.46
C PRO J 148 47.72 35.58 9.09
N VAL J 149 46.74 36.38 8.69
CA VAL J 149 46.67 37.80 9.05
C VAL J 149 45.81 37.96 10.28
N SER J 150 46.14 38.95 11.11
CA SER J 150 45.31 39.35 12.23
C SER J 150 44.25 40.35 11.80
N ILE J 151 43.19 40.45 12.59
CA ILE J 151 42.08 41.35 12.26
C ILE J 151 42.53 42.81 12.30
N LEU J 152 43.66 43.11 12.93
CA LEU J 152 44.10 44.49 13.07
C LEU J 152 44.83 44.99 11.83
N ASP J 153 45.53 44.12 11.11
CA ASP J 153 46.27 44.51 9.92
C ASP J 153 45.43 44.44 8.64
N ILE J 154 44.11 44.45 8.76
CA ILE J 154 43.21 44.49 7.61
C ILE J 154 42.76 45.95 7.47
N ARG J 155 43.46 46.69 6.62
CA ARG J 155 43.15 48.09 6.36
C ARG J 155 42.82 48.27 4.90
N GLN J 156 41.79 49.09 4.62
CA GLN J 156 41.35 49.31 3.26
C GLN J 156 42.42 50.04 2.46
N GLY J 157 42.72 49.52 1.27
CA GLY J 157 43.65 50.16 0.37
C GLY J 157 43.18 51.53 -0.07
N PRO J 158 44.09 52.35 -0.58
CA PRO J 158 43.68 53.67 -1.07
C PRO J 158 42.72 53.60 -2.25
N LYS J 159 42.92 52.65 -3.15
CA LYS J 159 42.05 52.48 -4.32
C LYS J 159 41.36 51.12 -4.31
N GLU J 160 41.16 50.55 -3.13
CA GLU J 160 40.46 49.28 -3.02
C GLU J 160 38.97 49.52 -2.89
N PRO J 161 38.12 48.84 -3.66
CA PRO J 161 36.68 49.01 -3.50
C PRO J 161 36.22 48.51 -2.14
N PHE J 162 35.29 49.26 -1.54
CA PHE J 162 34.80 48.91 -0.20
C PHE J 162 34.19 47.52 -0.16
N ARG J 163 33.53 47.12 -1.25
CA ARG J 163 32.97 45.78 -1.34
C ARG J 163 34.04 44.71 -1.09
N ASP J 164 35.20 44.86 -1.74
CA ASP J 164 36.25 43.86 -1.59
C ASP J 164 36.93 43.97 -0.24
N TYR J 165 37.03 45.19 0.31
CA TYR J 165 37.58 45.37 1.65
C TYR J 165 36.74 44.68 2.72
N VAL J 166 35.41 44.73 2.59
CA VAL J 166 34.55 44.09 3.58
C VAL J 166 34.77 42.59 3.57
N ASP J 167 34.96 42.00 2.40
CA ASP J 167 35.15 40.55 2.31
C ASP J 167 36.47 40.10 2.94
N ARG J 168 37.55 40.84 2.71
CA ARG J 168 38.81 40.50 3.37
C ARG J 168 38.71 40.68 4.88
N PHE J 169 37.93 41.66 5.33
CA PHE J 169 37.78 41.89 6.76
C PHE J 169 37.06 40.73 7.44
N TYR J 170 35.88 40.37 6.91
CA TYR J 170 35.08 39.33 7.56
C TYR J 170 35.57 37.91 7.27
N LYS J 171 36.32 37.69 6.19
CA LYS J 171 36.97 36.40 6.05
C LYS J 171 38.03 36.20 7.14
N THR J 172 38.87 37.23 7.35
CA THR J 172 39.82 37.20 8.44
C THR J 172 39.12 37.09 9.79
N LEU J 173 38.03 37.85 9.95
CA LEU J 173 37.29 37.84 11.21
C LEU J 173 36.72 36.47 11.55
N ARG J 174 36.31 35.69 10.54
CA ARG J 174 35.68 34.40 10.82
C ARG J 174 36.67 33.38 11.38
N ALA J 175 37.91 33.38 10.87
CA ALA J 175 38.91 32.42 11.34
C ALA J 175 39.36 32.71 12.76
N GLU J 176 39.43 33.98 13.15
CA GLU J 176 39.82 34.32 14.52
C GLU J 176 38.72 34.00 15.52
N GLN J 177 37.48 34.33 15.17
CA GLN J 177 36.36 34.24 16.10
C GLN J 177 35.78 32.84 16.20
N ALA J 178 36.26 31.89 15.40
CA ALA J 178 35.78 30.51 15.51
C ALA J 178 36.02 29.97 16.91
N THR J 179 37.23 30.18 17.45
CA THR J 179 37.57 29.70 18.78
C THR J 179 37.32 30.82 19.80
N GLN J 180 36.03 31.16 19.92
CA GLN J 180 35.58 32.19 20.86
C GLN J 180 34.13 31.91 21.30
N THR J 189 32.82 48.08 14.67
CA THR J 189 33.48 49.28 15.17
C THR J 189 34.92 49.37 14.67
N LEU J 190 35.54 48.19 14.47
CA LEU J 190 36.89 48.16 13.91
C LEU J 190 36.87 48.26 12.39
N LEU J 191 35.80 47.77 11.75
CA LEU J 191 35.65 47.86 10.31
C LEU J 191 35.72 49.31 9.83
N VAL J 192 35.06 50.21 10.55
CA VAL J 192 35.00 51.61 10.12
C VAL J 192 36.35 52.29 10.34
N GLN J 193 37.05 51.92 11.41
CA GLN J 193 38.34 52.54 11.71
C GLN J 193 39.36 52.28 10.61
N ASN J 194 39.42 51.05 10.11
CA ASN J 194 40.44 50.65 9.15
C ASN J 194 40.05 50.95 7.70
N SER J 195 38.91 51.56 7.46
CA SER J 195 38.54 51.96 6.12
C SER J 195 39.38 53.15 5.66
N ASN J 196 39.50 53.30 4.35
CA ASN J 196 40.32 54.36 3.79
C ASN J 196 39.73 55.73 4.11
N PRO J 197 40.53 56.80 4.03
CA PRO J 197 40.04 58.12 4.44
C PRO J 197 38.85 58.62 3.63
N ASP J 198 38.62 58.10 2.42
CA ASP J 198 37.51 58.58 1.61
C ASP J 198 36.18 58.02 2.09
N CYS J 199 36.12 56.71 2.37
CA CYS J 199 34.87 56.10 2.82
CA CYS J 199 34.87 56.10 2.82
C CYS J 199 34.59 56.41 4.29
N LYS J 200 35.63 56.52 5.11
CA LYS J 200 35.44 56.85 6.51
C LYS J 200 34.66 58.15 6.68
N GLN J 201 34.93 59.14 5.82
CA GLN J 201 34.12 60.35 5.82
C GLN J 201 32.66 60.05 5.52
N ILE J 202 32.39 59.19 4.55
CA ILE J 202 31.02 58.87 4.17
C ILE J 202 30.38 57.95 5.19
N LEU J 203 31.15 57.01 5.74
CA LEU J 203 30.57 56.03 6.67
C LEU J 203 30.26 56.67 8.01
N LYS J 204 31.18 57.48 8.54
CA LYS J 204 30.91 58.20 9.77
C LYS J 204 29.81 59.24 9.58
N ALA J 205 29.62 59.73 8.36
CA ALA J 205 28.56 60.70 8.07
C ALA J 205 27.19 60.07 8.02
N LEU J 206 27.10 58.74 8.01
CA LEU J 206 25.81 58.04 8.07
C LEU J 206 25.38 57.75 9.49
N GLY J 207 26.22 58.07 10.47
CA GLY J 207 25.93 57.82 11.86
C GLY J 207 26.00 56.35 12.20
N PRO J 208 26.09 56.04 13.49
CA PRO J 208 26.12 54.64 13.91
C PRO J 208 24.74 54.00 13.80
N GLY J 209 24.75 52.67 13.71
CA GLY J 209 23.53 51.90 13.58
C GLY J 209 23.08 51.66 12.15
N ALA J 210 23.87 52.04 11.16
CA ALA J 210 23.55 51.74 9.76
C ALA J 210 23.91 50.30 9.45
N THR J 211 23.06 49.64 8.67
CA THR J 211 23.32 48.25 8.35
C THR J 211 24.49 48.14 7.38
N LEU J 212 25.06 46.94 7.31
CA LEU J 212 26.19 46.69 6.41
C LEU J 212 25.80 46.89 4.95
N GLU J 213 24.56 46.54 4.59
CA GLU J 213 24.07 46.83 3.24
C GLU J 213 24.15 48.31 2.94
N GLU J 214 23.64 49.14 3.85
CA GLU J 214 23.63 50.58 3.67
C GLU J 214 25.04 51.15 3.55
N MET J 215 26.02 50.50 4.19
CA MET J 215 27.40 50.94 4.06
C MET J 215 27.99 50.56 2.71
N MET J 216 27.65 49.38 2.21
CA MET J 216 28.15 48.95 0.90
C MET J 216 27.54 49.79 -0.22
N VAL J 217 26.29 50.25 -0.05
CA VAL J 217 25.68 51.11 -1.05
C VAL J 217 26.33 52.50 -1.05
N ALA J 218 26.58 53.05 0.14
CA ALA J 218 27.13 54.40 0.26
C ALA J 218 28.60 54.50 -0.10
N CYS J 219 29.28 53.38 -0.34
CA CYS J 219 30.68 53.37 -0.73
C CYS J 219 30.92 52.74 -2.11
N GLN J 220 30.00 52.94 -3.03
CA GLN J 220 30.19 52.39 -4.37
C GLN J 220 30.33 53.50 -5.41
N PRO K 1 16.65 17.12 4.70
CA PRO K 1 15.20 17.04 4.50
C PRO K 1 14.53 16.07 5.47
N ILE K 2 13.23 15.86 5.29
CA ILE K 2 12.43 14.95 6.11
C ILE K 2 12.06 13.74 5.27
N VAL K 3 12.08 12.56 5.90
CA VAL K 3 11.69 11.31 5.25
C VAL K 3 10.91 10.46 6.24
N THR K 4 10.23 9.45 5.71
CA THR K 4 9.48 8.49 6.51
C THR K 4 10.26 7.19 6.59
N ASN K 5 10.44 6.68 7.81
CA ASN K 5 11.14 5.43 8.05
C ASN K 5 10.22 4.24 7.75
N ALA K 6 10.73 3.04 8.01
CA ALA K 6 9.94 1.83 7.78
C ALA K 6 8.67 1.80 8.62
N GLN K 7 8.69 2.37 9.82
CA GLN K 7 7.49 2.34 10.66
C GLN K 7 6.49 3.42 10.30
N GLY K 8 6.86 4.34 9.41
CA GLY K 8 6.00 5.45 9.03
C GLY K 8 6.14 6.70 9.86
N GLN K 9 7.22 6.84 10.63
CA GLN K 9 7.43 8.03 11.45
C GLN K 9 8.30 9.02 10.69
N MET K 10 8.15 10.30 11.04
CA MET K 10 8.90 11.38 10.40
C MET K 10 10.26 11.54 11.07
N ILE K 11 11.33 11.25 10.33
CA ILE K 11 12.68 11.32 10.86
C ILE K 11 13.55 12.16 9.92
N HIS K 12 14.63 12.70 10.47
CA HIS K 12 15.51 13.58 9.71
C HIS K 12 16.49 12.80 8.85
N GLN K 13 16.71 13.30 7.63
CA GLN K 13 17.73 12.79 6.72
C GLN K 13 18.76 13.88 6.48
N CYS K 14 20.03 13.52 6.62
CA CYS K 14 21.11 14.48 6.51
C CYS K 14 21.26 14.95 5.07
N ILE K 15 21.62 16.23 4.90
CA ILE K 15 21.78 16.77 3.57
C ILE K 15 22.90 16.04 2.83
N SER K 16 22.69 15.80 1.54
CA SER K 16 23.57 14.92 0.78
C SER K 16 24.86 15.65 0.39
N PRO K 17 25.98 14.94 0.34
CA PRO K 17 27.24 15.56 -0.12
C PRO K 17 27.15 16.12 -1.53
N ARG K 18 26.39 15.49 -2.42
CA ARG K 18 26.22 16.04 -3.77
C ARG K 18 25.58 17.42 -3.72
N THR K 19 24.43 17.54 -3.05
CA THR K 19 23.74 18.82 -2.97
C THR K 19 24.61 19.88 -2.33
N LEU K 20 25.33 19.52 -1.26
CA LEU K 20 26.16 20.50 -0.56
C LEU K 20 27.25 21.04 -1.46
N ASN K 21 27.95 20.17 -2.19
CA ASN K 21 28.98 20.64 -3.10
C ASN K 21 28.37 21.39 -4.29
N ALA K 22 27.23 20.92 -4.79
CA ALA K 22 26.54 21.64 -5.86
C ALA K 22 26.22 23.06 -5.46
N TRP K 23 25.78 23.24 -4.20
CA TRP K 23 25.54 24.59 -3.69
C TRP K 23 26.83 25.38 -3.53
N VAL K 24 27.90 24.73 -3.04
CA VAL K 24 29.18 25.41 -2.92
C VAL K 24 29.69 25.83 -4.29
N LYS K 25 29.64 24.91 -5.26
CA LYS K 25 30.09 25.23 -6.61
C LYS K 25 29.25 26.34 -7.23
N ALA K 26 27.93 26.34 -6.96
CA ALA K 26 27.05 27.35 -7.54
C ALA K 26 27.46 28.75 -7.11
N VAL K 27 27.75 28.95 -5.82
CA VAL K 27 28.13 30.27 -5.34
C VAL K 27 29.49 30.68 -5.88
N GLU K 28 30.40 29.72 -6.05
CA GLU K 28 31.71 30.03 -6.60
C GLU K 28 31.62 30.47 -8.05
N GLU K 29 30.76 29.82 -8.83
CA GLU K 29 30.69 30.06 -10.27
C GLU K 29 29.76 31.20 -10.64
N LYS K 30 28.55 31.23 -10.06
CA LYS K 30 27.53 32.18 -10.46
C LYS K 30 27.51 33.44 -9.62
N ALA K 31 28.53 33.65 -8.78
CA ALA K 31 28.62 34.82 -7.92
C ALA K 31 27.28 35.18 -7.28
N PHE K 32 26.76 36.35 -7.63
CA PHE K 32 25.40 36.74 -7.27
C PHE K 32 24.64 37.22 -8.50
N ASN K 33 24.86 36.54 -9.63
CA ASN K 33 24.00 36.70 -10.79
C ASN K 33 22.57 36.29 -10.42
N PRO K 34 21.58 36.78 -11.15
CA PRO K 34 20.18 36.50 -10.75
C PRO K 34 19.85 35.02 -10.61
N GLU K 35 20.49 34.14 -11.39
CA GLU K 35 20.15 32.72 -11.34
C GLU K 35 20.59 32.02 -10.07
N ILE K 36 21.26 32.71 -9.13
CA ILE K 36 21.61 32.06 -7.87
C ILE K 36 20.38 31.85 -7.01
N ILE K 37 19.32 32.63 -7.21
CA ILE K 37 18.10 32.45 -6.44
C ILE K 37 17.44 31.10 -6.74
N PRO K 38 17.17 30.72 -7.99
CA PRO K 38 16.60 29.39 -8.25
C PRO K 38 17.55 28.26 -7.91
N MET K 39 18.87 28.51 -7.92
CA MET K 39 19.81 27.49 -7.47
C MET K 39 19.58 27.16 -6.00
N PHE K 40 19.49 28.20 -5.17
CA PHE K 40 19.25 28.00 -3.74
C PHE K 40 17.90 27.33 -3.48
N MET K 41 16.84 27.83 -4.12
CA MET K 41 15.51 27.29 -3.87
C MET K 41 15.42 25.83 -4.28
N ALA K 42 16.09 25.45 -5.38
CA ALA K 42 16.05 24.06 -5.82
C ALA K 42 16.90 23.17 -4.92
N LEU K 43 18.10 23.63 -4.55
CA LEU K 43 19.00 22.80 -3.77
C LEU K 43 18.59 22.71 -2.31
N SER K 44 17.90 23.73 -1.79
CA SER K 44 17.41 23.72 -0.42
C SER K 44 15.96 23.24 -0.32
N CYS K 45 15.43 22.64 -1.37
CA CYS K 45 14.03 22.23 -1.38
C CYS K 45 13.80 21.09 -0.39
N GLY K 46 12.78 21.25 0.45
CA GLY K 46 12.46 20.26 1.45
C GLY K 46 13.35 20.24 2.66
N ALA K 47 14.25 21.22 2.80
CA ALA K 47 15.23 21.24 3.86
C ALA K 47 14.66 21.90 5.11
N VAL K 48 15.06 21.39 6.27
CA VAL K 48 14.74 22.01 7.56
C VAL K 48 15.78 23.08 7.82
N PRO K 49 15.55 24.02 8.74
CA PRO K 49 16.55 25.06 9.01
C PRO K 49 17.94 24.55 9.36
N TYR K 50 18.06 23.40 10.03
CA TYR K 50 19.38 22.85 10.29
C TYR K 50 20.16 22.61 8.99
N ASP K 51 19.49 22.04 7.98
CA ASP K 51 20.14 21.79 6.71
C ASP K 51 20.54 23.09 6.02
N ILE K 52 19.66 24.09 6.08
CA ILE K 52 19.89 25.34 5.35
C ILE K 52 21.08 26.09 5.93
N ASN K 53 21.22 26.10 7.26
CA ASN K 53 22.37 26.75 7.88
C ASN K 53 23.68 26.09 7.45
N THR K 54 23.66 24.77 7.28
CA THR K 54 24.84 24.07 6.75
C THR K 54 25.21 24.61 5.38
N MET K 55 24.21 24.88 4.53
CA MET K 55 24.48 25.42 3.20
C MET K 55 25.14 26.79 3.28
N LEU K 56 24.57 27.69 4.09
CA LEU K 56 25.11 29.04 4.20
C LEU K 56 26.53 29.03 4.76
N ASN K 57 26.76 28.22 5.80
CA ASN K 57 28.07 28.17 6.42
C ASN K 57 29.10 27.45 5.54
N ALA K 58 28.64 26.62 4.61
CA ALA K 58 29.56 25.91 3.71
C ALA K 58 30.16 26.81 2.65
N ILE K 59 29.61 28.01 2.46
CA ILE K 59 30.17 28.96 1.51
C ILE K 59 31.53 29.41 2.01
N GLY K 60 32.52 29.40 1.11
CA GLY K 60 33.87 29.72 1.50
C GLY K 60 34.19 31.20 1.47
N GLY K 61 33.98 31.83 0.32
CA GLY K 61 34.16 33.26 0.17
C GLY K 61 32.88 34.02 0.44
N HIS K 62 32.84 35.25 -0.08
CA HIS K 62 31.63 36.09 -0.03
C HIS K 62 31.16 36.33 1.40
N GLN K 63 32.11 36.44 2.33
CA GLN K 63 31.73 36.55 3.74
C GLN K 63 31.09 37.89 4.07
N GLY K 64 31.38 38.93 3.29
CA GLY K 64 30.63 40.17 3.43
C GLY K 64 29.18 39.99 3.03
N ALA K 65 28.94 39.20 1.98
CA ALA K 65 27.58 38.90 1.55
C ALA K 65 26.84 38.09 2.62
N LEU K 66 27.47 37.07 3.19
CA LEU K 66 26.83 36.29 4.24
C LEU K 66 26.45 37.13 5.44
N GLN K 67 27.22 38.18 5.71
CA GLN K 67 26.86 39.05 6.83
C GLN K 67 25.62 39.88 6.51
N VAL K 68 25.44 40.27 5.24
CA VAL K 68 24.21 40.96 4.86
C VAL K 68 23.01 40.03 4.99
N LEU K 69 23.15 38.77 4.54
CA LEU K 69 22.06 37.81 4.70
C LEU K 69 21.74 37.57 6.17
N LYS K 70 22.78 37.40 6.99
CA LYS K 70 22.56 37.12 8.40
C LYS K 70 21.97 38.33 9.12
N GLU K 71 22.32 39.55 8.68
CA GLU K 71 21.63 40.74 9.18
C GLU K 71 20.16 40.72 8.81
N VAL K 72 19.86 40.43 7.54
CA VAL K 72 18.47 40.41 7.07
C VAL K 72 17.66 39.35 7.81
N ILE K 73 18.28 38.20 8.09
CA ILE K 73 17.57 37.13 8.78
C ILE K 73 17.13 37.59 10.17
N ASN K 74 17.99 38.33 10.87
CA ASN K 74 17.62 38.85 12.18
C ASN K 74 16.46 39.82 12.07
N GLU K 75 16.46 40.64 11.01
CA GLU K 75 15.38 41.60 10.78
C GLU K 75 14.05 40.88 10.58
N GLU K 76 14.04 39.84 9.75
CA GLU K 76 12.82 39.09 9.54
C GLU K 76 12.44 38.27 10.76
N ALA K 77 13.44 37.77 11.50
CA ALA K 77 13.16 37.04 12.74
C ALA K 77 12.51 37.95 13.78
N ALA K 78 12.94 39.21 13.84
CA ALA K 78 12.31 40.16 14.74
C ALA K 78 10.86 40.42 14.33
N GLU K 79 10.62 40.58 13.03
CA GLU K 79 9.25 40.74 12.54
C GLU K 79 8.39 39.53 12.90
N TRP K 80 8.98 38.34 12.86
CA TRP K 80 8.23 37.13 13.24
C TRP K 80 7.82 37.19 14.71
N ASP K 81 8.78 37.41 15.61
CA ASP K 81 8.47 37.45 17.03
C ASP K 81 7.45 38.53 17.36
N ARG K 82 7.47 39.64 16.62
CA ARG K 82 6.55 40.74 16.89
C ARG K 82 5.10 40.32 16.68
N THR K 83 4.82 39.56 15.62
CA THR K 83 3.47 39.14 15.27
C THR K 83 3.11 37.75 15.77
N HIS K 84 3.92 37.16 16.65
CA HIS K 84 3.67 35.80 17.16
C HIS K 84 4.08 35.69 18.61
N PRO K 85 3.27 36.24 19.53
CA PRO K 85 3.58 36.21 20.98
C PRO K 85 3.61 34.80 21.54
N ARG K 97 6.39 23.67 22.18
CA ARG K 97 6.32 25.12 22.17
C ARG K 97 6.02 25.67 20.79
N GLU K 98 5.61 26.94 20.73
CA GLU K 98 5.41 27.57 19.43
C GLU K 98 6.72 28.22 18.98
N PRO K 99 7.12 28.09 17.71
CA PRO K 99 8.48 28.49 17.31
C PRO K 99 8.65 30.01 17.30
N THR K 100 9.75 30.46 17.89
CA THR K 100 10.12 31.88 17.88
C THR K 100 10.83 32.22 16.58
N GLY K 101 11.19 33.50 16.45
CA GLY K 101 11.95 33.94 15.27
C GLY K 101 13.27 33.22 15.12
N SER K 102 14.00 33.05 16.22
CA SER K 102 15.29 32.37 16.15
C SER K 102 15.16 30.87 15.90
N ASP K 103 14.01 30.28 16.24
CA ASP K 103 13.79 28.86 15.95
C ASP K 103 13.68 28.60 14.46
N ILE K 104 13.08 29.53 13.71
CA ILE K 104 12.98 29.35 12.27
C ILE K 104 14.34 29.52 11.62
N ALA K 105 15.19 30.38 12.17
CA ALA K 105 16.55 30.53 11.68
C ALA K 105 17.45 29.36 12.06
N GLY K 106 16.93 28.39 12.82
CA GLY K 106 17.72 27.23 13.20
C GLY K 106 18.81 27.49 14.19
N THR K 107 18.84 28.67 14.81
CA THR K 107 19.90 29.02 15.75
C THR K 107 19.61 28.56 17.17
N THR K 108 18.34 28.44 17.55
CA THR K 108 17.96 28.04 18.90
C THR K 108 17.07 26.81 18.92
N SER K 109 16.91 26.11 17.80
CA SER K 109 16.08 24.92 17.72
C SER K 109 16.89 23.77 17.14
N THR K 110 16.49 22.54 17.50
CA THR K 110 17.19 21.35 17.06
C THR K 110 16.50 20.77 15.82
N GLN K 111 17.20 19.83 15.18
CA GLN K 111 16.67 19.13 14.01
C GLN K 111 15.29 18.55 14.30
N GLN K 112 15.18 17.84 15.42
CA GLN K 112 13.94 17.14 15.78
C GLN K 112 12.81 18.12 16.03
N GLU K 113 13.09 19.21 16.76
CA GLU K 113 12.07 20.22 17.04
C GLU K 113 11.51 20.81 15.75
N GLN K 114 12.39 21.06 14.77
CA GLN K 114 11.98 21.65 13.50
C GLN K 114 11.04 20.73 12.72
N ILE K 115 11.24 19.43 12.81
CA ILE K 115 10.41 18.49 12.05
C ILE K 115 9.00 18.40 12.64
N ILE K 116 8.89 18.42 13.96
CA ILE K 116 7.57 18.33 14.61
C ILE K 116 6.69 19.49 14.17
N TRP K 117 7.27 20.68 14.06
CA TRP K 117 6.53 21.87 13.66
C TRP K 117 5.95 21.72 12.25
N THR K 118 6.72 21.17 11.31
CA THR K 118 6.27 21.10 9.92
C THR K 118 5.22 20.01 9.73
N THR K 119 5.26 18.95 10.52
CA THR K 119 4.44 17.76 10.28
C THR K 119 3.30 17.61 11.27
N ARG K 120 3.13 18.54 12.21
CA ARG K 120 2.03 18.50 13.18
C ARG K 120 0.67 18.40 12.49
N SER K 124 0.14 23.37 12.10
CA SER K 124 1.37 23.06 11.37
C SER K 124 2.09 24.32 10.92
N ILE K 125 3.42 24.34 11.09
CA ILE K 125 4.23 25.50 10.67
C ILE K 125 5.41 25.04 9.83
N PRO K 126 5.47 25.41 8.53
CA PRO K 126 6.60 25.03 7.66
C PRO K 126 7.84 25.92 7.87
N VAL K 127 8.61 25.59 8.91
CA VAL K 127 9.78 26.39 9.26
C VAL K 127 10.83 26.35 8.16
N GLY K 128 10.93 25.24 7.43
CA GLY K 128 11.90 25.15 6.34
C GLY K 128 11.65 26.17 5.25
N ASP K 129 10.40 26.27 4.79
CA ASP K 129 10.10 27.19 3.70
C ASP K 129 10.21 28.65 4.14
N ILE K 130 9.85 28.95 5.39
CA ILE K 130 9.93 30.32 5.88
C ILE K 130 11.37 30.81 5.89
N TYR K 131 12.29 29.98 6.39
CA TYR K 131 13.69 30.39 6.46
C TYR K 131 14.28 30.52 5.06
N ARG K 132 13.81 29.71 4.12
CA ARG K 132 14.19 29.90 2.71
C ARG K 132 13.69 31.24 2.19
N LYS K 133 12.47 31.63 2.57
CA LYS K 133 11.93 32.91 2.14
C LYS K 133 12.74 34.07 2.68
N TRP K 134 13.21 33.97 3.92
CA TRP K 134 14.01 35.04 4.52
C TRP K 134 15.36 35.18 3.81
N ILE K 135 15.96 34.06 3.42
CA ILE K 135 17.28 34.10 2.80
C ILE K 135 17.20 34.57 1.36
N VAL K 136 16.16 34.16 0.63
CA VAL K 136 15.95 34.68 -0.71
C VAL K 136 15.75 36.19 -0.67
N LEU K 137 15.10 36.69 0.38
CA LEU K 137 14.95 38.14 0.54
C LEU K 137 16.30 38.81 0.70
N GLY K 138 17.21 38.20 1.46
CA GLY K 138 18.54 38.76 1.59
C GLY K 138 19.36 38.60 0.33
N LEU K 139 19.22 37.46 -0.35
CA LEU K 139 19.94 37.24 -1.60
C LEU K 139 19.53 38.22 -2.69
N ASN K 140 18.25 38.60 -2.72
CA ASN K 140 17.80 39.59 -3.70
C ASN K 140 18.53 40.91 -3.52
N LYS K 141 18.76 41.31 -2.26
CA LYS K 141 19.52 42.53 -1.99
C LYS K 141 20.94 42.44 -2.55
N MET K 142 21.55 41.25 -2.52
CA MET K 142 22.90 41.09 -3.05
C MET K 142 22.90 41.05 -4.58
N VAL K 143 21.87 40.46 -5.18
CA VAL K 143 21.80 40.41 -6.64
C VAL K 143 21.65 41.81 -7.22
N LYS K 144 20.77 42.62 -6.62
CA LYS K 144 20.63 44.01 -7.04
C LYS K 144 21.93 44.78 -6.83
N MET K 145 22.70 44.40 -5.80
CA MET K 145 23.91 45.16 -5.47
C MET K 145 25.03 44.89 -6.47
N TYR K 146 25.24 43.62 -6.83
CA TYR K 146 26.25 43.30 -7.84
C TYR K 146 25.79 43.56 -9.26
N SER K 147 24.60 44.11 -9.47
CA SER K 147 24.15 44.46 -10.81
C SER K 147 24.90 45.70 -11.29
N PRO K 148 25.78 45.60 -12.28
CA PRO K 148 26.59 46.75 -12.67
C PRO K 148 25.81 47.82 -13.42
N VAL K 149 25.15 47.42 -14.51
CA VAL K 149 24.56 48.34 -15.47
C VAL K 149 23.09 48.54 -15.15
N SER K 150 22.60 49.75 -15.42
CA SER K 150 21.18 50.05 -15.38
C SER K 150 20.54 49.72 -16.73
N ILE K 151 19.21 49.53 -16.72
CA ILE K 151 18.50 49.19 -17.95
C ILE K 151 18.56 50.31 -18.97
N LEU K 152 18.77 51.56 -18.53
CA LEU K 152 18.74 52.69 -19.45
C LEU K 152 19.97 52.73 -20.34
N ASP K 153 21.12 52.26 -19.84
CA ASP K 153 22.36 52.26 -20.61
C ASP K 153 22.56 50.99 -21.42
N ILE K 154 21.49 50.26 -21.71
CA ILE K 154 21.55 49.07 -22.57
C ILE K 154 21.08 49.52 -23.95
N ARG K 155 22.01 49.87 -24.83
CA ARG K 155 21.65 50.31 -26.17
C ARG K 155 22.31 49.42 -27.22
N GLN K 156 21.56 49.12 -28.28
CA GLN K 156 22.05 48.26 -29.33
C GLN K 156 23.21 48.91 -30.09
N GLY K 157 24.30 48.15 -30.26
CA GLY K 157 25.43 48.59 -31.03
C GLY K 157 25.08 48.84 -32.48
N PRO K 158 25.91 49.63 -33.16
CA PRO K 158 25.63 49.90 -34.59
C PRO K 158 25.69 48.68 -35.47
N LYS K 159 26.52 47.69 -35.12
CA LYS K 159 26.61 46.45 -35.89
C LYS K 159 26.31 45.23 -35.02
N GLU K 160 25.51 45.42 -33.98
CA GLU K 160 25.12 44.32 -33.10
C GLU K 160 23.86 43.64 -33.63
N PRO K 161 23.83 42.32 -33.72
CA PRO K 161 22.59 41.65 -34.15
C PRO K 161 21.50 41.83 -33.10
N PHE K 162 20.27 42.03 -33.58
CA PHE K 162 19.15 42.26 -32.68
C PHE K 162 18.96 41.11 -31.71
N ARG K 163 19.24 39.88 -32.16
CA ARG K 163 19.18 38.71 -31.29
C ARG K 163 20.02 38.91 -30.03
N ASP K 164 21.27 39.35 -30.21
CA ASP K 164 22.17 39.50 -29.07
C ASP K 164 21.81 40.72 -28.23
N TYR K 165 21.27 41.76 -28.85
CA TYR K 165 20.81 42.93 -28.10
C TYR K 165 19.66 42.58 -27.16
N VAL K 166 18.74 41.73 -27.61
CA VAL K 166 17.60 41.37 -26.77
C VAL K 166 18.07 40.65 -25.51
N ASP K 167 19.11 39.82 -25.63
CA ASP K 167 19.58 39.07 -24.47
C ASP K 167 20.21 39.98 -23.43
N ARG K 168 21.03 40.96 -23.86
CA ARG K 168 21.58 41.90 -22.89
C ARG K 168 20.50 42.76 -22.25
N PHE K 169 19.43 43.05 -23.00
CA PHE K 169 18.35 43.89 -22.48
C PHE K 169 17.66 43.21 -21.31
N TYR K 170 17.20 41.97 -21.52
CA TYR K 170 16.46 41.27 -20.47
C TYR K 170 17.34 40.67 -19.40
N LYS K 171 18.64 40.47 -19.67
CA LYS K 171 19.56 40.11 -18.60
C LYS K 171 19.71 41.26 -17.61
N THR K 172 19.96 42.47 -18.12
CA THR K 172 20.05 43.64 -17.26
C THR K 172 18.73 43.90 -16.54
N LEU K 173 17.61 43.77 -17.26
CA LEU K 173 16.31 43.99 -16.64
C LEU K 173 16.04 42.99 -15.52
N ARG K 174 16.56 41.77 -15.65
CA ARG K 174 16.30 40.74 -14.65
C ARG K 174 17.00 41.04 -13.33
N ALA K 175 18.17 41.69 -13.36
CA ALA K 175 18.91 41.92 -12.12
C ALA K 175 18.15 42.81 -11.16
N GLU K 176 17.43 43.80 -11.68
CA GLU K 176 16.49 44.57 -10.87
C GLU K 176 15.05 44.36 -11.37
N THR K 189 8.52 48.76 -24.42
CA THR K 189 8.51 50.10 -24.97
C THR K 189 9.91 50.68 -24.98
N LEU K 190 10.73 50.27 -24.01
CA LEU K 190 12.12 50.72 -23.97
C LEU K 190 13.00 49.87 -24.87
N LEU K 191 12.65 48.60 -25.06
CA LEU K 191 13.45 47.72 -25.93
C LEU K 191 13.57 48.28 -27.34
N VAL K 192 12.47 48.78 -27.89
CA VAL K 192 12.49 49.30 -29.25
C VAL K 192 13.21 50.64 -29.30
N GLN K 193 13.05 51.45 -28.25
CA GLN K 193 13.65 52.78 -28.23
C GLN K 193 15.17 52.73 -28.34
N ASN K 194 15.81 51.83 -27.59
CA ASN K 194 17.27 51.78 -27.53
C ASN K 194 17.87 50.92 -28.63
N SER K 195 17.08 50.33 -29.51
CA SER K 195 17.63 49.59 -30.63
C SER K 195 18.26 50.55 -31.64
N ASN K 196 19.20 50.01 -32.43
CA ASN K 196 19.92 50.83 -33.39
C ASN K 196 18.97 51.33 -34.49
N PRO K 197 19.33 52.41 -35.18
CA PRO K 197 18.36 53.07 -36.07
C PRO K 197 17.90 52.24 -37.26
N ASP K 198 18.63 51.20 -37.66
CA ASP K 198 18.17 50.38 -38.78
C ASP K 198 17.01 49.50 -38.37
N CYS K 199 17.16 48.77 -37.26
CA CYS K 199 16.07 47.90 -36.84
CA CYS K 199 16.09 47.90 -36.78
C CYS K 199 14.87 48.70 -36.36
N LYS K 200 15.08 49.91 -35.84
CA LYS K 200 13.97 50.73 -35.36
C LYS K 200 13.02 51.09 -36.51
N GLN K 201 13.56 51.34 -37.70
CA GLN K 201 12.72 51.55 -38.87
C GLN K 201 11.81 50.34 -39.12
N ILE K 202 12.36 49.14 -39.02
CA ILE K 202 11.60 47.93 -39.31
C ILE K 202 10.64 47.60 -38.16
N LEU K 203 11.07 47.82 -36.92
CA LEU K 203 10.25 47.43 -35.77
C LEU K 203 9.04 48.34 -35.63
N LYS K 204 9.23 49.65 -35.75
CA LYS K 204 8.10 50.56 -35.72
C LYS K 204 7.16 50.36 -36.90
N ALA K 205 7.68 49.82 -38.01
CA ALA K 205 6.86 49.57 -39.19
C ALA K 205 5.97 48.33 -39.04
N LEU K 206 6.16 47.54 -38.00
CA LEU K 206 5.31 46.40 -37.72
C LEU K 206 4.13 46.74 -36.83
N GLY K 207 4.04 47.99 -36.36
CA GLY K 207 2.97 48.41 -35.49
C GLY K 207 3.09 47.86 -34.09
N PRO K 208 2.35 48.45 -33.15
CA PRO K 208 2.39 47.97 -31.77
C PRO K 208 1.65 46.65 -31.61
N GLY K 209 2.05 45.91 -30.58
CA GLY K 209 1.46 44.62 -30.30
C GLY K 209 2.11 43.45 -31.01
N ALA K 210 3.24 43.68 -31.69
CA ALA K 210 3.95 42.59 -32.33
C ALA K 210 4.74 41.80 -31.30
N THR K 211 4.76 40.49 -31.45
CA THR K 211 5.47 39.65 -30.50
C THR K 211 6.98 39.78 -30.69
N LEU K 212 7.72 39.36 -29.65
CA LEU K 212 9.18 39.42 -29.71
C LEU K 212 9.72 38.52 -30.80
N GLU K 213 9.06 37.37 -31.05
CA GLU K 213 9.44 36.53 -32.19
C GLU K 213 9.40 37.32 -33.49
N GLU K 214 8.28 38.01 -33.73
CA GLU K 214 8.11 38.78 -34.96
C GLU K 214 9.17 39.85 -35.09
N MET K 215 9.66 40.36 -33.96
CA MET K 215 10.71 41.37 -33.97
C MET K 215 12.09 40.76 -34.25
N MET K 216 12.30 39.50 -33.84
CA MET K 216 13.60 38.88 -34.04
C MET K 216 13.77 38.32 -35.44
N VAL K 217 12.70 37.83 -36.06
CA VAL K 217 12.78 37.37 -37.44
C VAL K 217 12.93 38.56 -38.38
N ALA K 218 12.17 39.64 -38.13
CA ALA K 218 12.20 40.81 -39.00
C ALA K 218 13.49 41.61 -38.86
N CYS K 219 14.35 41.26 -37.90
CA CYS K 219 15.64 41.90 -37.71
C CYS K 219 16.81 40.93 -37.89
N GLN K 220 16.66 39.95 -38.76
CA GLN K 220 17.74 39.00 -38.97
C GLN K 220 18.27 39.05 -40.40
N PRO L 1 8.38 16.36 -9.05
CA PRO L 1 7.37 15.40 -9.48
C PRO L 1 6.36 15.10 -8.37
N ILE L 2 5.44 14.16 -8.63
CA ILE L 2 4.45 13.74 -7.67
C ILE L 2 4.82 12.33 -7.20
N VAL L 3 4.68 12.09 -5.89
CA VAL L 3 4.92 10.77 -5.32
C VAL L 3 3.91 10.52 -4.21
N THR L 4 3.77 9.24 -3.87
CA THR L 4 2.95 8.80 -2.75
C THR L 4 3.85 8.37 -1.60
N ASN L 5 3.58 8.90 -0.42
CA ASN L 5 4.34 8.50 0.76
C ASN L 5 3.85 7.13 1.25
N ALA L 6 4.42 6.68 2.37
CA ALA L 6 3.97 5.43 2.96
C ALA L 6 2.49 5.53 3.36
N GLN L 7 2.03 6.75 3.63
CA GLN L 7 0.69 7.04 4.10
C GLN L 7 -0.36 7.00 3.00
N GLY L 8 0.05 6.97 1.74
CA GLY L 8 -0.88 6.93 0.63
C GLY L 8 -1.37 8.26 0.12
N GLN L 9 -0.76 9.36 0.53
CA GLN L 9 -1.16 10.70 0.09
C GLN L 9 -0.28 11.17 -1.07
N MET L 10 -0.85 12.06 -1.87
CA MET L 10 -0.14 12.65 -3.01
C MET L 10 0.65 13.83 -2.48
N ILE L 11 1.98 13.73 -2.50
CA ILE L 11 2.85 14.76 -1.94
C ILE L 11 3.90 15.16 -2.98
N HIS L 12 4.42 16.36 -2.81
CA HIS L 12 5.41 16.90 -3.74
C HIS L 12 6.80 16.36 -3.42
N GLN L 13 7.53 16.01 -4.48
CA GLN L 13 8.93 15.61 -4.39
C GLN L 13 9.79 16.63 -5.12
N CYS L 14 10.85 17.07 -4.47
CA CYS L 14 11.69 18.14 -5.02
C CYS L 14 12.46 17.65 -6.23
N ILE L 15 12.64 18.56 -7.20
CA ILE L 15 13.41 18.22 -8.38
C ILE L 15 14.85 17.92 -7.96
N SER L 16 15.44 16.90 -8.58
CA SER L 16 16.73 16.44 -8.10
C SER L 16 17.86 17.36 -8.55
N PRO L 17 18.89 17.52 -7.72
CA PRO L 17 20.07 18.30 -8.14
C PRO L 17 20.72 17.77 -9.41
N ARG L 18 20.72 16.44 -9.61
CA ARG L 18 21.25 15.89 -10.85
C ARG L 18 20.46 16.39 -12.05
N THR L 19 19.13 16.23 -12.00
CA THR L 19 18.28 16.67 -13.10
C THR L 19 18.44 18.16 -13.36
N LEU L 20 18.53 18.96 -12.29
CA LEU L 20 18.67 20.40 -12.47
C LEU L 20 19.99 20.74 -13.17
N ASN L 21 21.08 20.09 -12.77
CA ASN L 21 22.37 20.37 -13.39
C ASN L 21 22.40 19.90 -14.83
N ALA L 22 21.78 18.75 -15.11
CA ALA L 22 21.68 18.26 -16.49
C ALA L 22 20.99 19.26 -17.40
N TRP L 23 19.91 19.89 -16.90
CA TRP L 23 19.21 20.89 -17.70
C TRP L 23 20.06 22.14 -17.90
N VAL L 24 20.76 22.60 -16.86
CA VAL L 24 21.61 23.78 -16.99
C VAL L 24 22.71 23.52 -18.02
N LYS L 25 23.37 22.37 -17.93
CA LYS L 25 24.43 22.04 -18.88
C LYS L 25 23.87 21.94 -20.30
N ALA L 26 22.69 21.35 -20.45
CA ALA L 26 22.11 21.17 -21.78
C ALA L 26 21.87 22.50 -22.48
N VAL L 27 21.31 23.48 -21.76
CA VAL L 27 21.03 24.77 -22.39
C VAL L 27 22.33 25.50 -22.72
N GLU L 28 23.34 25.33 -21.86
CA GLU L 28 24.64 25.97 -22.12
C GLU L 28 25.32 25.34 -23.34
N GLU L 29 25.22 24.02 -23.49
CA GLU L 29 25.95 23.28 -24.51
C GLU L 29 25.20 23.18 -25.83
N LYS L 30 23.92 22.83 -25.79
CA LYS L 30 23.15 22.54 -27.00
C LYS L 30 22.36 23.74 -27.52
N ALA L 31 22.61 24.94 -26.98
CA ALA L 31 21.93 26.16 -27.40
C ALA L 31 20.44 25.94 -27.66
N PHE L 32 20.02 26.11 -28.91
CA PHE L 32 18.68 25.75 -29.34
C PHE L 32 18.73 24.88 -30.59
N ASN L 33 19.70 23.96 -30.62
CA ASN L 33 19.71 22.89 -31.60
C ASN L 33 18.45 22.04 -31.42
N PRO L 34 18.03 21.31 -32.46
CA PRO L 34 16.77 20.56 -32.36
C PRO L 34 16.70 19.59 -31.19
N GLU L 35 17.83 18.99 -30.77
CA GLU L 35 17.79 18.02 -29.69
C GLU L 35 17.54 18.65 -28.32
N ILE L 36 17.42 19.96 -28.22
CA ILE L 36 17.08 20.56 -26.93
C ILE L 36 15.61 20.30 -26.59
N ILE L 37 14.78 20.04 -27.59
CA ILE L 37 13.36 19.77 -27.37
C ILE L 37 13.19 18.46 -26.60
N PRO L 38 13.74 17.33 -27.06
CA PRO L 38 13.60 16.09 -26.26
C PRO L 38 14.36 16.14 -24.96
N MET L 39 15.42 16.96 -24.89
CA MET L 39 16.18 17.07 -23.65
C MET L 39 15.32 17.71 -22.56
N PHE L 40 14.61 18.79 -22.91
CA PHE L 40 13.66 19.39 -21.97
C PHE L 40 12.58 18.40 -21.56
N MET L 41 12.00 17.69 -22.54
CA MET L 41 10.94 16.74 -22.26
C MET L 41 11.39 15.62 -21.34
N ALA L 42 12.66 15.19 -21.47
CA ALA L 42 13.16 14.11 -20.64
C ALA L 42 13.35 14.56 -19.19
N LEU L 43 13.94 15.74 -19.00
CA LEU L 43 14.26 16.23 -17.67
C LEU L 43 13.05 16.75 -16.92
N SER L 44 12.00 17.14 -17.62
CA SER L 44 10.77 17.62 -17.00
C SER L 44 9.75 16.51 -16.81
N CYS L 45 10.18 15.25 -16.87
CA CYS L 45 9.26 14.12 -16.80
C CYS L 45 8.62 14.01 -15.42
N GLY L 46 7.29 13.95 -15.41
CA GLY L 46 6.55 13.81 -14.16
C GLY L 46 6.46 15.06 -13.33
N ALA L 47 6.92 16.20 -13.85
CA ALA L 47 7.02 17.43 -13.08
C ALA L 47 5.70 18.19 -13.08
N VAL L 48 5.42 18.83 -11.94
CA VAL L 48 4.31 19.77 -11.82
C VAL L 48 4.82 21.11 -12.29
N PRO L 49 3.95 22.08 -12.60
CA PRO L 49 4.43 23.40 -13.06
C PRO L 49 5.45 24.06 -12.13
N TYR L 50 5.35 23.88 -10.82
CA TYR L 50 6.37 24.43 -9.92
C TYR L 50 7.77 23.95 -10.29
N ASP L 51 7.90 22.66 -10.59
CA ASP L 51 9.21 22.11 -10.95
C ASP L 51 9.71 22.71 -12.25
N ILE L 52 8.82 22.89 -13.23
CA ILE L 52 9.24 23.35 -14.54
C ILE L 52 9.75 24.78 -14.47
N ASN L 53 9.09 25.64 -13.70
CA ASN L 53 9.55 27.01 -13.54
C ASN L 53 10.93 27.06 -12.91
N THR L 54 11.22 26.14 -11.98
CA THR L 54 12.56 26.03 -11.43
C THR L 54 13.59 25.76 -12.52
N MET L 55 13.25 24.91 -13.48
CA MET L 55 14.17 24.61 -14.58
C MET L 55 14.44 25.85 -15.42
N LEU L 56 13.38 26.54 -15.86
CA LEU L 56 13.54 27.71 -16.71
C LEU L 56 14.29 28.83 -15.98
N ASN L 57 13.97 29.04 -14.70
CA ASN L 57 14.60 30.12 -13.96
C ASN L 57 16.07 29.86 -13.67
N ALA L 58 16.50 28.60 -13.70
CA ALA L 58 17.90 28.28 -13.45
C ALA L 58 18.81 28.62 -14.62
N ILE L 59 18.24 28.84 -15.81
CA ILE L 59 19.04 29.21 -16.98
C ILE L 59 19.64 30.59 -16.76
N GLY L 60 20.94 30.73 -17.04
CA GLY L 60 21.62 31.98 -16.80
C GLY L 60 21.53 32.96 -17.96
N GLY L 61 21.96 32.53 -19.13
CA GLY L 61 21.87 33.34 -20.33
C GLY L 61 20.58 33.12 -21.08
N HIS L 62 20.60 33.50 -22.37
CA HIS L 62 19.49 33.25 -23.30
C HIS L 62 18.18 33.86 -22.79
N GLN L 63 18.28 35.01 -22.13
CA GLN L 63 17.10 35.60 -21.50
C GLN L 63 16.12 36.16 -22.52
N GLY L 64 16.60 36.55 -23.70
CA GLY L 64 15.68 36.91 -24.77
C GLY L 64 14.86 35.72 -25.24
N ALA L 65 15.47 34.54 -25.29
CA ALA L 65 14.74 33.34 -25.67
C ALA L 65 13.66 33.00 -24.64
N LEU L 66 14.00 33.07 -23.35
CA LEU L 66 13.00 32.81 -22.31
C LEU L 66 11.85 33.80 -22.38
N GLN L 67 12.10 35.02 -22.85
CA GLN L 67 11.02 35.98 -23.01
C GLN L 67 10.09 35.58 -24.15
N VAL L 68 10.64 34.96 -25.21
CA VAL L 68 9.79 34.41 -26.26
C VAL L 68 8.94 33.28 -25.72
N LEU L 69 9.53 32.40 -24.90
CA LEU L 69 8.76 31.33 -24.27
C LEU L 69 7.67 31.89 -23.37
N LYS L 70 8.01 32.91 -22.58
CA LYS L 70 7.04 33.48 -21.65
C LYS L 70 5.90 34.18 -22.38
N GLU L 71 6.18 34.80 -23.54
CA GLU L 71 5.10 35.31 -24.38
C GLU L 71 4.22 34.19 -24.90
N VAL L 72 4.84 33.11 -25.38
CA VAL L 72 4.08 31.98 -25.91
C VAL L 72 3.21 31.36 -24.82
N ILE L 73 3.72 31.29 -23.60
CA ILE L 73 2.94 30.72 -22.50
C ILE L 73 1.67 31.53 -22.25
N ASN L 74 1.78 32.86 -22.29
CA ASN L 74 0.60 33.70 -22.09
C ASN L 74 -0.41 33.52 -23.21
N GLU L 75 0.07 33.38 -24.45
CA GLU L 75 -0.85 33.17 -25.57
C GLU L 75 -1.66 31.91 -25.38
N GLU L 76 -0.99 30.81 -25.01
CA GLU L 76 -1.70 29.56 -24.75
C GLU L 76 -2.53 29.63 -23.48
N ALA L 77 -2.05 30.37 -22.46
CA ALA L 77 -2.82 30.54 -21.24
C ALA L 77 -4.13 31.27 -21.50
N ALA L 78 -4.08 32.28 -22.39
CA ALA L 78 -5.29 32.98 -22.77
C ALA L 78 -6.25 32.05 -23.52
N GLU L 79 -5.72 31.24 -24.44
CA GLU L 79 -6.55 30.28 -25.15
C GLU L 79 -7.24 29.30 -24.20
N TRP L 80 -6.54 28.91 -23.13
CA TRP L 80 -7.16 28.02 -22.14
C TRP L 80 -8.35 28.68 -21.46
N ASP L 81 -8.14 29.89 -20.93
CA ASP L 81 -9.22 30.59 -20.22
C ASP L 81 -10.45 30.82 -21.08
N ARG L 82 -10.27 31.03 -22.39
CA ARG L 82 -11.40 31.29 -23.25
C ARG L 82 -12.35 30.09 -23.32
N THR L 83 -11.79 28.89 -23.38
CA THR L 83 -12.60 27.67 -23.47
C THR L 83 -12.85 27.03 -22.11
N HIS L 84 -12.51 27.72 -21.02
CA HIS L 84 -12.74 27.22 -19.67
C HIS L 84 -13.08 28.39 -18.76
N PRO L 85 -14.29 28.94 -18.88
CA PRO L 85 -14.72 30.10 -18.08
C PRO L 85 -14.81 29.79 -16.60
N GLY L 94 -16.40 24.60 -0.65
CA GLY L 94 -15.07 24.56 -0.08
C GLY L 94 -14.12 23.67 -0.85
N GLN L 95 -14.46 23.43 -2.12
CA GLN L 95 -13.70 22.55 -2.98
C GLN L 95 -12.57 23.33 -3.68
N ILE L 96 -11.83 22.62 -4.52
CA ILE L 96 -10.73 23.23 -5.27
C ILE L 96 -11.28 23.88 -6.52
N ARG L 97 -10.88 25.12 -6.76
CA ARG L 97 -11.23 25.84 -7.99
C ARG L 97 -10.76 25.07 -9.22
N GLU L 98 -11.29 25.46 -10.38
CA GLU L 98 -10.82 24.88 -11.62
C GLU L 98 -9.62 25.68 -12.14
N PRO L 99 -8.56 25.05 -12.64
CA PRO L 99 -7.32 25.78 -12.91
C PRO L 99 -7.45 26.70 -14.13
N THR L 100 -7.00 27.94 -13.96
CA THR L 100 -6.96 28.91 -15.05
C THR L 100 -5.69 28.73 -15.88
N GLY L 101 -5.56 29.56 -16.92
CA GLY L 101 -4.35 29.54 -17.73
C GLY L 101 -3.10 29.85 -16.92
N SER L 102 -3.18 30.88 -16.07
CA SER L 102 -2.03 31.23 -15.24
C SER L 102 -1.77 30.21 -14.15
N ASP L 103 -2.79 29.46 -13.74
CA ASP L 103 -2.58 28.38 -12.78
C ASP L 103 -1.80 27.24 -13.40
N ILE L 104 -2.04 26.97 -14.69
CA ILE L 104 -1.31 25.91 -15.37
C ILE L 104 0.14 26.31 -15.60
N ALA L 105 0.39 27.60 -15.81
CA ALA L 105 1.76 28.09 -15.93
C ALA L 105 2.49 28.14 -14.59
N GLY L 106 1.84 27.78 -13.49
CA GLY L 106 2.48 27.80 -12.19
C GLY L 106 2.76 29.17 -11.64
N THR L 107 2.22 30.22 -12.24
CA THR L 107 2.48 31.58 -11.80
C THR L 107 1.54 32.02 -10.69
N THR L 108 0.32 31.48 -10.64
CA THR L 108 -0.66 31.84 -9.63
C THR L 108 -1.15 30.64 -8.82
N SER L 109 -0.50 29.49 -8.94
CA SER L 109 -0.91 28.29 -8.23
C SER L 109 0.27 27.72 -7.44
N THR L 110 -0.05 27.01 -6.37
CA THR L 110 0.96 26.44 -5.50
C THR L 110 1.27 25.00 -5.89
N GLN L 111 2.36 24.48 -5.31
CA GLN L 111 2.75 23.09 -5.54
C GLN L 111 1.58 22.15 -5.26
N GLN L 112 0.93 22.34 -4.10
CA GLN L 112 -0.14 21.44 -3.69
C GLN L 112 -1.34 21.52 -4.62
N GLU L 113 -1.72 22.74 -5.01
CA GLU L 113 -2.84 22.91 -5.93
C GLU L 113 -2.60 22.18 -7.25
N GLN L 114 -1.37 22.24 -7.75
CA GLN L 114 -1.03 21.57 -9.00
C GLN L 114 -1.15 20.05 -8.87
N ILE L 115 -0.83 19.51 -7.70
CA ILE L 115 -0.90 18.07 -7.49
C ILE L 115 -2.35 17.59 -7.43
N ILE L 116 -3.23 18.37 -6.80
CA ILE L 116 -4.63 17.99 -6.67
C ILE L 116 -5.27 17.81 -8.05
N TRP L 117 -4.98 18.73 -8.97
CA TRP L 117 -5.56 18.70 -10.31
C TRP L 117 -5.15 17.46 -11.08
N THR L 118 -3.87 17.08 -11.00
CA THR L 118 -3.37 15.96 -11.81
C THR L 118 -3.84 14.61 -11.30
N THR L 119 -4.06 14.48 -9.98
CA THR L 119 -4.27 13.19 -9.34
C THR L 119 -5.71 12.94 -8.92
N ARG L 120 -6.64 13.81 -9.28
CA ARG L 120 -8.06 13.61 -8.95
C ARG L 120 -8.54 12.22 -9.35
N SER L 124 -9.35 14.93 -13.56
CA SER L 124 -7.95 14.61 -13.81
C SER L 124 -7.43 15.45 -14.98
N ILE L 125 -6.99 16.67 -14.69
CA ILE L 125 -6.44 17.57 -15.70
C ILE L 125 -4.93 17.60 -15.52
N PRO L 126 -4.16 17.06 -16.45
CA PRO L 126 -2.69 17.00 -16.27
C PRO L 126 -2.04 18.36 -16.51
N VAL L 127 -2.12 19.21 -15.49
CA VAL L 127 -1.61 20.57 -15.62
C VAL L 127 -0.12 20.56 -15.88
N GLY L 128 0.60 19.58 -15.33
CA GLY L 128 2.02 19.47 -15.61
C GLY L 128 2.29 19.19 -17.08
N ASP L 129 1.58 18.21 -17.65
CA ASP L 129 1.81 17.82 -19.04
C ASP L 129 1.37 18.93 -20.00
N ILE L 130 0.29 19.64 -19.68
CA ILE L 130 -0.19 20.72 -20.53
C ILE L 130 0.84 21.84 -20.61
N TYR L 131 1.41 22.22 -19.46
CA TYR L 131 2.37 23.32 -19.43
C TYR L 131 3.66 22.96 -20.15
N ARG L 132 4.04 21.68 -20.13
CA ARG L 132 5.19 21.23 -20.92
C ARG L 132 4.94 21.41 -22.42
N LYS L 133 3.71 21.15 -22.87
CA LYS L 133 3.41 21.33 -24.29
C LYS L 133 3.51 22.80 -24.69
N TRP L 134 3.12 23.71 -23.80
CA TRP L 134 3.20 25.13 -24.12
C TRP L 134 4.65 25.58 -24.30
N ILE L 135 5.56 25.03 -23.50
CA ILE L 135 6.97 25.44 -23.59
C ILE L 135 7.63 24.81 -24.80
N VAL L 136 7.29 23.56 -25.12
CA VAL L 136 7.78 22.95 -26.34
C VAL L 136 7.30 23.74 -27.55
N LEU L 137 6.08 24.28 -27.48
CA LEU L 137 5.58 25.15 -28.55
C LEU L 137 6.45 26.39 -28.69
N GLY L 138 6.86 26.98 -27.57
CA GLY L 138 7.75 28.13 -27.63
C GLY L 138 9.16 27.75 -28.04
N LEU L 139 9.65 26.60 -27.56
CA LEU L 139 10.98 26.15 -27.93
C LEU L 139 11.09 25.84 -29.42
N ASN L 140 10.01 25.34 -30.04
CA ASN L 140 10.04 25.11 -31.48
C ASN L 140 10.26 26.41 -32.24
N LYS L 141 9.66 27.50 -31.77
CA LYS L 141 9.89 28.80 -32.40
C LYS L 141 11.36 29.19 -32.35
N MET L 142 12.06 28.85 -31.25
CA MET L 142 13.47 29.18 -31.16
C MET L 142 14.34 28.25 -32.00
N VAL L 143 13.97 26.97 -32.08
CA VAL L 143 14.75 26.03 -32.89
C VAL L 143 14.68 26.40 -34.36
N LYS L 144 13.49 26.73 -34.86
CA LYS L 144 13.36 27.21 -36.22
C LYS L 144 14.13 28.50 -36.43
N MET L 145 14.22 29.33 -35.38
CA MET L 145 14.84 30.64 -35.51
C MET L 145 16.36 30.53 -35.58
N TYR L 146 16.97 29.73 -34.69
CA TYR L 146 18.42 29.52 -34.71
C TYR L 146 18.88 28.51 -35.76
N SER L 147 18.00 28.01 -36.60
CA SER L 147 18.42 27.10 -37.66
C SER L 147 19.16 27.90 -38.73
N PRO L 148 20.47 27.71 -38.90
CA PRO L 148 21.24 28.58 -39.82
C PRO L 148 20.91 28.33 -41.28
N VAL L 149 21.01 27.08 -41.70
CA VAL L 149 20.96 26.72 -43.12
C VAL L 149 19.52 26.38 -43.49
N SER L 150 19.16 26.68 -44.74
CA SER L 150 17.90 26.24 -45.31
C SER L 150 18.06 24.85 -45.90
N ILE L 151 17.00 24.06 -45.83
CA ILE L 151 17.03 22.70 -46.36
C ILE L 151 17.31 22.71 -47.86
N LEU L 152 17.06 23.83 -48.53
CA LEU L 152 17.27 23.91 -49.98
C LEU L 152 18.76 23.96 -50.33
N ASP L 153 19.58 24.55 -49.45
CA ASP L 153 21.01 24.67 -49.70
C ASP L 153 21.82 23.50 -49.18
N ILE L 154 21.19 22.34 -48.97
CA ILE L 154 21.89 21.12 -48.56
C ILE L 154 22.08 20.30 -49.83
N ARG L 155 23.25 20.41 -50.44
CA ARG L 155 23.59 19.69 -51.66
C ARG L 155 24.79 18.80 -51.42
N GLN L 156 24.72 17.58 -51.97
CA GLN L 156 25.78 16.61 -51.79
C GLN L 156 27.06 17.09 -52.47
N GLY L 157 28.18 17.00 -51.76
CA GLY L 157 29.47 17.35 -52.30
C GLY L 157 29.85 16.49 -53.48
N PRO L 158 30.79 16.98 -54.31
CA PRO L 158 31.19 16.20 -55.49
C PRO L 158 31.81 14.86 -55.14
N LYS L 159 32.57 14.78 -54.06
CA LYS L 159 33.17 13.54 -53.60
C LYS L 159 32.75 13.22 -52.17
N GLU L 160 31.55 13.66 -51.78
CA GLU L 160 31.00 13.44 -50.45
C GLU L 160 30.27 12.11 -50.41
N PRO L 161 30.50 11.28 -49.39
CA PRO L 161 29.74 10.03 -49.29
C PRO L 161 28.28 10.30 -49.03
N PHE L 162 27.42 9.49 -49.66
CA PHE L 162 25.98 9.68 -49.53
C PHE L 162 25.53 9.56 -48.07
N ARG L 163 26.20 8.70 -47.30
CA ARG L 163 25.91 8.55 -45.88
C ARG L 163 25.98 9.88 -45.13
N ASP L 164 27.06 10.63 -45.35
CA ASP L 164 27.25 11.88 -44.63
C ASP L 164 26.31 12.97 -45.15
N TYR L 165 25.99 12.93 -46.44
CA TYR L 165 25.03 13.88 -46.99
C TYR L 165 23.64 13.69 -46.36
N VAL L 166 23.23 12.45 -46.14
CA VAL L 166 21.93 12.19 -45.54
C VAL L 166 21.86 12.74 -44.12
N ASP L 167 22.96 12.62 -43.36
CA ASP L 167 22.95 13.10 -42.00
C ASP L 167 22.86 14.62 -41.93
N ARG L 168 23.61 15.34 -42.77
CA ARG L 168 23.45 16.79 -42.80
C ARG L 168 22.07 17.19 -43.30
N PHE L 169 21.48 16.38 -44.19
CA PHE L 169 20.17 16.69 -44.73
C PHE L 169 19.10 16.61 -43.65
N TYR L 170 19.01 15.47 -42.96
CA TYR L 170 17.96 15.29 -41.97
C TYR L 170 18.26 15.98 -40.63
N LYS L 171 19.53 16.27 -40.34
CA LYS L 171 19.83 17.12 -39.19
C LYS L 171 19.31 18.53 -39.44
N THR L 172 19.61 19.08 -40.61
CA THR L 172 19.08 20.39 -40.99
C THR L 172 17.55 20.36 -41.06
N LEU L 173 17.00 19.28 -41.64
CA LEU L 173 15.56 19.14 -41.75
C LEU L 173 14.89 19.08 -40.38
N ARG L 174 15.59 18.57 -39.37
CA ARG L 174 15.01 18.40 -38.05
C ARG L 174 14.72 19.75 -37.40
N ALA L 175 15.54 20.77 -37.67
CA ALA L 175 15.34 22.06 -37.01
C ALA L 175 14.02 22.71 -37.41
N GLU L 176 13.61 22.57 -38.66
CA GLU L 176 12.27 22.95 -39.09
C GLU L 176 11.45 21.73 -39.52
N THR L 189 11.36 13.48 -51.09
CA THR L 189 11.15 13.89 -52.47
C THR L 189 12.15 14.96 -52.88
N LEU L 190 12.55 15.78 -51.91
CA LEU L 190 13.58 16.80 -52.13
C LEU L 190 14.99 16.23 -52.00
N LEU L 191 15.14 15.17 -51.19
CA LEU L 191 16.45 14.55 -50.97
C LEU L 191 17.09 14.09 -52.26
N VAL L 192 16.31 13.52 -53.19
CA VAL L 192 16.88 12.99 -54.42
C VAL L 192 17.36 14.13 -55.32
N GLN L 193 16.65 15.27 -55.31
CA GLN L 193 17.00 16.37 -56.19
C GLN L 193 18.40 16.91 -55.91
N ASN L 194 18.76 17.09 -54.64
CA ASN L 194 20.01 17.73 -54.26
C ASN L 194 21.19 16.78 -54.18
N SER L 195 21.01 15.51 -54.49
CA SER L 195 22.14 14.57 -54.53
C SER L 195 23.03 14.86 -55.73
N ASN L 196 24.30 14.44 -55.61
CA ASN L 196 25.29 14.65 -56.65
C ASN L 196 24.94 13.83 -57.90
N PRO L 197 25.58 14.12 -59.04
CA PRO L 197 25.18 13.42 -60.28
C PRO L 197 25.34 11.91 -60.23
N ASP L 198 26.44 11.40 -59.68
CA ASP L 198 26.70 9.96 -59.74
C ASP L 198 25.62 9.18 -59.00
N CYS L 199 25.24 9.63 -57.81
CA CYS L 199 24.19 8.96 -57.05
C CYS L 199 22.81 9.21 -57.65
N LYS L 200 22.60 10.43 -58.16
CA LYS L 200 21.32 10.76 -58.77
C LYS L 200 20.98 9.78 -59.90
N GLN L 201 21.99 9.38 -60.68
CA GLN L 201 21.78 8.34 -61.68
C GLN L 201 21.36 7.03 -61.01
N ILE L 202 22.00 6.66 -59.91
CA ILE L 202 21.69 5.41 -59.24
C ILE L 202 20.38 5.51 -58.47
N LEU L 203 20.10 6.67 -57.87
CA LEU L 203 18.89 6.82 -57.06
C LEU L 203 17.65 6.86 -57.94
N LYS L 204 17.70 7.61 -59.04
CA LYS L 204 16.58 7.60 -59.99
C LYS L 204 16.37 6.23 -60.62
N ALA L 205 17.42 5.41 -60.67
CA ALA L 205 17.32 4.07 -61.24
C ALA L 205 16.60 3.08 -60.33
N LEU L 206 16.31 3.46 -59.08
CA LEU L 206 15.56 2.60 -58.18
C LEU L 206 14.05 2.83 -58.25
N GLY L 207 13.60 3.78 -59.08
CA GLY L 207 12.21 4.08 -59.20
C GLY L 207 11.64 4.82 -58.01
N PRO L 208 10.45 5.40 -58.18
CA PRO L 208 9.83 6.15 -57.07
C PRO L 208 9.29 5.21 -56.01
N GLY L 209 9.16 5.75 -54.80
CA GLY L 209 8.67 5.00 -53.67
C GLY L 209 9.72 4.22 -52.90
N ALA L 210 11.00 4.43 -53.19
CA ALA L 210 12.06 3.74 -52.47
C ALA L 210 12.28 4.34 -51.09
N THR L 211 12.48 3.48 -50.10
CA THR L 211 12.72 3.91 -48.74
C THR L 211 14.12 4.49 -48.61
N LEU L 212 14.34 5.23 -47.52
CA LEU L 212 15.66 5.79 -47.26
C LEU L 212 16.71 4.70 -47.08
N GLU L 213 16.32 3.57 -46.49
CA GLU L 213 17.22 2.43 -46.40
C GLU L 213 17.71 1.99 -47.77
N GLU L 214 16.78 1.80 -48.71
CA GLU L 214 17.11 1.33 -50.05
C GLU L 214 18.05 2.29 -50.76
N MET L 215 17.98 3.58 -50.45
CA MET L 215 18.81 4.56 -51.13
C MET L 215 20.25 4.56 -50.61
N MET L 216 20.45 4.29 -49.32
CA MET L 216 21.78 4.36 -48.75
C MET L 216 22.63 3.14 -49.11
N VAL L 217 22.01 1.97 -49.27
CA VAL L 217 22.76 0.80 -49.70
C VAL L 217 23.19 0.92 -51.16
N ALA L 218 22.29 1.41 -52.02
CA ALA L 218 22.59 1.51 -53.45
C ALA L 218 23.59 2.62 -53.76
N CYS L 219 23.95 3.44 -52.77
CA CYS L 219 24.94 4.50 -52.92
C CYS L 219 26.17 4.28 -52.04
N GLN L 220 26.58 3.04 -51.83
CA GLN L 220 27.75 2.78 -51.02
C GLN L 220 28.87 2.14 -51.85
#